data_7JTS
#
_entry.id   7JTS
#
_cell.length_a   1.00
_cell.length_b   1.00
_cell.length_c   1.00
_cell.angle_alpha   90.00
_cell.angle_beta   90.00
_cell.angle_gamma   90.00
#
_symmetry.space_group_name_H-M   'P 1'
#
loop_
_entity.id
_entity.type
_entity.pdbx_description
1 polymer 'Radial spoke protein 3'
2 polymer 'Dynein 8 kDa light chain, flagellar outer arm'
3 polymer FAP207
4 polymer FAP253
5 polymer Calmodulin
#
loop_
_entity_poly.entity_id
_entity_poly.type
_entity_poly.pdbx_seq_one_letter_code
_entity_poly.pdbx_strand_id
1 'polypeptide(L)'
;MVQAKAQQQLYTHAAEPKAVQQRRAKYREDETTQTLPTANIMFDRRVVRGNTYAARILPADATQTQTKGPSPASTKKRTT
RTLPPRTPEAVDGRRHIDIQTDVYLEELTDTVPEADTSTQTDAFLDRPPTPLFVPQKTGTDAITQIENGDLFDFDFEVEP
ILEVLVGKVLEQGLMEVLEEEELAAMRAHQEHFEQIRNAELVATQRMEAAERRKLEEKERRMQQERERVERERVVRQKVA
ASAFARGYLSGIVNTVFDRLVSSGYIYDPVMREVETAFMPWLKEQAIGYLARGVVARRVVDKLVEDAAAALAANRSTLAD
KAASTAATVDAWAERQAKMEAELQGKELEAVRRRPTFVLRELKPAVASADAVEAAAAELTAQAEEAANAKWEADKAEAAE
KARAEAEAAAEEQKALLEELAATAAAEAEERGEEPPAEPPSLPDGVEPVDVEAEVAKAVEAVPKPPVKEVTDIDILSYMM
DKGAITKDAIIQALAVHALGDKAYTNHPAFAEAEGA
;
E,F
2 'polypeptide(L)'
;MASGSSKAVIKNADMSEEMQADAVDCATQALEKYNIEKDIAAYIKKEFDRKHNPTWHCIVGRNFGSYVTHETKHFIYFYL
GQVAILLFKSG
;
a,b,c,d,e,f,g,h
3 'polypeptide(L)'
;MPPNIPGTLTAESLRRKQGDQLWKTSDQKAQKEGPHHTVYWTTGERYQGSWKDNKKHGKGTVIYKNSDKYEGDWANDMRH
GLGTLWLYRDGKYVVRYNGEWRADQPTGHGTFFADNGDTYEGEWLNGRRHGKGRAVYGGRPVDGFGGDVYEGYFENDVKC
GPGTMMYANGDVYEGLWAADKKNGTGTYFYMSKGKRFDGVWADGAIKCGTYSEIHAPPPGTPGALPPCELRNPDKVLAEA
TMEASEAATEAAARGL
;
m
4 'polypeptide(L)'
;MSDPEAEQGEQGYEESPEEPGPGSEAPSPSRIDNGLDTIIDIDPQTQHAEEGSNTAYESEQPDVISSYTGGQQEEDGEQA
GNGAIDETTEEAAGEADDGGKASGFAVEVDAGTDAAAEGDLEPEPEPERPASASGEPQPTASTSRPASGAAARPASARPT
SARPGSAAPRQPSASGGSRPGSGHPVNLAPDSVGLAQQQQQKSQIEVGAQAYEARGSSRPQSGGDAYGQAEEASAAAAAG
RPSTSQSGSRPPPSREGVAVVPSIPEDQPLAVPIHIERYIAPGLKAIEVEVAQGPGMPHRLVRVLLDYTQCDAKPYLGGF
RNKRTGAVYHHGATQTPRAPKYSEADRKLSRETQTVKIKQHSQQTVREQATQMARPGVLLDNDYDKEVTPGRYQTADERD
EIVLRSTLRIQRWVRGWLGRKRAAYLRGKKMEREAFLRDQEARAQSEAEEHRRREIQRRMHPRTAADFEVLYNELEAWRL
QETRKIKEAGLAKEQEQQVLQQLLHKETKLLQTIDRLKINANQENKEARIQHTLNEMSKPKKFALRNGGKVDVHTPFTTR
AKELQQLYNGLNLPLLTVDERLDVLLHVKWTVKEFDCDLTRELVDLIDREADLLNRGRNPKMLEGLRKRISSLFLNFIET
PEFNPEAVRFQIVPMDFEAYLYEQVGKATAKAGTSVGTRTLS
;
s
5 'polypeptide(L)'
;MAANTEQLTEEQIAEFKEAFALFDKDGDGTITTKELGTVMRSLGQNPTEAELQDMISEVDADGNGTIDFPEFLMLMARKM
KETDHEDELREAFKVFDKDGNGFISAAELRHVMTNLGEKLSEEEVDEMIREADVDGDGQVNYEEFVRMMTSGATDDKDKK
GHK
;
t
#
# COMPACT_ATOMS: atom_id res chain seq x y z
N ASP A 116 0.14 5.80 -14.93
CA ASP A 116 -1.18 5.63 -15.52
C ASP A 116 -2.20 5.38 -14.43
N THR A 117 -1.74 4.86 -13.30
CA THR A 117 -2.63 4.54 -12.20
C THR A 117 -2.05 5.04 -10.88
N SER A 118 -2.94 5.26 -9.92
CA SER A 118 -2.56 5.81 -8.63
C SER A 118 -3.30 5.07 -7.53
N THR A 119 -2.66 4.94 -6.38
CA THR A 119 -3.31 4.29 -5.24
C THR A 119 -2.92 4.98 -3.95
N GLN A 120 -3.79 4.82 -2.95
CA GLN A 120 -3.53 5.32 -1.61
C GLN A 120 -4.19 4.37 -0.61
N THR A 121 -3.72 4.41 0.62
CA THR A 121 -4.28 3.58 1.67
C THR A 121 -4.83 4.45 2.79
N GLY A 139 6.43 -4.28 49.24
CA GLY A 139 6.93 -2.95 48.96
C GLY A 139 6.49 -1.95 50.01
N THR A 140 6.57 -2.35 51.27
CA THR A 140 6.19 -1.51 52.40
C THR A 140 7.42 -1.18 53.22
N ASP A 141 7.62 0.11 53.47
CA ASP A 141 8.80 0.53 54.23
C ASP A 141 8.74 -0.02 55.65
N ALA A 142 9.87 -0.55 56.08
CA ALA A 142 10.07 -1.08 57.42
C ALA A 142 11.29 -0.38 57.98
N ILE A 143 11.18 0.12 59.21
CA ILE A 143 12.27 0.88 59.80
C ILE A 143 12.76 0.09 61.00
N THR A 144 14.07 -0.15 61.02
CA THR A 144 14.78 -0.86 62.06
C THR A 144 15.95 -0.03 62.55
N GLN A 145 16.11 0.02 63.86
CA GLN A 145 17.15 0.82 64.48
C GLN A 145 17.81 -0.05 65.54
N ILE A 146 19.07 0.27 65.82
CA ILE A 146 19.86 -0.41 66.84
C ILE A 146 19.85 0.44 68.09
N GLU A 147 19.58 -0.19 69.23
CA GLU A 147 19.49 0.51 70.50
C GLU A 147 20.68 0.20 71.40
N ASN A 148 20.96 1.15 72.27
CA ASN A 148 22.09 1.11 73.19
C ASN A 148 22.00 -0.10 74.12
N GLY A 149 23.16 -0.72 74.38
CA GLY A 149 23.23 -1.87 75.23
C GLY A 149 22.75 -3.16 74.64
N ASP A 150 22.31 -3.17 73.38
CA ASP A 150 21.87 -4.42 72.78
C ASP A 150 23.14 -5.19 72.52
N LEU A 151 23.90 -4.73 71.54
CA LEU A 151 25.10 -5.42 71.11
C LEU A 151 26.25 -5.28 72.12
N PHE A 152 26.21 -4.25 72.97
CA PHE A 152 27.31 -3.84 73.87
C PHE A 152 27.07 -4.30 75.32
N ASP A 153 27.73 -5.39 75.73
CA ASP A 153 27.69 -5.86 77.13
C ASP A 153 28.78 -5.19 77.98
N PHE A 154 28.39 -4.13 78.69
CA PHE A 154 29.30 -3.24 79.40
C PHE A 154 30.34 -3.95 80.28
N ASP A 155 29.94 -5.03 80.95
CA ASP A 155 30.84 -5.66 81.92
C ASP A 155 32.03 -6.32 81.23
N PHE A 156 31.77 -7.10 80.19
CA PHE A 156 32.83 -7.85 79.53
C PHE A 156 33.86 -6.93 78.89
N GLU A 157 33.48 -5.68 78.65
CA GLU A 157 34.44 -4.72 78.13
C GLU A 157 35.10 -3.87 79.21
N VAL A 158 34.39 -3.55 80.31
CA VAL A 158 35.04 -2.72 81.33
C VAL A 158 35.93 -3.52 82.25
N GLU A 159 35.89 -4.85 82.19
CA GLU A 159 36.78 -5.65 83.02
C GLU A 159 38.25 -5.32 82.80
N PRO A 160 38.74 -5.35 81.55
CA PRO A 160 40.18 -5.18 81.32
C PRO A 160 40.70 -3.81 81.72
N ILE A 161 39.91 -2.75 81.54
CA ILE A 161 40.34 -1.44 82.02
C ILE A 161 40.60 -1.47 83.51
N LEU A 162 39.70 -2.11 84.28
CA LEU A 162 39.93 -2.22 85.71
C LEU A 162 41.21 -2.99 85.99
N GLU A 163 41.35 -4.15 85.34
CA GLU A 163 42.55 -4.96 85.50
C GLU A 163 43.82 -4.16 85.20
N VAL A 164 43.81 -3.41 84.11
CA VAL A 164 44.99 -2.66 83.65
C VAL A 164 45.36 -1.59 84.65
N LEU A 165 44.40 -0.73 85.00
CA LEU A 165 44.74 0.39 85.87
C LEU A 165 45.21 -0.12 87.23
N VAL A 166 44.62 -1.21 87.72
CA VAL A 166 45.03 -1.73 89.01
C VAL A 166 46.42 -2.34 88.93
N GLY A 167 46.71 -3.09 87.86
CA GLY A 167 48.06 -3.58 87.65
C GLY A 167 49.08 -2.47 87.63
N LYS A 168 48.79 -1.41 86.86
CA LYS A 168 49.69 -0.27 86.81
C LYS A 168 49.94 0.24 88.22
N VAL A 169 48.87 0.59 88.93
CA VAL A 169 49.04 1.18 90.26
C VAL A 169 49.84 0.24 91.16
N LEU A 170 49.48 -1.04 91.16
CA LEU A 170 50.12 -2.00 92.06
C LEU A 170 51.61 -2.13 91.74
N GLU A 171 51.93 -2.54 90.53
CA GLU A 171 53.32 -2.75 90.14
C GLU A 171 54.13 -1.48 90.29
N GLN A 172 53.56 -0.34 89.92
CA GLN A 172 54.29 0.90 89.97
C GLN A 172 54.53 1.32 91.42
N GLY B 139 25.89 -7.65 7.98
CA GLY B 139 26.40 -8.43 6.85
C GLY B 139 27.60 -9.28 7.23
N THR B 140 28.49 -8.72 8.05
CA THR B 140 29.68 -9.43 8.50
C THR B 140 29.55 -9.58 10.00
N ASP B 141 29.75 -10.79 10.50
CA ASP B 141 29.58 -11.07 11.91
C ASP B 141 30.92 -11.07 12.62
N ALA B 142 31.06 -10.21 13.62
CA ALA B 142 32.27 -10.06 14.40
C ALA B 142 31.95 -10.20 15.88
N ILE B 143 32.75 -10.98 16.59
CA ILE B 143 32.60 -11.16 18.03
C ILE B 143 33.70 -10.36 18.71
N THR B 144 33.32 -9.39 19.54
CA THR B 144 34.29 -8.60 20.29
C THR B 144 34.02 -8.77 21.78
N GLN B 145 35.05 -9.18 22.51
CA GLN B 145 34.90 -9.43 23.94
C GLN B 145 36.01 -8.70 24.67
N ILE B 146 35.66 -7.93 25.69
CA ILE B 146 36.68 -7.32 26.52
C ILE B 146 37.40 -8.42 27.28
N GLU B 147 38.71 -8.30 27.37
CA GLU B 147 39.48 -9.39 27.95
C GLU B 147 40.02 -8.99 29.32
N ASN B 148 40.77 -9.92 29.89
CA ASN B 148 41.44 -9.79 31.18
C ASN B 148 42.77 -9.07 31.04
N GLY B 149 43.24 -8.49 32.15
CA GLY B 149 44.43 -7.68 32.12
C GLY B 149 44.40 -6.48 31.20
N ASP B 150 43.22 -5.94 30.94
CA ASP B 150 43.11 -4.82 30.02
C ASP B 150 42.40 -3.70 30.76
N LEU B 151 42.55 -2.48 30.25
CA LEU B 151 41.97 -1.29 30.85
C LEU B 151 42.37 -1.13 32.32
N PHE B 152 43.56 -1.61 32.67
CA PHE B 152 44.00 -1.66 34.06
C PHE B 152 44.50 -0.30 34.55
N ASP B 153 43.97 0.14 35.68
CA ASP B 153 44.51 1.27 36.41
C ASP B 153 45.24 0.79 37.65
N PHE B 154 45.95 1.70 38.30
CA PHE B 154 46.83 1.33 39.40
C PHE B 154 46.51 2.04 40.70
N ASP B 155 46.19 3.32 40.66
CA ASP B 155 45.93 4.11 41.86
C ASP B 155 44.70 3.62 42.63
N PHE B 156 43.55 3.58 41.95
CA PHE B 156 42.30 3.11 42.55
C PHE B 156 42.33 1.66 42.99
N GLU B 157 43.22 0.84 42.46
CA GLU B 157 43.31 -0.52 42.99
C GLU B 157 44.04 -0.57 44.32
N VAL B 158 44.88 0.43 44.61
CA VAL B 158 45.68 0.42 45.83
C VAL B 158 45.13 1.33 46.92
N GLU B 159 44.19 2.23 46.58
CA GLU B 159 43.61 3.11 47.59
C GLU B 159 43.16 2.39 48.86
N PRO B 160 42.34 1.33 48.79
CA PRO B 160 41.84 0.74 50.04
C PRO B 160 42.91 0.14 50.91
N ILE B 161 43.75 -0.73 50.34
CA ILE B 161 44.82 -1.36 51.12
C ILE B 161 45.70 -0.29 51.73
N LEU B 162 46.02 0.73 50.94
CA LEU B 162 46.80 1.87 51.42
C LEU B 162 46.15 2.46 52.65
N GLU B 163 44.86 2.78 52.55
CA GLU B 163 44.22 3.50 53.64
C GLU B 163 44.16 2.66 54.90
N VAL B 164 43.81 1.38 54.74
CA VAL B 164 43.65 0.51 55.90
C VAL B 164 44.99 0.28 56.55
N LEU B 165 46.02 0.05 55.74
CA LEU B 165 47.34 -0.22 56.27
C LEU B 165 47.91 1.02 56.96
N VAL B 166 47.68 2.20 56.39
CA VAL B 166 48.20 3.41 57.01
C VAL B 166 47.62 3.60 58.39
N GLY B 167 46.30 3.53 58.52
CA GLY B 167 45.71 3.70 59.84
C GLY B 167 46.19 2.64 60.82
N LYS B 168 46.18 1.39 60.36
CA LYS B 168 46.62 0.26 61.16
C LYS B 168 48.03 0.46 61.67
N VAL B 169 48.94 0.78 60.74
CA VAL B 169 50.36 0.92 61.07
C VAL B 169 50.54 2.05 62.05
N LEU B 170 49.80 3.14 61.84
CA LEU B 170 49.92 4.25 62.77
C LEU B 170 49.62 3.75 64.17
N GLU B 171 48.49 3.08 64.32
CA GLU B 171 48.08 2.67 65.65
C GLU B 171 49.04 1.63 66.21
N GLN B 172 49.50 0.71 65.36
CA GLN B 172 50.41 -0.32 65.81
C GLN B 172 51.74 0.27 66.24
N GLY B 173 52.24 1.25 65.49
CA GLY B 173 53.45 1.94 65.89
C GLY B 173 53.30 2.57 67.25
N LEU B 174 52.17 3.25 67.45
CA LEU B 174 51.93 3.88 68.74
C LEU B 174 51.91 2.84 69.85
N MET B 175 51.27 1.71 69.57
CA MET B 175 51.15 0.64 70.57
C MET B 175 52.52 0.12 70.93
N GLU B 176 53.35 -0.15 69.92
CA GLU B 176 54.68 -0.66 70.16
C GLU B 176 55.52 0.36 70.89
N VAL B 177 55.32 1.64 70.59
CA VAL B 177 56.03 2.68 71.33
C VAL B 177 55.71 2.57 72.81
N LEU B 178 54.42 2.47 73.12
CA LEU B 178 53.99 2.39 74.52
C LEU B 178 54.60 1.15 75.18
N GLU B 179 54.52 0.03 74.49
CA GLU B 179 55.01 -1.23 75.05
C GLU B 179 56.50 -1.11 75.34
N GLU B 180 57.26 -0.58 74.38
CA GLU B 180 58.70 -0.47 74.56
C GLU B 180 59.04 0.52 75.67
N GLU B 181 58.24 1.56 75.85
CA GLU B 181 58.47 2.46 76.98
C GLU B 181 58.36 1.70 78.28
N GLU B 182 57.29 0.90 78.42
CA GLU B 182 57.10 0.16 79.65
C GLU B 182 58.22 -0.83 79.86
N LEU B 183 58.65 -1.49 78.78
CA LEU B 183 59.75 -2.45 78.86
C LEU B 183 61.03 -1.74 79.31
N ALA B 184 61.25 -0.54 78.79
CA ALA B 184 62.42 0.23 79.17
C ALA B 184 62.38 0.56 80.65
N ALA B 185 61.20 0.89 81.15
CA ALA B 185 61.08 1.15 82.58
C ALA B 185 61.55 -0.06 83.36
N MET B 186 61.09 -1.24 82.96
CA MET B 186 61.48 -2.48 83.62
C MET B 186 62.99 -2.70 83.51
N LYS C 7 31.07 19.47 59.01
CA LYS C 7 29.94 19.91 58.20
C LYS C 7 29.39 18.78 57.35
N ALA C 8 29.57 18.88 56.03
CA ALA C 8 29.06 17.87 55.12
C ALA C 8 30.18 17.18 54.36
N VAL C 9 30.20 15.85 54.44
CA VAL C 9 31.14 15.01 53.72
C VAL C 9 30.34 14.02 52.90
N ILE C 10 30.67 13.87 51.63
CA ILE C 10 29.92 13.00 50.74
C ILE C 10 30.71 11.69 50.69
N LYS C 11 30.32 10.72 51.50
CA LYS C 11 31.01 9.44 51.48
C LYS C 11 30.84 8.72 50.14
N ASN C 12 29.63 8.70 49.60
CA ASN C 12 29.44 8.04 48.31
C ASN C 12 28.41 8.76 47.46
N ALA C 13 28.63 8.89 46.16
CA ALA C 13 27.56 9.49 45.38
C ALA C 13 27.52 8.88 43.99
N ASP C 14 26.31 8.73 43.47
CA ASP C 14 26.08 8.29 42.11
C ASP C 14 24.92 9.07 41.52
N MET C 15 24.83 10.36 41.82
CA MET C 15 23.71 11.14 41.34
C MET C 15 24.24 12.45 40.78
N SER C 16 23.33 13.18 40.16
CA SER C 16 23.64 14.52 39.70
C SER C 16 23.86 15.44 40.90
N GLU C 17 24.61 16.51 40.65
CA GLU C 17 24.94 17.44 41.71
C GLU C 17 23.68 17.98 42.34
N GLU C 18 22.68 18.25 41.50
CA GLU C 18 21.39 18.76 41.98
C GLU C 18 20.72 17.73 42.89
N MET C 19 20.79 16.44 42.52
CA MET C 19 20.15 15.43 43.35
C MET C 19 20.83 15.34 44.70
N GLN C 20 22.15 15.43 44.74
CA GLN C 20 22.86 15.42 46.01
C GLN C 20 22.51 16.63 46.86
N ALA C 21 22.41 17.82 46.23
CA ALA C 21 22.01 19.02 46.97
C ALA C 21 20.60 18.87 47.54
N ASP C 22 19.70 18.29 46.75
CA ASP C 22 18.35 18.06 47.21
C ASP C 22 18.36 17.08 48.38
N ALA C 23 19.21 16.06 48.31
CA ALA C 23 19.31 15.10 49.41
C ALA C 23 19.81 15.77 50.69
N VAL C 24 20.83 16.61 50.58
CA VAL C 24 21.34 17.32 51.75
C VAL C 24 20.26 18.22 52.34
N ASP C 25 19.54 18.93 51.47
CA ASP C 25 18.45 19.79 51.92
C ASP C 25 17.36 18.98 52.60
N CYS C 26 17.03 17.83 52.02
CA CYS C 26 16.04 16.94 52.59
C CYS C 26 16.47 16.47 53.97
N ALA C 27 17.74 16.12 54.12
CA ALA C 27 18.25 15.64 55.40
C ALA C 27 18.14 16.73 56.46
N THR C 28 18.50 17.97 56.10
CA THR C 28 18.42 19.03 57.10
C THR C 28 16.97 19.33 57.46
N GLN C 29 16.06 19.25 56.49
CA GLN C 29 14.64 19.41 56.80
C GLN C 29 14.12 18.30 57.71
N ALA C 30 14.56 17.06 57.45
CA ALA C 30 14.20 15.91 58.28
C ALA C 30 14.70 16.06 59.71
N LEU C 31 15.88 16.64 59.88
CA LEU C 31 16.51 16.68 61.21
C LEU C 31 15.72 17.51 62.19
N GLU C 32 14.75 18.29 61.73
CA GLU C 32 13.89 19.03 62.63
C GLU C 32 12.59 18.31 62.91
N LYS C 33 12.41 17.08 62.41
CA LYS C 33 11.20 16.34 62.70
C LYS C 33 11.44 15.06 63.47
N TYR C 34 12.42 14.24 63.09
CA TYR C 34 12.53 12.89 63.62
C TYR C 34 13.73 12.82 64.58
N ASN C 35 13.47 12.40 65.82
CA ASN C 35 14.54 12.23 66.80
C ASN C 35 15.04 10.80 66.95
N ILE C 36 14.42 9.82 66.29
CA ILE C 36 14.88 8.44 66.30
C ILE C 36 15.35 8.07 64.90
N GLU C 37 16.43 7.29 64.83
CA GLU C 37 17.07 7.24 63.52
C GLU C 37 16.27 6.38 62.56
N LYS C 38 15.72 5.24 63.01
CA LYS C 38 14.81 4.50 62.15
C LYS C 38 13.64 5.38 61.73
N ASP C 39 13.21 6.26 62.63
CA ASP C 39 12.10 7.18 62.36
C ASP C 39 12.50 8.23 61.33
N ILE C 40 13.74 8.71 61.41
CA ILE C 40 14.23 9.63 60.40
C ILE C 40 14.28 8.96 59.05
N ALA C 41 14.75 7.71 59.03
CA ALA C 41 14.77 6.95 57.78
C ALA C 41 13.37 6.81 57.20
N ALA C 42 12.39 6.49 58.04
CA ALA C 42 11.02 6.34 57.55
C ALA C 42 10.49 7.67 57.02
N TYR C 43 10.72 8.76 57.76
CA TYR C 43 10.24 10.08 57.36
C TYR C 43 10.83 10.46 56.02
N ILE C 44 12.15 10.32 55.89
CA ILE C 44 12.84 10.65 54.66
C ILE C 44 12.33 9.77 53.53
N LYS C 45 12.12 8.49 53.80
CA LYS C 45 11.69 7.59 52.75
C LYS C 45 10.32 7.99 52.22
N LYS C 46 9.39 8.31 53.11
CA LYS C 46 8.09 8.82 52.68
C LYS C 46 8.24 10.10 51.86
N GLU C 47 9.04 11.04 52.37
CA GLU C 47 9.10 12.36 51.73
C GLU C 47 9.80 12.30 50.38
N PHE C 48 10.81 11.45 50.24
CA PHE C 48 11.38 11.22 48.93
C PHE C 48 10.54 10.29 48.06
N ASP C 49 9.66 9.49 48.66
CA ASP C 49 8.79 8.67 47.84
C ASP C 49 7.85 9.57 47.08
N ARG C 50 7.24 10.50 47.77
CA ARG C 50 6.35 11.38 47.05
C ARG C 50 7.16 12.44 46.33
N LYS C 51 8.27 12.84 46.94
CA LYS C 51 9.15 13.85 46.36
C LYS C 51 9.83 13.36 45.09
N HIS C 52 10.31 12.12 45.08
CA HIS C 52 11.13 11.72 43.95
C HIS C 52 10.67 10.44 43.25
N ASN C 53 11.53 9.93 42.39
CA ASN C 53 11.29 8.68 41.69
C ASN C 53 11.02 7.56 42.69
N PRO C 54 10.00 6.73 42.45
CA PRO C 54 9.42 5.99 43.57
C PRO C 54 10.41 5.08 44.24
N THR C 55 11.40 4.57 43.51
CA THR C 55 12.34 3.68 44.13
C THR C 55 13.23 4.50 45.05
N TRP C 56 13.45 4.02 46.26
CA TRP C 56 14.38 4.72 47.14
C TRP C 56 14.83 3.75 48.22
N HIS C 57 15.83 4.20 48.95
CA HIS C 57 16.39 3.50 50.10
C HIS C 57 17.06 4.56 50.94
N CYS C 58 16.96 4.45 52.25
CA CYS C 58 17.60 5.46 53.05
C CYS C 58 18.15 4.78 54.29
N ILE C 59 19.39 5.13 54.60
CA ILE C 59 20.08 4.67 55.80
C ILE C 59 20.71 5.86 56.50
N VAL C 60 20.57 5.95 57.81
CA VAL C 60 21.15 7.07 58.53
C VAL C 60 21.92 6.47 59.70
N GLY C 61 23.10 7.01 59.98
CA GLY C 61 23.82 6.50 61.13
C GLY C 61 25.19 7.11 61.32
N ARG C 62 25.92 6.55 62.28
CA ARG C 62 27.30 6.96 62.53
C ARG C 62 28.32 5.85 62.26
N ASN C 63 27.89 4.63 61.89
CA ASN C 63 28.88 3.59 61.56
C ASN C 63 28.29 2.50 60.67
N PHE C 64 28.59 2.56 59.37
CA PHE C 64 28.18 1.49 58.47
C PHE C 64 28.96 1.57 57.17
N GLY C 65 29.17 0.42 56.53
CA GLY C 65 29.81 0.31 55.23
C GLY C 65 29.21 -0.73 54.30
N SER C 66 28.97 -0.43 53.02
CA SER C 66 28.14 -1.32 52.20
C SER C 66 28.78 -1.63 50.85
N TYR C 67 28.20 -2.61 50.15
CA TYR C 67 28.50 -2.91 48.75
C TYR C 67 27.21 -3.40 48.09
N VAL C 68 26.47 -2.48 47.50
CA VAL C 68 25.13 -2.75 46.96
C VAL C 68 25.17 -2.61 45.45
N THR C 69 24.56 -3.54 44.73
CA THR C 69 24.36 -3.30 43.31
C THR C 69 23.05 -2.52 43.19
N HIS C 70 23.19 -1.25 42.85
CA HIS C 70 22.10 -0.27 42.84
C HIS C 70 21.89 0.21 41.42
N GLU C 71 20.65 0.49 41.04
CA GLU C 71 20.44 1.01 39.69
C GLU C 71 21.22 2.31 39.49
N THR C 72 21.85 2.40 38.33
CA THR C 72 22.72 3.51 37.95
C THR C 72 22.03 4.86 38.04
N LYS C 73 22.84 5.89 38.27
CA LYS C 73 22.52 7.32 38.32
C LYS C 73 21.70 7.83 39.50
N HIS C 74 21.34 7.01 40.47
CA HIS C 74 20.55 7.55 41.59
C HIS C 74 21.14 7.02 42.89
N PHE C 75 21.91 7.87 43.56
CA PHE C 75 22.46 7.52 44.86
C PHE C 75 23.16 8.73 45.45
N ILE C 76 23.10 8.83 46.78
CA ILE C 76 23.91 9.80 47.51
C ILE C 76 24.03 9.28 48.93
N TYR C 77 25.16 9.59 49.56
CA TYR C 77 25.46 9.18 50.92
C TYR C 77 26.38 10.21 51.54
N PHE C 78 25.87 11.02 52.47
CA PHE C 78 26.60 12.19 52.92
C PHE C 78 26.27 12.42 54.38
N TYR C 79 27.17 13.12 55.06
CA TYR C 79 27.07 13.34 56.50
C TYR C 79 26.74 14.79 56.78
N LEU C 80 25.81 14.99 57.70
CA LEU C 80 25.53 16.29 58.30
C LEU C 80 25.84 16.18 59.79
N GLY C 81 26.69 17.09 60.27
CA GLY C 81 27.18 17.04 61.63
C GLY C 81 27.91 15.74 61.87
N GLN C 82 27.34 14.84 62.67
CA GLN C 82 27.97 13.54 62.84
C GLN C 82 27.10 12.42 62.27
N VAL C 83 25.99 12.75 61.64
CA VAL C 83 25.00 11.75 61.25
C VAL C 83 25.02 11.68 59.74
N ALA C 84 25.16 10.48 59.21
CA ALA C 84 25.13 10.23 57.78
C ALA C 84 23.71 9.92 57.32
N ILE C 85 23.40 10.37 56.11
CA ILE C 85 22.11 10.16 55.48
C ILE C 85 22.44 9.61 54.11
N LEU C 86 21.86 8.45 53.80
CA LEU C 86 21.98 7.77 52.53
C LEU C 86 20.62 7.68 51.85
N LEU C 87 20.52 8.24 50.66
CA LEU C 87 19.27 8.42 49.95
C LEU C 87 19.54 7.95 48.53
N PHE C 88 18.80 6.95 48.09
CA PHE C 88 19.11 6.31 46.83
C PHE C 88 17.85 5.67 46.25
N LYS C 89 18.00 5.16 45.05
CA LYS C 89 16.91 4.54 44.31
C LYS C 89 17.45 3.17 43.93
N SER C 90 16.63 2.15 44.10
CA SER C 90 17.08 0.78 43.85
C SER C 90 17.39 0.51 42.38
N LYS D 7 27.68 -16.17 63.90
CA LYS D 7 26.46 -16.87 63.49
C LYS D 7 25.26 -15.94 63.53
N ALA D 8 24.24 -16.27 62.75
CA ALA D 8 23.10 -15.38 62.55
C ALA D 8 22.08 -15.64 63.66
N VAL D 9 21.92 -14.66 64.52
CA VAL D 9 20.87 -14.64 65.53
C VAL D 9 19.87 -13.68 64.93
N ILE D 10 18.84 -14.24 64.29
CA ILE D 10 17.90 -13.50 63.46
C ILE D 10 16.82 -12.84 64.32
N LYS D 11 17.01 -11.54 64.57
CA LYS D 11 16.06 -10.77 65.38
C LYS D 11 14.76 -10.64 64.61
N ASN D 12 14.84 -10.42 63.30
CA ASN D 12 13.66 -10.27 62.46
C ASN D 12 14.11 -10.79 61.10
N ALA D 13 13.52 -11.89 60.66
CA ALA D 13 13.86 -12.49 59.38
C ALA D 13 12.62 -12.81 58.55
N ASP D 14 12.75 -12.59 57.24
CA ASP D 14 11.80 -13.03 56.22
C ASP D 14 12.61 -13.68 55.09
N MET D 15 12.96 -14.96 55.24
CA MET D 15 13.60 -15.71 54.15
C MET D 15 13.45 -17.21 54.40
N SER D 16 13.86 -18.00 53.39
CA SER D 16 13.82 -19.45 53.47
C SER D 16 14.95 -20.03 54.31
N GLU D 17 14.84 -21.33 54.57
CA GLU D 17 15.76 -22.01 55.48
C GLU D 17 17.18 -22.10 54.92
N GLU D 18 17.33 -22.59 53.69
CA GLU D 18 18.66 -22.80 53.14
C GLU D 18 19.43 -21.49 52.99
N MET D 19 18.75 -20.45 52.54
CA MET D 19 19.43 -19.18 52.33
C MET D 19 19.79 -18.56 53.67
N GLN D 20 18.92 -18.75 54.67
CA GLN D 20 19.24 -18.31 56.03
C GLN D 20 20.45 -19.05 56.58
N ALA D 21 20.52 -20.37 56.37
CA ALA D 21 21.66 -21.14 56.87
C ALA D 21 22.96 -20.70 56.22
N ASP D 22 22.93 -20.45 54.90
CA ASP D 22 24.14 -19.96 54.26
C ASP D 22 24.49 -18.57 54.75
N ALA D 23 23.48 -17.74 55.03
CA ALA D 23 23.72 -16.43 55.60
C ALA D 23 24.38 -16.51 56.97
N VAL D 24 23.92 -17.42 57.82
CA VAL D 24 24.52 -17.53 59.14
C VAL D 24 25.96 -18.03 59.05
N ASP D 25 26.24 -18.99 58.17
CA ASP D 25 27.61 -19.46 58.04
C ASP D 25 28.55 -18.39 57.53
N CYS D 26 28.12 -17.65 56.49
CA CYS D 26 28.95 -16.58 55.97
C CYS D 26 29.14 -15.45 56.98
N ALA D 27 28.07 -15.10 57.71
CA ALA D 27 28.20 -14.07 58.74
C ALA D 27 29.17 -14.48 59.85
N THR D 28 29.11 -15.73 60.28
CA THR D 28 30.04 -16.18 61.30
C THR D 28 31.48 -16.12 60.81
N GLN D 29 31.73 -16.62 59.60
CA GLN D 29 33.10 -16.58 59.08
C GLN D 29 33.60 -15.15 58.89
N ALA D 30 32.75 -14.26 58.37
CA ALA D 30 33.19 -12.88 58.17
C ALA D 30 33.47 -12.15 59.49
N LEU D 31 32.59 -12.31 60.49
CA LEU D 31 32.87 -11.65 61.75
C LEU D 31 34.08 -12.23 62.47
N GLU D 32 34.33 -13.53 62.32
CA GLU D 32 35.47 -14.09 63.02
C GLU D 32 36.79 -13.75 62.33
N LYS D 33 36.78 -13.74 61.00
CA LYS D 33 38.02 -13.67 60.24
C LYS D 33 38.41 -12.26 59.81
N TYR D 34 37.45 -11.37 59.65
CA TYR D 34 37.75 -10.07 59.08
C TYR D 34 37.33 -8.97 60.04
N ASN D 35 38.00 -7.83 59.88
CA ASN D 35 37.84 -6.70 60.77
C ASN D 35 36.92 -5.65 60.18
N ILE D 36 37.26 -5.12 59.00
CA ILE D 36 36.48 -4.02 58.44
C ILE D 36 35.17 -4.51 57.86
N GLU D 37 34.24 -3.56 57.72
CA GLU D 37 32.87 -3.87 57.34
C GLU D 37 32.73 -4.23 55.87
N LYS D 38 33.37 -3.43 54.99
CA LYS D 38 33.19 -3.60 53.55
C LYS D 38 33.70 -4.94 53.01
N ASP D 39 34.72 -5.54 53.63
CA ASP D 39 35.11 -6.86 53.15
C ASP D 39 33.98 -7.87 53.38
N ILE D 40 33.38 -7.81 54.56
CA ILE D 40 32.26 -8.69 54.88
C ILE D 40 31.07 -8.40 53.97
N ALA D 41 30.76 -7.12 53.77
CA ALA D 41 29.65 -6.74 52.90
C ALA D 41 29.84 -7.27 51.48
N ALA D 42 31.03 -7.10 50.91
CA ALA D 42 31.24 -7.55 49.54
C ALA D 42 31.20 -9.08 49.45
N TYR D 43 31.77 -9.77 50.44
CA TYR D 43 31.70 -11.22 50.46
C TYR D 43 30.27 -11.69 50.51
N ILE D 44 29.49 -11.10 51.42
CA ILE D 44 28.07 -11.45 51.57
C ILE D 44 27.32 -11.21 50.27
N LYS D 45 27.50 -10.02 49.69
CA LYS D 45 26.73 -9.68 48.50
C LYS D 45 27.06 -10.62 47.36
N LYS D 46 28.34 -10.91 47.16
CA LYS D 46 28.70 -11.80 46.05
C LYS D 46 28.21 -13.21 46.32
N GLU D 47 28.31 -13.68 47.56
CA GLU D 47 27.87 -15.03 47.86
C GLU D 47 26.36 -15.18 47.75
N PHE D 48 25.61 -14.14 48.10
CA PHE D 48 24.17 -14.22 47.99
C PHE D 48 23.68 -13.94 46.58
N ASP D 49 24.47 -13.24 45.77
CA ASP D 49 24.14 -13.25 44.35
C ASP D 49 24.38 -14.65 43.82
N ARG D 50 25.44 -15.30 44.31
CA ARG D 50 25.85 -16.59 43.77
C ARG D 50 24.79 -17.63 44.07
N LYS D 51 24.22 -17.57 45.27
CA LYS D 51 23.29 -18.57 45.75
C LYS D 51 21.88 -18.03 45.87
N HIS D 52 21.68 -16.93 46.59
CA HIS D 52 20.32 -16.64 47.03
C HIS D 52 19.52 -16.08 45.86
N ASN D 53 19.94 -14.92 45.36
CA ASN D 53 19.26 -14.25 44.25
C ASN D 53 20.20 -13.16 43.74
N PRO D 54 20.13 -12.81 42.45
CA PRO D 54 21.32 -12.22 41.83
C PRO D 54 21.57 -10.81 42.31
N THR D 55 20.54 -10.13 42.82
CA THR D 55 20.62 -8.76 43.30
C THR D 55 20.30 -8.72 44.78
N TRP D 56 21.01 -7.87 45.52
CA TRP D 56 20.75 -7.71 46.94
C TRP D 56 21.18 -6.33 47.42
N HIS D 57 20.67 -5.95 48.59
CA HIS D 57 21.02 -4.68 49.21
C HIS D 57 21.12 -4.93 50.71
N CYS D 58 22.21 -4.43 51.27
CA CYS D 58 22.57 -4.64 52.68
C CYS D 58 23.15 -3.41 53.34
N ILE D 59 22.94 -3.29 54.65
CA ILE D 59 23.59 -2.24 55.41
C ILE D 59 24.02 -2.93 56.69
N VAL D 60 25.33 -2.99 56.87
CA VAL D 60 26.00 -3.56 58.03
C VAL D 60 26.72 -2.46 58.77
N GLY D 61 26.59 -2.43 60.07
CA GLY D 61 27.26 -1.35 60.76
C GLY D 61 27.28 -1.56 62.24
N ARG D 62 27.53 -0.45 62.91
CA ARG D 62 27.57 -0.40 64.34
C ARG D 62 26.73 0.74 64.87
N ASN D 63 26.40 1.70 64.02
CA ASN D 63 25.60 2.85 64.39
C ASN D 63 24.82 3.20 63.13
N PHE D 64 23.92 2.31 62.68
CA PHE D 64 23.17 2.53 61.45
C PHE D 64 21.67 2.38 61.68
N GLY D 65 20.89 3.39 61.26
CA GLY D 65 19.44 3.32 61.29
C GLY D 65 18.79 3.38 59.91
N SER D 66 17.97 2.40 59.53
CA SER D 66 17.43 2.35 58.17
C SER D 66 15.96 2.00 58.15
N TYR D 67 15.24 2.53 57.15
CA TYR D 67 13.86 2.16 56.89
C TYR D 67 13.81 1.51 55.52
N VAL D 68 13.30 0.29 55.43
CA VAL D 68 13.36 -0.40 54.15
C VAL D 68 12.04 -1.06 53.79
N THR D 69 11.79 -1.13 52.49
CA THR D 69 10.64 -1.80 51.91
C THR D 69 11.09 -3.12 51.29
N HIS D 70 11.36 -4.13 52.13
CA HIS D 70 11.84 -5.37 51.54
C HIS D 70 10.69 -6.18 50.93
N GLU D 71 11.02 -6.89 49.86
CA GLU D 71 10.12 -7.87 49.26
C GLU D 71 10.14 -9.16 50.07
N THR D 72 8.98 -9.79 50.19
CA THR D 72 8.90 -10.95 51.06
C THR D 72 9.87 -12.01 50.54
N LYS D 73 10.29 -12.87 51.45
CA LYS D 73 11.19 -13.98 51.27
C LYS D 73 12.61 -13.44 51.24
N HIS D 74 12.77 -12.12 51.40
CA HIS D 74 14.09 -11.51 51.46
C HIS D 74 13.98 -10.34 52.42
N PHE D 75 14.44 -10.56 53.66
CA PHE D 75 14.60 -9.49 54.65
C PHE D 75 15.31 -10.08 55.85
N ILE D 76 16.22 -9.31 56.44
CA ILE D 76 16.84 -9.71 57.70
C ILE D 76 17.22 -8.46 58.47
N TYR D 77 17.20 -8.57 59.79
CA TYR D 77 17.60 -7.50 60.69
C TYR D 77 18.06 -8.19 61.96
N PHE D 78 19.39 -8.33 62.12
CA PHE D 78 19.87 -9.20 63.17
C PHE D 78 21.16 -8.68 63.76
N TYR D 79 21.46 -9.14 64.98
CA TYR D 79 22.64 -8.73 65.71
C TYR D 79 23.64 -9.87 65.65
N LEU D 80 24.90 -9.58 65.36
CA LEU D 80 25.94 -10.58 65.51
C LEU D 80 27.10 -9.96 66.26
N GLY D 81 27.54 -10.60 67.34
CA GLY D 81 28.55 -9.95 68.15
C GLY D 81 28.07 -8.63 68.69
N GLN D 82 28.61 -7.55 68.12
CA GLN D 82 28.17 -6.21 68.44
C GLN D 82 27.86 -5.39 67.18
N VAL D 83 27.51 -6.05 66.08
CA VAL D 83 27.22 -5.39 64.81
C VAL D 83 25.79 -5.65 64.40
N ALA D 84 25.14 -4.63 63.85
CA ALA D 84 23.80 -4.73 63.28
C ALA D 84 23.88 -5.00 61.78
N ILE D 85 23.21 -6.06 61.33
CA ILE D 85 23.20 -6.46 59.92
C ILE D 85 21.77 -6.37 59.40
N LEU D 86 21.60 -5.60 58.33
CA LEU D 86 20.33 -5.36 57.66
C LEU D 86 20.43 -5.84 56.23
N LEU D 87 19.49 -6.68 55.80
CA LEU D 87 19.57 -7.39 54.53
C LEU D 87 18.21 -7.38 53.86
N PHE D 88 18.18 -7.12 52.56
CA PHE D 88 16.93 -7.08 51.84
C PHE D 88 17.27 -7.18 50.37
N LYS D 89 16.38 -7.78 49.59
CA LYS D 89 16.65 -7.85 48.17
C LYS D 89 15.93 -6.73 47.43
N SER D 90 16.59 -6.24 46.40
CA SER D 90 16.10 -5.17 45.56
C SER D 90 16.81 -5.19 44.22
N LYS E 7 46.30 7.59 23.88
CA LYS E 7 46.70 6.25 24.30
C LYS E 7 45.76 5.19 23.75
N ALA E 8 45.03 5.56 22.69
CA ALA E 8 44.00 4.70 22.13
C ALA E 8 44.62 3.41 21.62
N VAL E 9 43.94 2.29 21.88
CA VAL E 9 44.33 1.01 21.31
C VAL E 9 43.13 0.40 20.60
N ILE E 10 43.16 0.44 19.27
CA ILE E 10 42.07 -0.04 18.42
C ILE E 10 42.15 -1.56 18.47
N LYS E 11 41.31 -2.17 19.30
CA LYS E 11 41.37 -3.62 19.47
C LYS E 11 40.95 -4.37 18.22
N ASN E 12 39.83 -3.97 17.60
CA ASN E 12 39.39 -4.70 16.41
C ASN E 12 38.42 -3.82 15.65
N ALA E 13 38.69 -3.61 14.36
CA ALA E 13 37.84 -2.74 13.57
C ALA E 13 37.94 -3.09 12.10
N ASP E 14 36.85 -2.85 11.39
CA ASP E 14 36.82 -2.93 9.93
C ASP E 14 36.21 -1.60 9.52
N MET E 15 37.08 -0.68 9.10
CA MET E 15 36.71 0.71 8.89
C MET E 15 37.89 1.41 8.24
N SER E 16 37.59 2.50 7.53
CA SER E 16 38.64 3.30 6.95
C SER E 16 39.46 3.98 8.04
N GLU E 17 40.75 4.16 7.75
CA GLU E 17 41.68 4.68 8.74
C GLU E 17 41.30 6.10 9.16
N GLU E 18 40.93 6.94 8.19
CA GLU E 18 40.54 8.30 8.49
C GLU E 18 39.32 8.33 9.41
N MET E 19 38.34 7.47 9.14
CA MET E 19 37.18 7.45 10.01
C MET E 19 37.55 6.95 11.40
N GLN E 20 38.53 6.05 11.49
CA GLN E 20 39.02 5.62 12.79
C GLN E 20 39.64 6.78 13.57
N ALA E 21 40.47 7.59 12.91
CA ALA E 21 41.05 8.75 13.58
C ALA E 21 39.98 9.75 13.99
N ASP E 22 38.97 9.92 13.15
CA ASP E 22 37.86 10.82 13.48
C ASP E 22 37.13 10.29 14.70
N ALA E 23 36.94 8.97 14.76
CA ALA E 23 36.29 8.34 15.89
C ALA E 23 37.11 8.55 17.17
N VAL E 24 38.43 8.41 17.08
CA VAL E 24 39.26 8.66 18.25
C VAL E 24 39.08 10.09 18.74
N ASP E 25 39.09 11.06 17.82
CA ASP E 25 38.88 12.45 18.23
C ASP E 25 37.53 12.62 18.91
N CYS E 26 36.48 12.16 18.24
CA CYS E 26 35.12 12.28 18.77
C CYS E 26 35.03 11.63 20.13
N ALA E 27 35.68 10.49 20.31
CA ALA E 27 35.71 9.81 21.60
C ALA E 27 36.40 10.67 22.63
N THR E 28 37.43 11.41 22.23
CA THR E 28 38.11 12.27 23.18
C THR E 28 37.14 13.31 23.71
N GLN E 29 36.48 14.02 22.81
CA GLN E 29 35.54 15.02 23.32
C GLN E 29 34.32 14.38 23.98
N ALA E 30 34.02 13.13 23.63
CA ALA E 30 32.96 12.39 24.29
C ALA E 30 33.27 12.15 25.75
N LEU E 31 34.45 11.61 26.03
CA LEU E 31 34.88 11.45 27.41
C LEU E 31 34.97 12.80 28.09
N GLU E 32 35.24 13.85 27.31
CA GLU E 32 35.29 15.18 27.89
C GLU E 32 33.91 15.57 28.40
N LYS E 33 32.87 15.28 27.61
CA LYS E 33 31.56 15.88 27.87
C LYS E 33 30.77 15.13 28.94
N TYR E 34 30.62 13.81 28.81
CA TYR E 34 29.85 13.07 29.79
C TYR E 34 30.71 11.98 30.42
N ASN E 35 30.23 11.44 31.54
CA ASN E 35 30.88 10.29 32.17
C ASN E 35 30.12 8.98 32.08
N ILE E 36 28.79 9.00 32.25
CA ILE E 36 28.00 7.77 32.17
C ILE E 36 28.30 7.02 30.89
N GLU E 37 28.33 5.69 30.99
CA GLU E 37 28.60 4.89 29.79
C GLU E 37 27.54 5.14 28.74
N LYS E 38 26.29 4.78 29.05
CA LYS E 38 25.25 4.86 28.03
C LYS E 38 24.97 6.29 27.62
N ASP E 39 25.27 7.28 28.47
CA ASP E 39 25.19 8.67 28.04
C ASP E 39 26.20 8.93 26.94
N ILE E 40 27.41 8.43 27.14
CA ILE E 40 28.45 8.55 26.13
C ILE E 40 28.01 7.87 24.85
N ALA E 41 27.49 6.65 24.96
CA ALA E 41 27.08 5.92 23.77
C ALA E 41 25.96 6.64 23.03
N ALA E 42 24.96 7.17 23.74
CA ALA E 42 23.89 7.87 23.06
C ALA E 42 24.39 9.12 22.36
N TYR E 43 25.27 9.88 23.05
CA TYR E 43 25.84 11.08 22.45
C TYR E 43 26.65 10.72 21.21
N ILE E 44 27.44 9.65 21.33
CA ILE E 44 28.29 9.19 20.24
C ILE E 44 27.42 8.75 19.07
N LYS E 45 26.36 8.00 19.34
CA LYS E 45 25.53 7.52 18.26
C LYS E 45 24.83 8.68 17.56
N LYS E 46 24.38 9.68 18.32
CA LYS E 46 23.78 10.84 17.68
C LYS E 46 24.79 11.56 16.82
N GLU E 47 26.02 11.73 17.33
CA GLU E 47 27.06 12.41 16.58
C GLU E 47 27.47 11.63 15.34
N PHE E 48 27.58 10.31 15.44
CA PHE E 48 27.94 9.47 14.32
C PHE E 48 26.77 9.21 13.38
N ASP E 49 25.57 9.60 13.78
CA ASP E 49 24.50 9.59 12.80
C ASP E 49 24.59 10.90 12.03
N ARG E 50 24.93 11.97 12.74
CA ARG E 50 25.11 13.26 12.08
C ARG E 50 26.38 13.24 11.24
N LYS E 51 27.51 13.02 11.88
CA LYS E 51 28.80 13.03 11.19
C LYS E 51 28.90 11.94 10.12
N HIS E 52 28.89 10.68 10.55
CA HIS E 52 29.09 9.59 9.60
C HIS E 52 27.76 9.08 9.06
N ASN E 53 27.82 7.97 8.33
CA ASN E 53 26.64 7.34 7.76
C ASN E 53 25.73 6.73 8.83
N PRO E 54 24.43 6.59 8.52
CA PRO E 54 23.45 6.24 9.55
C PRO E 54 23.43 4.75 9.91
N THR E 55 22.36 4.36 10.63
CA THR E 55 22.10 2.98 11.04
C THR E 55 23.30 2.42 11.81
N TRP E 56 23.57 3.03 12.96
CA TRP E 56 24.59 2.52 13.88
C TRP E 56 24.02 1.85 15.12
N HIS E 57 24.90 1.09 15.75
CA HIS E 57 24.67 0.44 17.03
C HIS E 57 25.91 0.70 17.88
N CYS E 58 25.72 1.09 19.13
CA CYS E 58 26.81 1.52 20.00
C CYS E 58 26.75 0.83 21.34
N ILE E 59 27.92 0.45 21.85
CA ILE E 59 28.08 -0.15 23.18
C ILE E 59 29.39 0.35 23.77
N VAL E 60 29.30 1.21 24.79
CA VAL E 60 30.52 1.79 25.34
C VAL E 60 30.71 1.19 26.73
N GLY E 61 31.20 -0.04 26.75
CA GLY E 61 31.15 -0.88 27.92
C GLY E 61 32.49 -1.15 28.59
N ARG E 62 32.38 -2.02 29.61
CA ARG E 62 33.48 -2.56 30.40
C ARG E 62 33.67 -4.06 30.20
N ASN E 63 32.61 -4.84 30.36
CA ASN E 63 32.71 -6.29 30.17
C ASN E 63 31.51 -6.78 29.38
N PHE E 64 31.76 -7.23 28.16
CA PHE E 64 30.67 -7.78 27.35
C PHE E 64 31.25 -8.52 26.17
N GLY E 65 30.49 -9.50 25.69
CA GLY E 65 30.80 -10.24 24.48
C GLY E 65 29.61 -10.26 23.54
N SER E 66 29.75 -9.71 22.34
CA SER E 66 28.64 -9.58 21.42
C SER E 66 29.01 -10.20 20.07
N TYR E 67 27.99 -10.57 19.31
CA TYR E 67 28.18 -11.16 17.99
C TYR E 67 27.14 -10.54 17.07
N VAL E 68 27.58 -9.54 16.31
CA VAL E 68 26.73 -8.68 15.51
C VAL E 68 27.16 -8.86 14.08
N THR E 69 26.28 -8.50 13.16
CA THR E 69 26.57 -8.57 11.74
C THR E 69 26.48 -7.17 11.17
N HIS E 70 27.54 -6.74 10.48
CA HIS E 70 27.66 -5.37 10.01
C HIS E 70 27.99 -5.35 8.53
N GLU E 71 27.72 -4.20 7.92
CA GLU E 71 28.18 -3.95 6.56
C GLU E 71 29.68 -3.77 6.54
N THR E 72 30.27 -3.96 5.37
CA THR E 72 31.72 -4.00 5.31
C THR E 72 32.26 -2.63 5.64
N LYS E 73 33.47 -2.61 6.20
CA LYS E 73 34.23 -1.40 6.47
C LYS E 73 33.44 -0.45 7.37
N HIS E 74 32.62 -1.00 8.26
CA HIS E 74 31.98 -0.17 9.28
C HIS E 74 31.77 -1.05 10.52
N PHE E 75 32.77 -1.02 11.40
CA PHE E 75 32.79 -1.82 12.61
C PHE E 75 33.95 -1.30 13.46
N ILE E 76 33.78 -1.06 14.74
CA ILE E 76 34.92 -0.59 15.52
C ILE E 76 34.75 -0.98 16.98
N TYR E 77 35.87 -1.39 17.59
CA TYR E 77 35.95 -1.74 19.00
C TYR E 77 37.34 -1.28 19.43
N PHE E 78 37.39 -0.29 20.31
CA PHE E 78 38.66 0.28 20.72
C PHE E 78 38.64 0.61 22.20
N TYR E 79 39.77 0.38 22.87
CA TYR E 79 39.87 0.64 24.30
C TYR E 79 40.30 2.10 24.47
N LEU E 80 39.34 2.97 24.20
CA LEU E 80 39.60 4.40 24.29
C LEU E 80 39.75 4.78 25.75
N GLY E 81 40.91 5.32 26.11
CA GLY E 81 41.24 5.40 27.52
C GLY E 81 41.34 4.01 28.08
N GLN E 82 40.58 3.75 29.14
CA GLN E 82 40.30 2.38 29.55
C GLN E 82 38.80 2.11 29.58
N VAL E 83 38.07 2.72 28.65
CA VAL E 83 36.67 2.43 28.35
C VAL E 83 36.58 1.78 26.97
N ALA E 84 36.06 0.55 26.87
CA ALA E 84 36.07 -0.09 25.55
C ALA E 84 34.80 0.33 24.84
N ILE E 85 34.95 1.03 23.73
CA ILE E 85 33.84 1.57 22.96
C ILE E 85 33.71 0.79 21.65
N LEU E 86 32.50 0.31 21.38
CA LEU E 86 32.21 -0.40 20.15
C LEU E 86 31.11 0.37 19.44
N LEU E 87 31.31 0.60 18.15
CA LEU E 87 30.38 1.38 17.35
C LEU E 87 30.39 0.81 15.95
N PHE E 88 29.22 0.56 15.37
CA PHE E 88 29.24 -0.04 14.05
C PHE E 88 27.96 0.34 13.31
N LYS E 89 27.91 -0.07 12.05
CA LYS E 89 26.81 0.27 11.16
C LYS E 89 26.04 -0.98 10.79
N SER E 90 24.74 -0.82 10.60
CA SER E 90 23.86 -1.92 10.24
C SER E 90 24.34 -2.62 8.98
N LYS F 7 15.02 -18.41 35.80
CA LYS F 7 16.41 -18.03 36.00
C LYS F 7 16.83 -16.98 34.98
N ALA F 8 15.88 -16.11 34.62
CA ALA F 8 16.12 -15.08 33.63
C ALA F 8 15.26 -13.88 34.03
N VAL F 9 15.86 -12.93 34.73
CA VAL F 9 15.16 -11.69 35.03
C VAL F 9 15.19 -10.85 33.77
N ILE F 10 14.01 -10.62 33.20
CA ILE F 10 13.85 -9.86 31.97
C ILE F 10 14.05 -8.39 32.29
N LYS F 11 15.25 -7.88 31.99
CA LYS F 11 15.58 -6.52 32.41
C LYS F 11 14.74 -5.53 31.62
N ASN F 12 14.64 -5.75 30.31
CA ASN F 12 13.81 -4.89 29.47
C ASN F 12 13.55 -5.62 28.16
N ALA F 13 12.28 -5.79 27.80
CA ALA F 13 11.97 -6.56 26.61
C ALA F 13 10.66 -6.13 25.98
N ASP F 14 10.70 -5.77 24.71
CA ASP F 14 9.53 -5.62 23.88
C ASP F 14 9.48 -6.81 22.92
N MET F 15 8.71 -7.84 23.26
CA MET F 15 8.79 -9.06 22.47
C MET F 15 7.66 -9.97 22.88
N SER F 16 7.24 -10.82 21.94
CA SER F 16 6.20 -11.79 22.23
C SER F 16 6.71 -12.85 23.18
N GLU F 17 5.82 -13.36 24.02
CA GLU F 17 6.22 -14.34 25.02
C GLU F 17 6.79 -15.58 24.36
N GLU F 18 6.14 -16.02 23.27
CA GLU F 18 6.60 -17.19 22.51
C GLU F 18 7.98 -17.00 21.90
N MET F 19 8.27 -15.81 21.36
CA MET F 19 9.61 -15.59 20.83
C MET F 19 10.62 -15.60 21.97
N GLN F 20 10.22 -15.09 23.12
CA GLN F 20 11.07 -15.13 24.30
C GLN F 20 11.39 -16.57 24.68
N ALA F 21 10.36 -17.42 24.74
CA ALA F 21 10.57 -18.81 25.11
C ALA F 21 11.43 -19.56 24.09
N ASP F 22 11.21 -19.34 22.79
CA ASP F 22 12.04 -20.01 21.79
C ASP F 22 13.49 -19.57 21.94
N ALA F 23 13.69 -18.28 22.19
CA ALA F 23 15.02 -17.75 22.41
C ALA F 23 15.63 -18.38 23.65
N VAL F 24 14.83 -18.51 24.70
CA VAL F 24 15.27 -19.10 25.96
C VAL F 24 15.70 -20.54 25.75
N ASP F 25 14.94 -21.30 24.96
CA ASP F 25 15.30 -22.70 24.74
C ASP F 25 16.63 -22.79 24.01
N CYS F 26 16.77 -22.01 22.92
CA CYS F 26 18.02 -22.08 22.17
C CYS F 26 19.18 -21.57 23.00
N ALA F 27 18.90 -20.60 23.88
CA ALA F 27 19.92 -20.07 24.77
C ALA F 27 20.29 -21.06 25.85
N THR F 28 19.32 -21.85 26.31
CA THR F 28 19.64 -22.95 27.22
C THR F 28 20.58 -23.94 26.55
N GLN F 29 20.32 -24.26 25.29
CA GLN F 29 21.26 -25.15 24.60
C GLN F 29 22.64 -24.48 24.46
N ALA F 30 22.66 -23.17 24.24
CA ALA F 30 23.92 -22.43 24.18
C ALA F 30 24.67 -22.47 25.51
N LEU F 31 23.94 -22.22 26.60
CA LEU F 31 24.54 -22.24 27.93
C LEU F 31 25.07 -23.62 28.27
N GLU F 32 24.35 -24.66 27.88
CA GLU F 32 24.86 -26.01 28.11
C GLU F 32 26.08 -26.25 27.23
N LYS F 33 26.16 -25.53 26.11
CA LYS F 33 27.35 -25.70 25.27
C LYS F 33 28.52 -24.90 25.82
N TYR F 34 28.32 -23.60 26.08
CA TYR F 34 29.42 -22.73 26.49
C TYR F 34 29.03 -21.85 27.67
N ASN F 35 30.02 -21.18 28.23
CA ASN F 35 29.88 -20.27 29.35
C ASN F 35 30.48 -18.90 29.11
N ILE F 36 31.46 -18.77 28.22
CA ILE F 36 32.08 -17.48 27.92
C ILE F 36 31.16 -16.61 27.08
N GLU F 37 31.18 -15.31 27.37
CA GLU F 37 30.19 -14.40 26.78
C GLU F 37 30.33 -14.34 25.27
N LYS F 38 31.55 -14.26 24.75
CA LYS F 38 31.70 -14.15 23.29
C LYS F 38 31.23 -15.43 22.62
N ASP F 39 31.49 -16.58 23.26
CA ASP F 39 31.00 -17.85 22.76
C ASP F 39 29.48 -17.89 22.81
N ILE F 40 28.90 -17.35 23.89
CA ILE F 40 27.45 -17.31 24.02
C ILE F 40 26.85 -16.47 22.91
N ALA F 41 27.42 -15.29 22.65
CA ALA F 41 26.89 -14.43 21.58
C ALA F 41 27.00 -15.11 20.23
N ALA F 42 28.13 -15.76 19.96
CA ALA F 42 28.28 -16.47 18.68
C ALA F 42 27.24 -17.56 18.54
N TYR F 43 27.10 -18.38 19.58
CA TYR F 43 26.10 -19.45 19.61
C TYR F 43 24.72 -18.87 19.33
N ILE F 44 24.36 -17.82 20.06
CA ILE F 44 23.02 -17.26 19.99
C ILE F 44 22.75 -16.71 18.60
N LYS F 45 23.70 -15.94 18.06
CA LYS F 45 23.42 -15.33 16.77
C LYS F 45 23.42 -16.38 15.67
N LYS F 46 24.27 -17.42 15.77
CA LYS F 46 24.22 -18.50 14.80
C LYS F 46 22.89 -19.24 14.87
N GLU F 47 22.40 -19.49 16.08
CA GLU F 47 21.12 -20.17 16.25
C GLU F 47 19.97 -19.36 15.68
N PHE F 48 19.93 -18.07 15.95
CA PHE F 48 18.83 -17.29 15.40
C PHE F 48 19.01 -16.97 13.92
N ASP F 49 20.24 -17.06 13.41
CA ASP F 49 20.42 -17.04 11.98
C ASP F 49 19.83 -18.29 11.35
N ARG F 50 20.08 -19.44 11.97
CA ARG F 50 19.48 -20.66 11.47
C ARG F 50 17.97 -20.65 11.63
N LYS F 51 17.46 -20.06 12.70
CA LYS F 51 16.03 -20.18 12.92
C LYS F 51 15.29 -19.13 12.12
N HIS F 52 15.73 -17.89 12.20
CA HIS F 52 15.05 -16.81 11.51
C HIS F 52 15.99 -16.16 10.50
N ASN F 53 15.53 -15.03 9.95
CA ASN F 53 16.29 -14.11 9.13
C ASN F 53 17.67 -13.89 9.75
N PRO F 54 18.76 -14.08 9.01
CA PRO F 54 20.07 -14.04 9.66
C PRO F 54 20.38 -12.73 10.39
N THR F 55 19.83 -11.59 9.94
CA THR F 55 20.12 -10.31 10.59
C THR F 55 19.55 -10.30 12.00
N TRP F 56 20.43 -10.41 12.99
CA TRP F 56 20.08 -10.41 14.40
C TRP F 56 21.17 -9.70 15.19
N HIS F 57 20.83 -9.31 16.41
CA HIS F 57 21.84 -8.68 17.26
C HIS F 57 21.57 -9.10 18.70
N CYS F 58 22.60 -9.67 19.30
CA CYS F 58 22.63 -10.17 20.66
C CYS F 58 23.79 -9.56 21.42
N ILE F 59 23.55 -9.04 22.63
CA ILE F 59 24.62 -8.51 23.46
C ILE F 59 24.59 -9.28 24.77
N VAL F 60 25.71 -9.94 25.08
CA VAL F 60 25.85 -10.84 26.21
C VAL F 60 27.02 -10.36 27.08
N GLY F 61 26.84 -10.33 28.38
CA GLY F 61 27.98 -9.99 29.22
C GLY F 61 27.62 -9.77 30.66
N ARG F 62 28.66 -9.41 31.42
CA ARG F 62 28.51 -9.10 32.83
C ARG F 62 28.35 -7.62 33.09
N ASN F 63 28.93 -6.78 32.23
CA ASN F 63 28.97 -5.35 32.51
C ASN F 63 28.88 -4.66 31.16
N PHE F 64 27.66 -4.31 30.76
CA PHE F 64 27.50 -3.53 29.55
C PHE F 64 26.16 -2.82 29.58
N GLY F 65 26.12 -1.68 28.89
CA GLY F 65 24.89 -0.97 28.67
C GLY F 65 24.82 -0.50 27.23
N SER F 66 23.70 -0.72 26.55
CA SER F 66 23.64 -0.43 25.13
C SER F 66 22.67 0.71 24.84
N TYR F 67 22.57 1.04 23.56
CA TYR F 67 21.53 1.91 23.01
C TYR F 67 21.42 1.48 21.55
N VAL F 68 20.37 0.73 21.24
CA VAL F 68 20.37 -0.02 20.00
C VAL F 68 19.13 0.28 19.19
N THR F 69 19.20 -0.10 17.91
CA THR F 69 18.10 0.02 16.97
C THR F 69 17.69 -1.41 16.64
N HIS F 70 16.47 -1.77 17.03
CA HIS F 70 15.96 -3.14 16.89
C HIS F 70 14.71 -3.14 16.03
N GLU F 71 14.56 -4.21 15.24
CA GLU F 71 13.29 -4.41 14.55
C GLU F 71 12.16 -4.59 15.56
N THR F 72 11.02 -3.97 15.25
CA THR F 72 9.92 -3.89 16.20
C THR F 72 9.41 -5.28 16.58
N LYS F 73 8.93 -5.38 17.81
CA LYS F 73 8.42 -6.64 18.37
C LYS F 73 9.50 -7.71 18.35
N HIS F 74 10.76 -7.30 18.41
CA HIS F 74 11.85 -8.24 18.60
C HIS F 74 12.90 -7.57 19.48
N PHE F 75 12.77 -7.74 20.80
CA PHE F 75 13.70 -7.12 21.72
C PHE F 75 13.55 -7.76 23.09
N ILE F 76 14.64 -8.28 23.65
CA ILE F 76 14.61 -8.92 24.96
C ILE F 76 15.92 -8.68 25.68
N TYR F 77 15.85 -8.46 26.99
CA TYR F 77 17.05 -8.31 27.80
C TYR F 77 16.78 -8.94 29.15
N PHE F 78 17.52 -10.00 29.47
CA PHE F 78 17.30 -10.80 30.67
C PHE F 78 18.64 -11.35 31.15
N TYR F 79 18.80 -11.40 32.47
CA TYR F 79 19.92 -12.05 33.12
C TYR F 79 19.62 -13.54 33.25
N LEU F 80 20.27 -14.36 32.43
CA LEU F 80 20.08 -15.82 32.50
C LEU F 80 21.22 -16.48 33.26
N GLY F 81 21.12 -16.43 34.58
CA GLY F 81 22.17 -16.89 35.47
C GLY F 81 23.03 -15.75 35.95
N GLN F 82 24.28 -15.73 35.53
CA GLN F 82 25.15 -14.58 35.78
C GLN F 82 25.37 -13.76 34.53
N VAL F 83 25.40 -14.41 33.37
CA VAL F 83 25.53 -13.73 32.09
C VAL F 83 24.18 -13.10 31.75
N ALA F 84 24.19 -11.85 31.31
CA ALA F 84 22.97 -11.24 30.82
C ALA F 84 22.98 -11.37 29.30
N ILE F 85 21.81 -11.65 28.74
CA ILE F 85 21.63 -11.75 27.30
C ILE F 85 20.56 -10.78 26.87
N LEU F 86 20.85 -10.05 25.81
CA LEU F 86 19.94 -9.11 25.17
C LEU F 86 19.84 -9.53 23.71
N LEU F 87 18.67 -9.97 23.28
CA LEU F 87 18.52 -10.55 21.97
C LEU F 87 17.39 -9.84 21.25
N PHE F 88 17.68 -9.44 20.02
CA PHE F 88 16.81 -8.66 19.18
C PHE F 88 17.22 -8.99 17.77
N LYS F 89 16.36 -8.70 16.81
CA LYS F 89 16.67 -9.02 15.43
C LYS F 89 16.75 -7.74 14.65
N SER F 90 17.88 -7.56 13.97
CA SER F 90 18.11 -6.38 13.16
C SER F 90 17.25 -6.46 11.91
N LYS G 7 18.85 14.15 5.15
CA LYS G 7 19.81 13.49 4.26
C LYS G 7 19.30 12.11 3.89
N ALA G 8 19.28 11.83 2.59
CA ALA G 8 18.62 10.63 2.08
C ALA G 8 19.56 9.44 2.11
N VAL G 9 19.04 8.31 2.60
CA VAL G 9 19.80 7.07 2.68
C VAL G 9 19.34 6.14 1.57
N ILE G 10 20.29 5.51 0.91
CA ILE G 10 20.00 4.58 -0.17
C ILE G 10 19.96 3.19 0.45
N LYS G 11 18.77 2.62 0.59
CA LYS G 11 18.69 1.28 1.15
C LYS G 11 19.16 0.23 0.16
N ASN G 12 18.85 0.39 -1.12
CA ASN G 12 19.25 -0.58 -2.12
C ASN G 12 19.18 0.05 -3.50
N ALA G 13 20.00 -0.43 -4.42
CA ALA G 13 19.97 0.17 -5.75
C ALA G 13 20.73 -0.71 -6.74
N ASP G 14 20.25 -0.69 -7.98
CA ASP G 14 20.96 -1.14 -9.17
C ASP G 14 20.74 0.02 -10.15
N MET G 15 21.67 0.96 -10.17
CA MET G 15 21.50 2.18 -10.97
C MET G 15 22.79 2.97 -10.92
N SER G 16 23.08 3.69 -12.00
CA SER G 16 24.35 4.38 -12.08
C SER G 16 24.33 5.61 -11.18
N GLU G 17 25.51 5.93 -10.66
CA GLU G 17 25.58 6.85 -9.53
C GLU G 17 24.97 8.21 -9.87
N GLU G 18 25.39 8.79 -10.98
CA GLU G 18 24.84 10.08 -11.40
C GLU G 18 23.32 10.05 -11.49
N MET G 19 22.77 8.97 -12.03
CA MET G 19 21.32 8.88 -12.06
C MET G 19 20.73 8.75 -10.67
N GLN G 20 21.47 8.15 -9.73
CA GLN G 20 20.96 8.08 -8.37
C GLN G 20 20.95 9.45 -7.70
N ALA G 21 21.98 10.25 -7.93
CA ALA G 21 21.96 11.62 -7.43
C ALA G 21 20.85 12.44 -8.07
N ASP G 22 20.66 12.27 -9.39
CA ASP G 22 19.54 12.89 -10.08
C ASP G 22 18.23 12.55 -9.39
N ALA G 23 18.07 11.28 -9.05
CA ALA G 23 16.82 10.81 -8.48
C ALA G 23 16.60 11.40 -7.10
N VAL G 24 17.61 11.33 -6.23
CA VAL G 24 17.46 11.90 -4.90
C VAL G 24 17.17 13.38 -4.98
N ASP G 25 17.82 14.08 -5.91
CA ASP G 25 17.57 15.52 -6.04
C ASP G 25 16.12 15.76 -6.42
N CYS G 26 15.67 15.11 -7.49
CA CYS G 26 14.30 15.28 -7.95
C CYS G 26 13.31 14.93 -6.86
N ALA G 27 13.63 13.89 -6.08
CA ALA G 27 12.71 13.45 -5.04
C ALA G 27 12.62 14.49 -3.93
N THR G 28 13.75 15.04 -3.50
CA THR G 28 13.71 16.07 -2.48
C THR G 28 12.95 17.29 -2.99
N GLN G 29 13.13 17.62 -4.27
CA GLN G 29 12.37 18.69 -4.87
C GLN G 29 10.87 18.40 -4.80
N ALA G 30 10.48 17.19 -5.20
CA ALA G 30 9.08 16.79 -5.14
C ALA G 30 8.52 16.90 -3.73
N LEU G 31 9.33 16.52 -2.73
CA LEU G 31 8.86 16.59 -1.35
C LEU G 31 8.70 18.04 -0.94
N GLU G 32 9.52 18.91 -1.50
CA GLU G 32 9.36 20.33 -1.26
C GLU G 32 8.05 20.82 -1.86
N LYS G 33 7.73 20.34 -3.06
CA LYS G 33 6.58 20.84 -3.81
C LYS G 33 5.27 20.26 -3.29
N TYR G 34 5.12 18.95 -3.31
CA TYR G 34 3.84 18.34 -2.95
C TYR G 34 3.92 17.74 -1.56
N ASN G 35 2.74 17.50 -0.98
CA ASN G 35 2.67 16.93 0.36
C ASN G 35 1.55 15.90 0.50
N ILE G 36 1.23 15.19 -0.59
CA ILE G 36 0.41 13.99 -0.50
C ILE G 36 1.18 12.85 -1.16
N GLU G 37 1.16 11.68 -0.52
CA GLU G 37 2.01 10.57 -0.96
C GLU G 37 1.91 10.37 -2.47
N LYS G 38 0.70 10.10 -2.95
CA LYS G 38 0.52 9.79 -4.37
C LYS G 38 0.98 10.95 -5.24
N ASP G 39 0.83 12.19 -4.74
CA ASP G 39 1.33 13.35 -5.45
C ASP G 39 2.83 13.25 -5.64
N ILE G 40 3.55 12.96 -4.55
CA ILE G 40 4.99 12.78 -4.64
C ILE G 40 5.32 11.69 -5.64
N ALA G 41 4.61 10.56 -5.54
CA ALA G 41 4.87 9.44 -6.43
C ALA G 41 4.77 9.87 -7.89
N ALA G 42 3.65 10.48 -8.26
CA ALA G 42 3.42 10.85 -9.66
C ALA G 42 4.40 11.93 -10.10
N TYR G 43 4.68 12.89 -9.23
CA TYR G 43 5.62 13.95 -9.58
C TYR G 43 6.97 13.34 -9.91
N ILE G 44 7.50 12.52 -9.01
CA ILE G 44 8.81 11.94 -9.24
C ILE G 44 8.77 11.07 -10.48
N LYS G 45 7.72 10.25 -10.61
CA LYS G 45 7.60 9.36 -11.76
C LYS G 45 7.75 10.13 -13.05
N LYS G 46 6.93 11.18 -13.20
CA LYS G 46 6.97 12.00 -14.42
C LYS G 46 8.33 12.66 -14.59
N GLU G 47 8.90 13.20 -13.50
CA GLU G 47 10.17 13.89 -13.61
C GLU G 47 11.24 12.91 -14.08
N PHE G 48 11.26 11.72 -13.50
CA PHE G 48 12.25 10.72 -13.86
C PHE G 48 12.09 10.30 -15.31
N ASP G 49 10.84 10.09 -15.74
CA ASP G 49 10.60 9.62 -17.10
C ASP G 49 11.08 10.66 -18.09
N ARG G 50 10.76 11.93 -17.83
CA ARG G 50 11.23 13.00 -18.71
C ARG G 50 12.74 13.10 -18.67
N LYS G 51 13.32 13.02 -17.46
CA LYS G 51 14.75 13.20 -17.28
C LYS G 51 15.56 12.13 -18.00
N HIS G 52 15.14 10.87 -17.90
CA HIS G 52 15.98 9.83 -18.47
C HIS G 52 15.26 9.05 -19.56
N ASN G 53 14.51 8.04 -19.19
CA ASN G 53 13.86 7.18 -20.16
C ASN G 53 12.40 6.99 -19.81
N PRO G 54 11.58 6.58 -20.78
CA PRO G 54 10.13 6.50 -20.52
C PRO G 54 9.77 5.54 -19.41
N THR G 55 10.43 4.38 -19.33
CA THR G 55 10.06 3.39 -18.34
C THR G 55 10.29 3.94 -16.94
N TRP G 56 9.26 3.86 -16.10
CA TRP G 56 9.36 4.39 -14.74
C TRP G 56 8.31 3.73 -13.87
N HIS G 57 8.52 3.82 -12.56
CA HIS G 57 7.62 3.29 -11.57
C HIS G 57 8.05 3.79 -10.20
N CYS G 58 7.36 4.79 -9.66
CA CYS G 58 7.75 5.40 -8.39
C CYS G 58 6.65 5.15 -7.37
N ILE G 59 7.03 4.58 -6.23
CA ILE G 59 6.15 4.32 -5.12
C ILE G 59 6.70 4.98 -3.86
N VAL G 60 5.82 5.59 -3.06
CA VAL G 60 6.20 6.34 -1.89
C VAL G 60 5.32 5.86 -0.74
N GLY G 61 5.92 5.66 0.42
CA GLY G 61 5.11 5.21 1.54
C GLY G 61 5.87 5.17 2.85
N ARG G 62 5.24 4.60 3.86
CA ARG G 62 5.92 4.33 5.12
C ARG G 62 5.95 2.87 5.55
N ASN G 63 4.91 2.08 5.27
CA ASN G 63 4.85 0.68 5.72
C ASN G 63 4.58 -0.28 4.57
N PHE G 64 5.48 -0.33 3.59
CA PHE G 64 5.26 -1.18 2.42
C PHE G 64 6.46 -2.09 2.20
N GLY G 65 6.20 -3.37 2.04
CA GLY G 65 7.22 -4.34 1.68
C GLY G 65 6.93 -4.94 0.32
N SER G 66 7.80 -4.76 -0.65
CA SER G 66 7.48 -5.19 -2.01
C SER G 66 8.63 -5.89 -2.69
N TYR G 67 8.31 -7.00 -3.35
CA TYR G 67 9.26 -7.73 -4.19
C TYR G 67 8.77 -7.60 -5.63
N VAL G 68 9.58 -6.93 -6.47
CA VAL G 68 9.17 -6.67 -7.84
C VAL G 68 10.31 -7.00 -8.79
N THR G 69 10.00 -7.74 -9.86
CA THR G 69 11.03 -8.06 -10.84
C THR G 69 11.49 -6.75 -11.48
N HIS G 70 12.80 -6.59 -11.64
CA HIS G 70 13.30 -5.33 -12.17
C HIS G 70 14.38 -5.59 -13.20
N GLU G 71 14.50 -4.66 -14.13
CA GLU G 71 15.56 -4.72 -15.14
C GLU G 71 16.84 -4.17 -14.53
N THR G 72 17.92 -4.22 -15.29
CA THR G 72 19.19 -3.77 -14.77
C THR G 72 19.23 -2.24 -14.74
N LYS G 73 20.09 -1.71 -13.88
CA LYS G 73 20.44 -0.29 -13.87
C LYS G 73 19.25 0.61 -13.53
N HIS G 74 18.10 0.02 -13.19
CA HIS G 74 16.87 0.76 -13.02
C HIS G 74 16.15 0.37 -11.73
N PHE G 75 16.85 0.37 -10.61
CA PHE G 75 16.22 0.07 -9.32
C PHE G 75 16.81 0.95 -8.24
N ILE G 76 15.97 1.63 -7.47
CA ILE G 76 16.46 2.40 -6.34
C ILE G 76 15.43 2.38 -5.22
N TYR G 77 15.90 2.15 -4.00
CA TYR G 77 15.08 2.09 -2.80
C TYR G 77 15.79 2.92 -1.75
N PHE G 78 15.20 4.05 -1.37
CA PHE G 78 15.94 5.01 -0.57
C PHE G 78 14.97 5.78 0.33
N TYR G 79 15.51 6.39 1.37
CA TYR G 79 14.70 7.00 2.41
C TYR G 79 14.84 8.51 2.30
N LEU G 80 13.71 9.22 2.30
CA LEU G 80 13.69 10.68 2.39
C LEU G 80 13.01 11.09 3.68
N GLY G 81 13.79 11.52 4.67
CA GLY G 81 13.22 11.86 5.96
C GLY G 81 12.51 10.68 6.60
N GLN G 82 11.18 10.71 6.61
CA GLN G 82 10.38 9.62 7.13
C GLN G 82 9.81 8.72 6.04
N VAL G 83 9.80 9.21 4.82
CA VAL G 83 9.14 8.52 3.72
C VAL G 83 10.14 7.61 3.03
N ALA G 84 9.63 6.61 2.33
CA ALA G 84 10.45 5.63 1.63
C ALA G 84 10.02 5.63 0.17
N ILE G 85 11.01 5.68 -0.73
CA ILE G 85 10.76 5.83 -2.16
C ILE G 85 11.40 4.68 -2.90
N LEU G 86 10.69 4.19 -3.91
CA LEU G 86 11.06 3.04 -4.72
C LEU G 86 10.85 3.42 -6.17
N LEU G 87 11.92 3.46 -6.94
CA LEU G 87 11.89 4.01 -8.29
C LEU G 87 12.60 3.05 -9.21
N PHE G 88 11.90 2.62 -10.26
CA PHE G 88 12.46 1.67 -11.20
C PHE G 88 11.93 2.01 -12.58
N LYS G 89 12.39 1.26 -13.57
CA LYS G 89 11.95 1.46 -14.94
C LYS G 89 10.94 0.38 -15.29
N SER G 90 9.81 0.79 -15.84
CA SER G 90 8.77 -0.13 -16.27
C SER G 90 9.26 -1.04 -17.39
N LYS H 7 -16.45 -11.32 3.71
CA LYS H 7 -16.47 -9.92 3.28
C LYS H 7 -15.07 -9.42 3.00
N ALA H 8 -14.95 -8.53 2.03
CA ALA H 8 -13.67 -7.93 1.63
C ALA H 8 -13.96 -6.77 0.69
N VAL H 9 -12.90 -6.15 0.18
CA VAL H 9 -13.03 -5.01 -0.71
C VAL H 9 -11.98 -5.05 -1.80
N ILE H 10 -12.31 -4.42 -2.92
CA ILE H 10 -11.38 -4.13 -4.00
C ILE H 10 -11.69 -2.68 -4.38
N LYS H 11 -10.77 -1.77 -4.08
CA LYS H 11 -10.97 -0.35 -4.33
C LYS H 11 -10.55 0.08 -5.72
N ASN H 12 -9.97 -0.81 -6.51
CA ASN H 12 -9.64 -0.54 -7.90
C ASN H 12 -9.16 -1.83 -8.52
N ALA H 13 -9.38 -1.97 -9.82
CA ALA H 13 -9.08 -3.25 -10.43
C ALA H 13 -8.94 -3.11 -11.93
N ASP H 14 -8.19 -4.06 -12.48
CA ASP H 14 -8.09 -4.28 -13.91
C ASP H 14 -7.68 -5.74 -14.03
N MET H 15 -8.67 -6.60 -14.26
CA MET H 15 -8.56 -8.04 -14.14
C MET H 15 -9.88 -8.65 -14.57
N SER H 16 -9.83 -9.79 -15.25
CA SER H 16 -11.04 -10.46 -15.69
C SER H 16 -11.64 -11.30 -14.56
N GLU H 17 -12.97 -11.21 -14.43
CA GLU H 17 -13.65 -11.54 -13.19
C GLU H 17 -13.08 -12.80 -12.58
N GLU H 18 -13.00 -13.87 -13.37
CA GLU H 18 -12.52 -15.14 -12.83
C GLU H 18 -11.09 -14.98 -12.33
N MET H 19 -10.28 -14.23 -13.06
CA MET H 19 -8.91 -13.97 -12.61
C MET H 19 -8.93 -13.21 -11.31
N GLN H 20 -9.90 -12.32 -11.13
CA GLN H 20 -9.97 -11.57 -9.89
C GLN H 20 -10.36 -12.48 -8.74
N ALA H 21 -11.33 -13.37 -8.96
CA ALA H 21 -11.67 -14.33 -7.92
C ALA H 21 -10.51 -15.24 -7.59
N ASP H 22 -9.69 -15.55 -8.59
CA ASP H 22 -8.52 -16.38 -8.35
C ASP H 22 -7.51 -15.63 -7.51
N ALA H 23 -7.28 -14.36 -7.85
CA ALA H 23 -6.41 -13.52 -7.05
C ALA H 23 -6.88 -13.46 -5.60
N VAL H 24 -8.20 -13.33 -5.40
CA VAL H 24 -8.73 -13.23 -4.05
C VAL H 24 -8.48 -14.53 -3.28
N ASP H 25 -8.71 -15.66 -3.94
CA ASP H 25 -8.54 -16.94 -3.24
C ASP H 25 -7.07 -17.18 -2.95
N CYS H 26 -6.20 -16.75 -3.88
CA CYS H 26 -4.77 -16.85 -3.65
C CYS H 26 -4.35 -15.98 -2.48
N ALA H 27 -4.86 -14.75 -2.41
CA ALA H 27 -4.56 -13.90 -1.27
C ALA H 27 -5.04 -14.51 0.03
N THR H 28 -6.14 -15.24 -0.01
CA THR H 28 -6.62 -15.86 1.21
C THR H 28 -5.67 -16.97 1.63
N GLN H 29 -5.33 -17.85 0.70
CA GLN H 29 -4.43 -18.96 1.02
C GLN H 29 -3.04 -18.48 1.37
N ALA H 30 -2.64 -17.31 0.88
CA ALA H 30 -1.37 -16.72 1.32
C ALA H 30 -1.47 -16.22 2.74
N LEU H 31 -2.47 -15.38 3.03
CA LEU H 31 -2.62 -14.87 4.39
C LEU H 31 -2.68 -16.02 5.36
N GLU H 32 -3.23 -17.14 4.92
CA GLU H 32 -3.32 -18.33 5.75
C GLU H 32 -1.93 -18.91 6.00
N LYS H 33 -1.12 -19.01 4.95
CA LYS H 33 0.16 -19.72 5.01
C LYS H 33 1.36 -18.78 5.04
N TYR H 34 1.24 -17.63 5.70
CA TYR H 34 2.36 -16.71 5.72
C TYR H 34 2.19 -15.73 6.88
N ASN H 35 3.32 -15.25 7.38
CA ASN H 35 3.35 -14.23 8.41
C ASN H 35 4.05 -12.98 7.92
N ILE H 36 5.26 -13.13 7.39
CA ILE H 36 6.02 -11.99 6.90
C ILE H 36 5.35 -11.45 5.65
N GLU H 37 5.61 -10.17 5.37
CA GLU H 37 4.89 -9.57 4.26
C GLU H 37 5.58 -9.92 2.95
N LYS H 38 6.86 -9.58 2.81
CA LYS H 38 7.57 -9.82 1.56
C LYS H 38 7.41 -11.26 1.09
N ASP H 39 7.25 -12.21 2.03
CA ASP H 39 6.96 -13.59 1.66
C ASP H 39 5.57 -13.72 1.04
N ILE H 40 4.57 -13.11 1.66
CA ILE H 40 3.22 -13.16 1.08
C ILE H 40 3.23 -12.55 -0.31
N ALA H 41 3.93 -11.42 -0.48
CA ALA H 41 4.02 -10.79 -1.79
C ALA H 41 4.67 -11.72 -2.79
N ALA H 42 5.77 -12.36 -2.39
CA ALA H 42 6.44 -13.28 -3.30
C ALA H 42 5.54 -14.43 -3.68
N TYR H 43 4.80 -14.97 -2.70
CA TYR H 43 3.89 -16.07 -2.98
C TYR H 43 2.84 -15.65 -4.00
N ILE H 44 2.17 -14.53 -3.73
CA ILE H 44 1.06 -14.10 -4.59
C ILE H 44 1.59 -13.78 -5.98
N LYS H 45 2.74 -13.12 -6.05
CA LYS H 45 3.28 -12.73 -7.34
C LYS H 45 3.72 -13.95 -8.13
N LYS H 46 4.37 -14.92 -7.46
CA LYS H 46 4.76 -16.14 -8.13
C LYS H 46 3.54 -16.87 -8.64
N GLU H 47 2.50 -16.94 -7.82
CA GLU H 47 1.25 -17.60 -8.22
C GLU H 47 0.70 -16.97 -9.49
N PHE H 48 0.36 -15.68 -9.43
CA PHE H 48 -0.24 -15.04 -10.60
C PHE H 48 0.66 -15.12 -11.82
N ASP H 49 1.96 -14.85 -11.66
CA ASP H 49 2.89 -14.93 -12.78
C ASP H 49 2.93 -16.33 -13.39
N ARG H 50 2.69 -17.36 -12.59
CA ARG H 50 2.69 -18.73 -13.08
C ARG H 50 1.34 -19.14 -13.63
N LYS H 51 0.30 -18.41 -13.27
CA LYS H 51 -1.06 -18.71 -13.68
C LYS H 51 -1.51 -17.76 -14.78
N HIS H 52 -1.06 -16.52 -14.73
CA HIS H 52 -1.52 -15.48 -15.64
C HIS H 52 -0.33 -14.86 -16.36
N ASN H 53 0.54 -15.72 -16.90
CA ASN H 53 1.44 -15.33 -17.98
C ASN H 53 2.41 -14.22 -17.59
N PRO H 54 3.53 -14.55 -16.94
CA PRO H 54 4.46 -13.51 -16.46
C PRO H 54 4.71 -12.38 -17.46
N THR H 55 5.17 -11.23 -16.99
CA THR H 55 5.70 -11.06 -15.65
C THR H 55 4.65 -10.40 -14.79
N TRP H 56 4.88 -10.42 -13.49
CA TRP H 56 4.09 -9.64 -12.56
C TRP H 56 5.02 -8.87 -11.62
N HIS H 57 4.39 -8.10 -10.76
CA HIS H 57 5.02 -7.44 -9.63
C HIS H 57 3.94 -7.30 -8.58
N CYS H 58 4.32 -7.47 -7.32
CA CYS H 58 3.43 -7.28 -6.19
C CYS H 58 4.07 -6.39 -5.14
N ILE H 59 3.21 -5.63 -4.45
CA ILE H 59 3.66 -4.72 -3.41
C ILE H 59 2.61 -4.72 -2.31
N VAL H 60 3.03 -5.08 -1.11
CA VAL H 60 2.12 -5.31 0.00
C VAL H 60 2.54 -4.40 1.14
N GLY H 61 1.57 -3.77 1.79
CA GLY H 61 1.92 -2.92 2.89
C GLY H 61 0.75 -2.53 3.75
N ARG H 62 0.93 -1.44 4.46
CA ARG H 62 -0.08 -0.93 5.37
C ARG H 62 -0.25 0.58 5.26
N ASN H 63 0.76 1.31 4.80
CA ASN H 63 0.66 2.77 4.70
C ASN H 63 1.62 3.18 3.60
N PHE H 64 1.08 3.48 2.42
CA PHE H 64 1.89 3.76 1.26
C PHE H 64 1.02 4.37 0.17
N GLY H 65 1.58 5.35 -0.52
CA GLY H 65 0.87 6.08 -1.57
C GLY H 65 1.45 5.66 -2.91
N SER H 66 0.59 5.42 -3.88
CA SER H 66 1.04 4.75 -5.09
C SER H 66 0.57 5.52 -6.31
N TYR H 67 1.50 5.71 -7.24
CA TYR H 67 1.21 6.12 -8.61
C TYR H 67 2.09 5.27 -9.53
N VAL H 68 1.49 4.66 -10.55
CA VAL H 68 2.22 3.78 -11.45
C VAL H 68 1.58 3.82 -12.82
N THR H 69 2.30 3.27 -13.80
CA THR H 69 1.87 3.16 -15.19
C THR H 69 1.79 1.67 -15.52
N HIS H 70 0.63 1.09 -15.25
CA HIS H 70 0.45 -0.35 -15.35
C HIS H 70 0.21 -0.76 -16.79
N GLU H 71 -0.21 -2.01 -16.97
CA GLU H 71 -0.62 -2.55 -18.25
C GLU H 71 -2.08 -2.95 -18.14
N THR H 72 -2.86 -2.64 -19.18
CA THR H 72 -4.30 -2.75 -19.11
C THR H 72 -4.73 -4.12 -18.62
N LYS H 73 -5.80 -4.14 -17.82
CA LYS H 73 -6.36 -5.37 -17.29
C LYS H 73 -5.32 -6.19 -16.54
N HIS H 74 -4.33 -5.53 -15.97
CA HIS H 74 -3.36 -6.22 -15.13
C HIS H 74 -2.98 -5.39 -13.91
N PHE H 75 -3.95 -4.77 -13.24
CA PHE H 75 -3.61 -3.85 -12.16
C PHE H 75 -4.72 -3.82 -11.13
N ILE H 76 -4.48 -4.43 -9.98
CA ILE H 76 -5.52 -4.60 -8.97
C ILE H 76 -5.01 -4.05 -7.65
N TYR H 77 -5.93 -3.50 -6.87
CA TYR H 77 -5.63 -2.93 -5.57
C TYR H 77 -6.72 -3.37 -4.60
N PHE H 78 -6.36 -4.09 -3.55
CA PHE H 78 -7.43 -4.48 -2.64
C PHE H 78 -6.91 -4.61 -1.23
N TYR H 79 -7.83 -4.41 -0.30
CA TYR H 79 -7.56 -4.38 1.13
C TYR H 79 -8.08 -5.67 1.75
N LEU H 80 -7.22 -6.38 2.48
CA LEU H 80 -7.68 -7.58 3.15
C LEU H 80 -7.08 -7.61 4.55
N GLY H 81 -7.88 -8.09 5.50
CA GLY H 81 -7.45 -8.18 6.89
C GLY H 81 -6.78 -6.91 7.35
N GLN H 82 -5.51 -7.02 7.76
CA GLN H 82 -4.76 -5.83 8.13
C GLN H 82 -4.41 -4.99 6.90
N VAL H 83 -3.81 -5.61 5.89
CA VAL H 83 -2.94 -4.91 4.96
C VAL H 83 -3.69 -4.52 3.69
N ALA H 84 -3.05 -3.70 2.86
CA ALA H 84 -3.46 -3.44 1.49
C ALA H 84 -2.42 -3.93 0.48
N ILE H 85 -2.91 -4.55 -0.60
CA ILE H 85 -2.08 -5.28 -1.55
C ILE H 85 -2.30 -4.68 -2.94
N LEU H 86 -1.21 -4.41 -3.64
CA LEU H 86 -1.22 -3.91 -5.01
C LEU H 86 -0.52 -4.94 -5.88
N LEU H 87 -1.12 -5.24 -7.03
CA LEU H 87 -0.64 -6.31 -7.89
C LEU H 87 -0.76 -5.88 -9.33
N PHE H 88 0.34 -5.92 -10.07
CA PHE H 88 0.31 -5.41 -11.42
C PHE H 88 1.43 -6.07 -12.21
N LYS H 89 1.13 -6.39 -13.46
CA LYS H 89 2.06 -7.08 -14.33
C LYS H 89 2.90 -6.10 -15.12
N SER H 90 4.18 -6.40 -15.21
CA SER H 90 5.14 -5.61 -15.96
C SER H 90 4.65 -5.35 -17.39
N LYS I 7 22.34 -24.52 -56.45
CA LYS I 7 22.37 -25.76 -55.69
C LYS I 7 21.19 -25.84 -54.74
N ALA I 8 20.21 -26.66 -55.10
CA ALA I 8 18.99 -26.83 -54.34
C ALA I 8 19.21 -27.87 -53.26
N VAL I 9 18.90 -27.51 -52.02
CA VAL I 9 18.85 -28.45 -50.91
C VAL I 9 17.41 -28.74 -50.51
N ILE I 10 17.13 -30.02 -50.28
CA ILE I 10 15.80 -30.54 -49.98
C ILE I 10 15.71 -31.03 -48.54
N LYS I 11 15.25 -30.18 -47.63
CA LYS I 11 15.15 -30.57 -46.23
C LYS I 11 14.19 -31.74 -46.06
N ASN I 12 12.91 -31.53 -46.39
CA ASN I 12 11.86 -32.51 -46.17
C ASN I 12 11.51 -33.13 -47.51
N ALA I 13 11.39 -34.45 -47.54
CA ALA I 13 11.25 -35.15 -48.81
C ALA I 13 10.29 -36.33 -48.71
N ASP I 14 9.34 -36.36 -49.62
CA ASP I 14 8.50 -37.51 -49.92
C ASP I 14 8.30 -37.41 -51.42
N MET I 15 9.21 -38.00 -52.18
CA MET I 15 9.34 -37.74 -53.61
C MET I 15 10.41 -38.62 -54.23
N SER I 16 10.29 -38.89 -55.53
CA SER I 16 11.31 -39.63 -56.27
C SER I 16 12.54 -38.79 -56.54
N GLU I 17 13.69 -39.25 -56.05
CA GLU I 17 14.90 -38.45 -56.18
C GLU I 17 15.04 -37.96 -57.60
N GLU I 18 14.53 -38.74 -58.55
CA GLU I 18 14.49 -38.28 -59.93
C GLU I 18 13.59 -37.07 -60.04
N MET I 19 12.37 -37.16 -59.51
CA MET I 19 11.47 -36.03 -59.53
C MET I 19 11.95 -34.92 -58.61
N GLN I 20 12.72 -35.25 -57.58
CA GLN I 20 13.36 -34.24 -56.76
C GLN I 20 14.33 -33.40 -57.59
N ALA I 21 15.25 -34.07 -58.28
CA ALA I 21 16.16 -33.40 -59.20
C ALA I 21 15.39 -32.59 -60.23
N ASP I 22 14.31 -33.16 -60.77
CA ASP I 22 13.41 -32.45 -61.67
C ASP I 22 13.05 -31.09 -61.06
N ALA I 23 12.50 -31.13 -59.85
CA ALA I 23 12.02 -29.93 -59.20
C ALA I 23 13.16 -28.92 -59.02
N VAL I 24 14.35 -29.39 -58.63
CA VAL I 24 15.46 -28.47 -58.43
C VAL I 24 15.81 -27.75 -59.73
N ASP I 25 15.92 -28.49 -60.83
CA ASP I 25 16.27 -27.86 -62.10
C ASP I 25 15.18 -26.89 -62.56
N CYS I 26 13.91 -27.28 -62.42
CA CYS I 26 12.80 -26.39 -62.68
C CYS I 26 12.95 -25.07 -61.92
N ALA I 27 13.21 -25.17 -60.62
CA ALA I 27 13.32 -23.98 -59.80
C ALA I 27 14.50 -23.13 -60.27
N THR I 28 15.57 -23.78 -60.70
CA THR I 28 16.71 -23.03 -61.20
C THR I 28 16.29 -22.22 -62.42
N GLN I 29 15.67 -22.88 -63.39
CA GLN I 29 15.16 -22.17 -64.57
C GLN I 29 14.24 -21.02 -64.19
N ALA I 30 13.32 -21.25 -63.25
CA ALA I 30 12.38 -20.19 -62.89
C ALA I 30 13.09 -19.00 -62.28
N LEU I 31 14.00 -19.25 -61.32
CA LEU I 31 14.74 -18.14 -60.73
C LEU I 31 15.58 -17.44 -61.79
N GLU I 32 16.04 -18.20 -62.78
CA GLU I 32 16.78 -17.62 -63.88
C GLU I 32 15.88 -16.69 -64.64
N LYS I 33 14.58 -16.97 -64.61
CA LYS I 33 13.64 -16.37 -65.55
C LYS I 33 12.62 -15.54 -64.80
N TYR I 34 12.94 -15.14 -63.57
CA TYR I 34 12.00 -14.40 -62.78
C TYR I 34 12.77 -13.61 -61.72
N ASN I 35 12.13 -12.60 -61.26
CA ASN I 35 12.58 -11.72 -60.19
C ASN I 35 11.51 -11.63 -59.12
N ILE I 36 10.26 -11.54 -59.54
CA ILE I 36 9.09 -11.54 -58.68
C ILE I 36 8.81 -12.97 -58.27
N GLU I 37 8.68 -13.21 -56.96
CA GLU I 37 8.51 -14.59 -56.55
C GLU I 37 7.14 -15.12 -56.94
N LYS I 38 6.16 -14.23 -57.17
CA LYS I 38 4.94 -14.68 -57.83
C LYS I 38 5.26 -15.21 -59.22
N ASP I 39 6.27 -14.64 -59.88
CA ASP I 39 6.59 -15.09 -61.24
C ASP I 39 7.52 -16.29 -61.23
N ILE I 40 8.41 -16.35 -60.25
CA ILE I 40 9.11 -17.60 -59.96
C ILE I 40 8.08 -18.72 -59.79
N ALA I 41 7.06 -18.47 -58.96
CA ALA I 41 5.95 -19.39 -58.80
C ALA I 41 5.33 -19.73 -60.14
N ALA I 42 5.09 -18.72 -60.97
CA ALA I 42 4.47 -18.92 -62.27
C ALA I 42 5.27 -19.93 -63.09
N TYR I 43 6.53 -19.60 -63.36
CA TYR I 43 7.40 -20.45 -64.18
C TYR I 43 7.50 -21.83 -63.55
N ILE I 44 7.87 -21.87 -62.27
CA ILE I 44 8.09 -23.13 -61.58
C ILE I 44 6.85 -24.00 -61.73
N LYS I 45 5.68 -23.43 -61.42
CA LYS I 45 4.45 -24.19 -61.42
C LYS I 45 4.15 -24.71 -62.82
N LYS I 46 4.28 -23.84 -63.83
CA LYS I 46 3.86 -24.24 -65.16
C LYS I 46 4.79 -25.34 -65.68
N GLU I 47 6.10 -25.14 -65.57
CA GLU I 47 7.04 -26.16 -66.05
C GLU I 47 6.90 -27.44 -65.24
N PHE I 48 6.85 -27.32 -63.91
CA PHE I 48 6.72 -28.47 -63.04
C PHE I 48 5.35 -29.11 -63.17
N ASP I 49 4.42 -28.46 -63.85
CA ASP I 49 3.21 -29.20 -64.15
C ASP I 49 3.47 -29.97 -65.42
N ARG I 50 3.98 -29.27 -66.44
CA ARG I 50 4.20 -29.96 -67.70
C ARG I 50 5.26 -31.03 -67.50
N LYS I 51 6.36 -30.67 -66.83
CA LYS I 51 7.44 -31.63 -66.62
C LYS I 51 7.03 -32.74 -65.66
N HIS I 52 6.42 -32.37 -64.53
CA HIS I 52 6.34 -33.28 -63.39
C HIS I 52 4.95 -33.88 -63.21
N ASN I 53 4.28 -34.24 -64.30
CA ASN I 53 3.05 -35.04 -64.24
C ASN I 53 1.94 -34.40 -63.43
N PRO I 54 1.26 -33.38 -63.97
CA PRO I 54 0.22 -32.65 -63.20
C PRO I 54 -0.72 -33.56 -62.40
N THR I 55 -1.28 -33.07 -61.29
CA THR I 55 -1.25 -31.66 -60.97
C THR I 55 -0.18 -31.42 -59.94
N TRP I 56 -0.14 -30.20 -59.43
CA TRP I 56 0.88 -29.84 -58.45
C TRP I 56 0.36 -28.67 -57.64
N HIS I 57 1.27 -28.08 -56.87
CA HIS I 57 1.00 -27.00 -55.95
C HIS I 57 2.35 -26.53 -55.46
N CYS I 58 2.46 -25.23 -55.21
CA CYS I 58 3.75 -24.62 -54.94
C CYS I 58 3.57 -23.51 -53.93
N ILE I 59 4.61 -23.30 -53.13
CA ILE I 59 4.81 -22.06 -52.40
C ILE I 59 6.29 -21.71 -52.46
N VAL I 60 6.57 -20.43 -52.57
CA VAL I 60 7.92 -19.88 -52.59
C VAL I 60 7.87 -18.68 -51.65
N GLY I 61 8.60 -18.75 -50.55
CA GLY I 61 8.53 -17.64 -49.62
C GLY I 61 9.76 -17.52 -48.75
N ARG I 62 9.75 -16.43 -47.98
CA ARG I 62 10.73 -16.20 -46.93
C ARG I 62 10.28 -16.69 -45.56
N ASN I 63 9.02 -16.55 -45.20
CA ASN I 63 8.64 -16.93 -43.84
C ASN I 63 7.24 -17.52 -43.78
N PHE I 64 7.18 -18.82 -43.46
CA PHE I 64 5.94 -19.53 -43.23
C PHE I 64 6.26 -20.93 -42.70
N GLY I 65 5.39 -21.42 -41.83
CA GLY I 65 5.49 -22.76 -41.28
C GLY I 65 4.23 -23.55 -41.60
N SER I 66 4.38 -24.86 -41.81
CA SER I 66 3.18 -25.58 -42.19
C SER I 66 3.19 -26.99 -41.61
N TYR I 67 1.99 -27.56 -41.53
CA TYR I 67 1.72 -28.90 -40.98
C TYR I 67 0.68 -29.57 -41.88
N VAL I 68 1.12 -30.36 -42.85
CA VAL I 68 0.17 -30.77 -43.88
C VAL I 68 0.10 -32.28 -43.98
N THR I 69 -1.11 -32.75 -44.28
CA THR I 69 -1.42 -34.15 -44.53
C THR I 69 -1.69 -34.24 -46.03
N HIS I 70 -0.86 -34.97 -46.73
CA HIS I 70 -0.85 -35.02 -48.18
C HIS I 70 -1.18 -36.42 -48.66
N GLU I 71 -1.08 -36.59 -49.96
CA GLU I 71 -1.32 -37.87 -50.60
C GLU I 71 0.05 -38.51 -50.75
N THR I 72 0.10 -39.81 -50.47
CA THR I 72 1.36 -40.53 -50.43
C THR I 72 2.22 -40.25 -51.64
N LYS I 73 3.52 -40.08 -51.38
CA LYS I 73 4.57 -39.99 -52.39
C LYS I 73 4.53 -38.68 -53.18
N HIS I 74 3.90 -37.63 -52.67
CA HIS I 74 3.89 -36.41 -53.46
C HIS I 74 4.05 -35.15 -52.61
N PHE I 75 4.97 -35.15 -51.63
CA PHE I 75 5.07 -34.07 -50.66
C PHE I 75 6.54 -33.64 -50.52
N ILE I 76 6.92 -32.45 -51.01
CA ILE I 76 8.31 -32.04 -50.97
C ILE I 76 8.43 -30.63 -50.39
N TYR I 77 9.42 -30.43 -49.54
CA TYR I 77 9.68 -29.15 -48.89
C TYR I 77 11.18 -28.92 -48.93
N PHE I 78 11.63 -27.92 -49.70
CA PHE I 78 13.04 -27.78 -49.99
C PHE I 78 13.39 -26.30 -50.02
N TYR I 79 14.66 -26.01 -50.26
CA TYR I 79 15.18 -24.65 -50.12
C TYR I 79 15.99 -24.33 -51.37
N LEU I 80 15.59 -23.29 -52.08
CA LEU I 80 16.40 -22.77 -53.17
C LEU I 80 17.21 -21.62 -52.57
N GLY I 81 18.47 -21.93 -52.25
CA GLY I 81 19.36 -20.92 -51.69
C GLY I 81 18.82 -20.34 -50.41
N GLN I 82 18.31 -19.12 -50.50
CA GLN I 82 17.82 -18.40 -49.34
C GLN I 82 16.30 -18.45 -49.21
N VAL I 83 15.59 -18.68 -50.31
CA VAL I 83 14.14 -18.66 -50.33
C VAL I 83 13.66 -20.10 -50.32
N ALA I 84 12.73 -20.41 -49.43
CA ALA I 84 12.30 -21.80 -49.38
C ALA I 84 11.09 -22.02 -50.25
N ILE I 85 10.94 -23.25 -50.72
CA ILE I 85 9.91 -23.61 -51.68
C ILE I 85 9.34 -24.96 -51.26
N LEU I 86 8.02 -25.04 -51.19
CA LEU I 86 7.33 -26.29 -51.01
C LEU I 86 6.64 -26.61 -52.32
N LEU I 87 6.59 -27.89 -52.67
CA LEU I 87 5.89 -28.32 -53.87
C LEU I 87 5.34 -29.70 -53.64
N PHE I 88 4.08 -29.89 -54.02
CA PHE I 88 3.47 -31.19 -53.78
C PHE I 88 2.21 -31.33 -54.62
N LYS I 89 1.51 -32.43 -54.40
CA LYS I 89 0.31 -32.79 -55.15
C LYS I 89 -0.86 -32.83 -54.19
N SER I 90 -2.05 -33.01 -54.74
CA SER I 90 -3.27 -33.04 -53.93
C SER I 90 -3.24 -34.18 -52.91
N LYS J 7 -8.67 -4.41 -36.65
CA LYS J 7 -7.57 -5.26 -36.19
C LYS J 7 -7.25 -6.32 -37.23
N ALA J 8 -8.26 -7.12 -37.58
CA ALA J 8 -8.12 -8.18 -38.55
C ALA J 8 -8.98 -7.87 -39.76
N VAL J 9 -8.38 -7.93 -40.94
CA VAL J 9 -9.07 -7.67 -42.20
C VAL J 9 -8.91 -8.91 -43.05
N ILE J 10 -10.00 -9.34 -43.68
CA ILE J 10 -9.95 -10.48 -44.58
C ILE J 10 -9.49 -9.97 -45.93
N LYS J 11 -8.21 -10.21 -46.25
CA LYS J 11 -7.68 -9.75 -47.52
C LYS J 11 -8.36 -10.44 -48.69
N ASN J 12 -8.51 -11.76 -48.62
CA ASN J 12 -9.23 -12.51 -49.65
C ASN J 12 -10.22 -13.44 -49.00
N ALA J 13 -11.49 -13.32 -49.40
CA ALA J 13 -12.55 -14.22 -48.96
C ALA J 13 -13.15 -14.88 -50.18
N ASP J 14 -13.08 -16.21 -50.25
CA ASP J 14 -13.61 -16.94 -51.39
C ASP J 14 -14.63 -17.98 -50.95
N MET J 15 -15.30 -17.73 -49.82
CA MET J 15 -16.22 -18.67 -49.22
C MET J 15 -17.39 -17.90 -48.61
N SER J 16 -18.34 -18.64 -48.05
CA SER J 16 -19.48 -18.03 -47.38
C SER J 16 -19.07 -17.26 -46.13
N GLU J 17 -19.68 -16.08 -45.95
CA GLU J 17 -19.41 -15.27 -44.77
C GLU J 17 -19.73 -16.01 -43.48
N GLU J 18 -20.59 -17.02 -43.54
CA GLU J 18 -20.83 -17.84 -42.37
C GLU J 18 -19.59 -18.63 -42.02
N MET J 19 -19.08 -19.39 -42.99
CA MET J 19 -17.83 -20.09 -42.80
C MET J 19 -16.70 -19.12 -42.48
N GLN J 20 -16.77 -17.90 -43.00
CA GLN J 20 -15.73 -16.94 -42.69
C GLN J 20 -15.77 -16.54 -41.21
N ALA J 21 -16.96 -16.29 -40.69
CA ALA J 21 -17.08 -16.05 -39.25
C ALA J 21 -16.57 -17.24 -38.46
N ASP J 22 -17.00 -18.43 -38.87
CA ASP J 22 -16.50 -19.68 -38.28
C ASP J 22 -14.99 -19.65 -38.21
N ALA J 23 -14.35 -19.34 -39.34
CA ALA J 23 -12.91 -19.44 -39.43
C ALA J 23 -12.26 -18.38 -38.58
N VAL J 24 -12.81 -17.18 -38.58
CA VAL J 24 -12.26 -16.11 -37.76
C VAL J 24 -12.25 -16.53 -36.30
N ASP J 25 -13.38 -17.05 -35.82
CA ASP J 25 -13.42 -17.50 -34.43
C ASP J 25 -12.45 -18.64 -34.20
N CYS J 26 -12.38 -19.56 -35.16
CA CYS J 26 -11.40 -20.64 -35.09
C CYS J 26 -10.00 -20.07 -34.94
N ALA J 27 -9.70 -19.01 -35.66
CA ALA J 27 -8.36 -18.44 -35.65
C ALA J 27 -8.09 -17.74 -34.33
N THR J 28 -9.09 -17.07 -33.79
CA THR J 28 -8.95 -16.51 -32.47
C THR J 28 -8.57 -17.60 -31.48
N GLN J 29 -9.33 -18.69 -31.49
CA GLN J 29 -8.99 -19.84 -30.65
C GLN J 29 -7.59 -20.35 -30.92
N ALA J 30 -7.20 -20.44 -32.19
CA ALA J 30 -5.88 -20.94 -32.54
C ALA J 30 -4.79 -20.07 -31.91
N LEU J 31 -4.84 -18.77 -32.16
CA LEU J 31 -3.86 -17.86 -31.57
C LEU J 31 -3.86 -17.99 -30.07
N GLU J 32 -5.04 -18.19 -29.47
CA GLU J 32 -5.11 -18.52 -28.07
C GLU J 32 -4.19 -19.69 -27.76
N LYS J 33 -4.44 -20.82 -28.41
CA LYS J 33 -3.90 -22.09 -27.95
C LYS J 33 -2.40 -22.15 -28.16
N TYR J 34 -1.92 -21.72 -29.32
CA TYR J 34 -0.53 -21.94 -29.69
C TYR J 34 0.11 -20.60 -30.06
N ASN J 35 1.43 -20.64 -30.18
CA ASN J 35 2.22 -19.48 -30.59
C ASN J 35 3.00 -19.76 -31.87
N ILE J 36 3.69 -20.91 -31.95
CA ILE J 36 4.41 -21.26 -33.16
C ILE J 36 3.40 -21.46 -34.27
N GLU J 37 3.60 -20.75 -35.39
CA GLU J 37 2.59 -20.77 -36.45
C GLU J 37 2.29 -22.19 -36.91
N LYS J 38 3.27 -23.09 -36.78
CA LYS J 38 3.04 -24.46 -37.25
C LYS J 38 1.93 -25.10 -36.43
N ASP J 39 1.99 -24.94 -35.11
CA ASP J 39 0.96 -25.50 -34.23
C ASP J 39 -0.38 -24.83 -34.48
N ILE J 40 -0.39 -23.52 -34.65
CA ILE J 40 -1.65 -22.80 -34.83
C ILE J 40 -2.32 -23.28 -36.10
N ALA J 41 -1.54 -23.41 -37.17
CA ALA J 41 -2.10 -23.89 -38.44
C ALA J 41 -2.58 -25.32 -38.28
N ALA J 42 -1.80 -26.16 -37.59
CA ALA J 42 -2.21 -27.54 -37.37
C ALA J 42 -3.59 -27.57 -36.73
N TYR J 43 -3.75 -26.84 -35.63
CA TYR J 43 -5.00 -26.89 -34.89
C TYR J 43 -6.14 -26.36 -35.73
N ILE J 44 -5.92 -25.26 -36.45
CA ILE J 44 -6.97 -24.68 -37.26
C ILE J 44 -7.37 -25.66 -38.35
N LYS J 45 -6.40 -26.31 -38.97
CA LYS J 45 -6.66 -27.22 -40.07
C LYS J 45 -7.41 -28.45 -39.58
N LYS J 46 -7.03 -28.95 -38.40
CA LYS J 46 -7.76 -30.08 -37.84
C LYS J 46 -9.20 -29.69 -37.57
N GLU J 47 -9.40 -28.60 -36.84
CA GLU J 47 -10.74 -28.15 -36.50
C GLU J 47 -11.58 -27.91 -37.75
N PHE J 48 -10.95 -27.50 -38.85
CA PHE J 48 -11.70 -27.19 -40.05
C PHE J 48 -11.98 -28.40 -40.91
N ASP J 49 -11.00 -29.27 -41.10
CA ASP J 49 -11.26 -30.51 -41.80
C ASP J 49 -12.26 -31.36 -41.03
N ARG J 50 -12.39 -31.10 -39.73
CA ARG J 50 -13.53 -31.64 -38.99
C ARG J 50 -14.79 -30.92 -39.39
N LYS J 51 -14.83 -29.61 -39.18
CA LYS J 51 -16.05 -28.85 -39.40
C LYS J 51 -16.34 -28.65 -40.89
N HIS J 52 -15.35 -28.81 -41.76
CA HIS J 52 -15.50 -28.40 -43.15
C HIS J 52 -14.82 -29.39 -44.07
N ASN J 53 -15.15 -30.66 -43.90
CA ASN J 53 -15.13 -31.63 -44.99
C ASN J 53 -13.73 -31.87 -45.55
N PRO J 54 -12.91 -32.66 -44.87
CA PRO J 54 -11.52 -32.86 -45.32
C PRO J 54 -11.37 -33.10 -46.81
N THR J 55 -10.37 -32.49 -47.43
CA THR J 55 -9.36 -31.77 -46.66
C THR J 55 -9.24 -30.33 -47.14
N TRP J 56 -8.69 -29.51 -46.26
CA TRP J 56 -8.16 -28.19 -46.57
C TRP J 56 -6.70 -28.11 -46.13
N HIS J 57 -6.04 -27.07 -46.61
CA HIS J 57 -4.67 -26.75 -46.26
C HIS J 57 -4.68 -25.36 -45.66
N CYS J 58 -3.81 -25.15 -44.68
CA CYS J 58 -3.64 -23.86 -44.02
C CYS J 58 -2.19 -23.42 -44.06
N ILE J 59 -1.96 -22.23 -44.60
CA ILE J 59 -0.66 -21.58 -44.54
C ILE J 59 -0.80 -20.29 -43.75
N VAL J 60 0.22 -19.98 -42.95
CA VAL J 60 0.23 -18.82 -42.08
C VAL J 60 1.64 -18.25 -42.09
N GLY J 61 1.75 -16.93 -42.09
CA GLY J 61 3.06 -16.34 -41.98
C GLY J 61 2.99 -14.84 -42.04
N ARG J 62 4.16 -14.22 -41.84
CA ARG J 62 4.28 -12.78 -42.04
C ARG J 62 4.70 -12.41 -43.45
N ASN J 63 5.30 -13.33 -44.21
CA ASN J 63 5.93 -12.90 -45.46
C ASN J 63 5.92 -14.03 -46.49
N PHE J 64 4.98 -13.97 -47.42
CA PHE J 64 4.92 -14.92 -48.53
C PHE J 64 4.16 -14.27 -49.67
N GLY J 65 4.02 -14.99 -50.78
CA GLY J 65 3.19 -14.55 -51.89
C GLY J 65 2.90 -15.64 -52.90
N SER J 66 1.67 -15.80 -53.36
CA SER J 66 1.37 -17.02 -54.10
C SER J 66 0.09 -16.89 -54.89
N TYR J 67 0.01 -17.70 -55.95
CA TYR J 67 -1.16 -17.90 -56.78
C TYR J 67 -1.80 -19.24 -56.46
N VAL J 68 -3.12 -19.30 -56.58
CA VAL J 68 -3.77 -20.60 -56.42
C VAL J 68 -4.97 -20.70 -57.36
N THR J 69 -5.08 -21.84 -58.01
CA THR J 69 -6.18 -22.17 -58.91
C THR J 69 -7.26 -22.89 -58.11
N HIS J 70 -7.66 -22.26 -57.01
CA HIS J 70 -8.57 -22.84 -56.05
C HIS J 70 -9.95 -23.11 -56.61
N GLU J 71 -10.80 -23.72 -55.79
CA GLU J 71 -12.18 -23.97 -56.13
C GLU J 71 -13.09 -23.36 -55.08
N THR J 72 -14.34 -23.17 -55.50
CA THR J 72 -15.35 -22.41 -54.76
C THR J 72 -15.47 -22.84 -53.31
N LYS J 73 -15.89 -21.89 -52.48
CA LYS J 73 -16.11 -22.11 -51.05
C LYS J 73 -14.84 -22.51 -50.31
N HIS J 74 -13.72 -21.92 -50.67
CA HIS J 74 -12.48 -22.16 -49.95
C HIS J 74 -11.65 -20.89 -50.06
N PHE J 75 -10.36 -20.99 -49.76
CA PHE J 75 -9.37 -19.95 -50.02
C PHE J 75 -9.74 -18.62 -49.35
N ILE J 76 -9.71 -18.62 -48.04
CA ILE J 76 -9.80 -17.35 -47.33
C ILE J 76 -8.38 -16.85 -47.16
N TYR J 77 -8.21 -15.53 -47.18
CA TYR J 77 -6.92 -14.92 -46.88
C TYR J 77 -7.15 -13.69 -46.03
N PHE J 78 -6.70 -13.72 -44.78
CA PHE J 78 -6.99 -12.64 -43.87
C PHE J 78 -5.73 -12.30 -43.09
N TYR J 79 -5.85 -11.36 -42.17
CA TYR J 79 -4.80 -11.11 -41.20
C TYR J 79 -5.32 -11.42 -39.82
N LEU J 80 -4.40 -11.48 -38.86
CA LEU J 80 -4.73 -11.31 -37.45
C LEU J 80 -3.56 -10.58 -36.81
N GLY J 81 -3.79 -9.35 -36.38
CA GLY J 81 -2.65 -8.51 -36.13
C GLY J 81 -1.94 -8.30 -37.45
N GLN J 82 -0.78 -8.93 -37.60
CA GLN J 82 -0.13 -9.01 -38.90
C GLN J 82 0.19 -10.43 -39.33
N VAL J 83 -0.28 -11.43 -38.59
CA VAL J 83 -0.13 -12.81 -39.02
C VAL J 83 -1.12 -13.07 -40.14
N ALA J 84 -0.64 -13.08 -41.38
CA ALA J 84 -1.50 -13.39 -42.52
C ALA J 84 -1.79 -14.87 -42.58
N ILE J 85 -3.03 -15.23 -42.90
CA ILE J 85 -3.46 -16.62 -42.92
C ILE J 85 -4.24 -16.89 -44.19
N LEU J 86 -3.73 -17.81 -45.00
CA LEU J 86 -4.36 -18.35 -46.19
C LEU J 86 -4.86 -19.76 -45.92
N LEU J 87 -6.06 -20.08 -46.40
CA LEU J 87 -6.62 -21.39 -46.13
C LEU J 87 -7.50 -21.82 -47.29
N PHE J 88 -7.20 -22.97 -47.88
CA PHE J 88 -7.89 -23.39 -49.08
C PHE J 88 -7.82 -24.90 -49.18
N LYS J 89 -8.85 -25.48 -49.77
CA LYS J 89 -8.97 -26.93 -49.89
C LYS J 89 -8.50 -27.33 -51.29
N SER J 90 -7.50 -28.20 -51.32
CA SER J 90 -7.02 -28.80 -52.57
C SER J 90 -8.15 -29.31 -53.45
N GLN K 31 -56.50 -19.22 -59.30
CA GLN K 31 -56.01 -18.69 -58.03
C GLN K 31 -54.76 -19.43 -57.57
N LYS K 32 -54.61 -20.67 -58.06
CA LYS K 32 -53.56 -21.56 -57.58
C LYS K 32 -53.81 -21.85 -56.10
N GLU K 33 -54.59 -22.89 -55.82
CA GLU K 33 -54.86 -23.22 -54.43
C GLU K 33 -55.33 -24.67 -54.36
N GLY K 34 -55.39 -25.18 -53.13
CA GLY K 34 -55.75 -26.54 -52.90
C GLY K 34 -54.46 -27.27 -52.66
N PRO K 35 -54.43 -28.32 -51.82
CA PRO K 35 -53.15 -28.98 -51.58
C PRO K 35 -52.65 -29.59 -52.87
N HIS K 36 -52.19 -28.74 -53.79
CA HIS K 36 -51.71 -29.15 -55.09
C HIS K 36 -50.48 -30.04 -55.01
N HIS K 37 -50.30 -30.84 -56.06
CA HIS K 37 -49.21 -31.82 -56.11
C HIS K 37 -47.87 -31.12 -56.25
N THR K 38 -47.86 -29.98 -56.93
CA THR K 38 -46.74 -29.06 -57.03
C THR K 38 -47.20 -27.81 -57.77
N VAL K 39 -46.51 -26.70 -57.51
CA VAL K 39 -46.66 -25.45 -58.24
C VAL K 39 -45.27 -25.17 -58.81
N TYR K 40 -45.16 -25.18 -60.13
CA TYR K 40 -43.86 -25.09 -60.77
C TYR K 40 -43.67 -23.78 -61.52
N TRP K 41 -42.58 -23.12 -61.18
CA TRP K 41 -41.96 -21.92 -61.71
C TRP K 41 -40.63 -22.36 -62.30
N THR K 42 -39.91 -21.46 -62.96
CA THR K 42 -38.51 -21.78 -63.22
C THR K 42 -37.71 -21.66 -61.93
N THR K 43 -37.13 -22.81 -61.53
CA THR K 43 -36.49 -23.15 -60.25
C THR K 43 -37.39 -22.87 -59.04
N GLY K 44 -38.29 -21.89 -59.18
CA GLY K 44 -39.38 -21.57 -58.28
C GLY K 44 -39.23 -21.58 -56.77
N GLU K 45 -40.23 -22.22 -56.17
CA GLU K 45 -40.37 -22.52 -54.75
C GLU K 45 -40.86 -23.95 -54.70
N ARG K 46 -40.18 -24.86 -54.00
CA ARG K 46 -40.68 -26.22 -53.99
C ARG K 46 -41.44 -26.41 -52.67
N TYR K 47 -42.76 -26.30 -52.78
CA TYR K 47 -43.67 -26.31 -51.65
C TYR K 47 -44.66 -27.45 -51.78
N GLN K 48 -44.85 -28.21 -50.71
CA GLN K 48 -45.90 -29.21 -50.66
C GLN K 48 -46.71 -28.96 -49.40
N GLY K 49 -48.03 -28.93 -49.50
CA GLY K 49 -48.85 -28.60 -48.34
C GLY K 49 -50.08 -27.85 -48.77
N SER K 50 -50.84 -27.41 -47.77
CA SER K 50 -52.08 -26.70 -48.06
C SER K 50 -51.71 -25.42 -48.79
N TRP K 51 -52.30 -25.22 -49.96
CA TRP K 51 -51.97 -24.10 -50.83
C TRP K 51 -53.18 -23.25 -51.16
N LYS K 52 -53.02 -21.93 -51.06
CA LYS K 52 -54.05 -20.99 -51.48
C LYS K 52 -53.39 -19.63 -51.68
N ASP K 53 -54.10 -18.77 -52.42
CA ASP K 53 -53.59 -17.43 -52.74
C ASP K 53 -52.31 -17.52 -53.56
N ASN K 54 -52.13 -18.64 -54.28
CA ASN K 54 -51.00 -18.90 -55.17
C ASN K 54 -49.71 -19.12 -54.39
N LYS K 55 -49.76 -19.18 -53.06
CA LYS K 55 -48.59 -19.49 -52.25
C LYS K 55 -48.96 -20.46 -51.13
N LYS K 56 -47.94 -20.78 -50.31
CA LYS K 56 -48.06 -21.65 -49.15
C LYS K 56 -48.94 -21.06 -48.03
N HIS K 57 -49.98 -21.78 -47.65
CA HIS K 57 -50.91 -21.36 -46.59
C HIS K 57 -51.52 -22.62 -46.01
N GLY K 58 -51.10 -23.00 -44.81
CA GLY K 58 -51.55 -24.21 -44.16
C GLY K 58 -50.34 -25.05 -43.82
N LYS K 59 -50.60 -26.23 -43.27
CA LYS K 59 -49.43 -27.06 -42.96
C LYS K 59 -48.79 -27.40 -44.30
N GLY K 60 -47.51 -27.04 -44.43
CA GLY K 60 -46.79 -27.30 -45.65
C GLY K 60 -45.33 -26.96 -45.48
N THR K 61 -44.51 -27.52 -46.36
CA THR K 61 -43.08 -27.28 -46.35
C THR K 61 -42.72 -26.52 -47.62
N VAL K 62 -41.98 -25.44 -47.44
CA VAL K 62 -41.53 -24.55 -48.51
C VAL K 62 -40.02 -24.67 -48.59
N ILE K 63 -39.51 -24.97 -49.76
CA ILE K 63 -38.08 -24.94 -50.00
C ILE K 63 -37.86 -23.74 -50.90
N TYR K 64 -36.83 -22.96 -50.59
CA TYR K 64 -36.54 -21.75 -51.34
C TYR K 64 -35.04 -21.62 -51.55
N LYS K 65 -34.72 -20.55 -52.29
CA LYS K 65 -33.43 -20.34 -52.94
C LYS K 65 -32.28 -20.34 -51.95
N ASN K 66 -32.56 -20.11 -50.67
CA ASN K 66 -31.50 -20.18 -49.68
C ASN K 66 -31.24 -21.65 -49.38
N SER K 67 -31.45 -22.48 -50.41
CA SER K 67 -31.17 -23.91 -50.36
C SER K 67 -31.77 -24.54 -49.11
N ASP K 68 -32.95 -24.07 -48.72
CA ASP K 68 -33.46 -24.53 -47.44
C ASP K 68 -34.96 -24.76 -47.50
N LYS K 69 -35.39 -25.80 -46.80
CA LYS K 69 -36.77 -26.23 -46.78
C LYS K 69 -37.21 -26.16 -45.33
N TYR K 70 -38.36 -25.55 -45.10
CA TYR K 70 -38.96 -25.52 -43.79
C TYR K 70 -40.42 -25.89 -43.85
N GLU K 71 -40.85 -26.70 -42.89
CA GLU K 71 -42.18 -27.26 -42.88
C GLU K 71 -42.84 -26.65 -41.67
N GLY K 72 -43.93 -25.95 -41.89
CA GLY K 72 -44.61 -25.26 -40.82
C GLY K 72 -46.05 -25.09 -41.21
N ASP K 73 -46.83 -24.56 -40.27
CA ASP K 73 -48.20 -24.23 -40.63
C ASP K 73 -48.09 -22.81 -41.16
N TRP K 74 -47.69 -22.72 -42.42
CA TRP K 74 -47.52 -21.45 -43.13
C TRP K 74 -48.77 -20.60 -43.08
N ALA K 75 -48.59 -19.31 -43.32
CA ALA K 75 -49.68 -18.37 -43.37
C ALA K 75 -49.23 -17.17 -44.19
N ASN K 76 -49.32 -17.30 -45.52
CA ASN K 76 -48.94 -16.25 -46.47
C ASN K 76 -47.49 -15.80 -46.30
N ASP K 77 -46.72 -16.49 -45.46
CA ASP K 77 -45.41 -16.04 -44.99
C ASP K 77 -45.60 -14.74 -44.22
N MET K 78 -46.85 -14.32 -44.09
CA MET K 78 -47.22 -13.27 -43.15
C MET K 78 -47.24 -13.86 -41.75
N ARG K 79 -47.24 -15.18 -41.66
CA ARG K 79 -47.09 -15.92 -40.42
C ARG K 79 -46.77 -17.36 -40.80
N HIS K 80 -46.66 -18.20 -39.78
CA HIS K 80 -46.26 -19.58 -39.95
C HIS K 80 -46.58 -20.28 -38.64
N GLY K 81 -47.06 -21.51 -38.70
CA GLY K 81 -47.38 -22.12 -37.43
C GLY K 81 -46.09 -22.66 -36.86
N LEU K 82 -46.12 -23.87 -36.33
CA LEU K 82 -44.87 -24.53 -35.97
C LEU K 82 -44.10 -24.78 -37.27
N GLY K 83 -42.82 -24.40 -37.27
CA GLY K 83 -41.99 -24.55 -38.44
C GLY K 83 -40.58 -25.05 -38.14
N THR K 84 -40.12 -25.96 -38.99
CA THR K 84 -38.77 -26.52 -38.99
C THR K 84 -38.09 -26.15 -40.29
N LEU K 85 -37.02 -25.38 -40.20
CA LEU K 85 -36.23 -24.94 -41.34
C LEU K 85 -34.90 -25.67 -41.33
N TRP K 86 -34.56 -26.29 -42.45
CA TRP K 86 -33.36 -27.12 -42.47
C TRP K 86 -32.85 -27.32 -43.88
N LEU K 87 -31.60 -26.92 -44.09
CA LEU K 87 -30.88 -27.19 -45.33
C LEU K 87 -30.22 -28.55 -45.15
N TYR K 88 -30.79 -29.59 -45.75
CA TYR K 88 -30.49 -30.96 -45.33
C TYR K 88 -29.69 -31.69 -46.40
N ARG K 89 -28.59 -32.31 -45.95
CA ARG K 89 -27.70 -33.16 -46.72
C ARG K 89 -27.03 -32.38 -47.85
N ASP K 90 -27.81 -31.93 -48.84
CA ASP K 90 -27.26 -30.96 -49.77
C ASP K 90 -26.89 -29.69 -49.01
N GLY K 91 -27.79 -29.24 -48.14
CA GLY K 91 -27.49 -28.20 -47.19
C GLY K 91 -26.58 -28.66 -46.08
N LYS K 92 -26.47 -29.97 -45.90
CA LYS K 92 -25.58 -30.59 -44.93
C LYS K 92 -25.98 -30.32 -43.49
N TYR K 93 -27.23 -29.95 -43.22
CA TYR K 93 -27.64 -29.72 -41.84
C TYR K 93 -28.99 -30.37 -41.56
N VAL K 94 -29.20 -30.68 -40.29
CA VAL K 94 -30.40 -31.38 -39.82
C VAL K 94 -31.60 -30.46 -39.78
N VAL K 95 -31.64 -29.58 -38.77
CA VAL K 95 -32.68 -28.56 -38.63
C VAL K 95 -31.99 -27.24 -38.37
N ARG K 96 -32.23 -26.25 -39.22
CA ARG K 96 -31.63 -24.94 -38.98
C ARG K 96 -32.36 -24.14 -37.91
N TYR K 97 -33.69 -24.17 -37.93
CA TYR K 97 -34.53 -23.55 -36.90
C TYR K 97 -35.77 -24.39 -36.64
N ASN K 98 -36.21 -24.44 -35.38
CA ASN K 98 -37.47 -25.09 -35.07
C ASN K 98 -38.19 -24.21 -34.06
N GLY K 99 -39.39 -23.78 -34.41
CA GLY K 99 -40.21 -23.01 -33.50
C GLY K 99 -41.31 -22.35 -34.29
N GLU K 100 -42.14 -21.58 -33.60
CA GLU K 100 -43.20 -21.00 -34.41
C GLU K 100 -42.64 -19.77 -35.11
N TRP K 101 -43.32 -19.36 -36.19
CA TRP K 101 -42.95 -18.20 -36.98
C TRP K 101 -44.12 -17.23 -37.12
N ARG K 102 -43.81 -15.94 -37.19
CA ARG K 102 -44.87 -14.96 -37.38
C ARG K 102 -44.32 -13.81 -38.20
N ALA K 103 -44.91 -13.61 -39.38
CA ALA K 103 -44.34 -12.76 -40.42
C ALA K 103 -42.96 -13.25 -40.78
N ASP K 104 -42.92 -14.50 -41.26
CA ASP K 104 -41.72 -15.28 -41.56
C ASP K 104 -40.51 -14.98 -40.70
N GLN K 105 -40.70 -14.24 -39.62
CA GLN K 105 -39.79 -14.21 -38.49
C GLN K 105 -40.34 -15.08 -37.39
N PRO K 106 -39.51 -15.84 -36.69
CA PRO K 106 -40.07 -16.79 -35.71
C PRO K 106 -41.01 -16.13 -34.72
N THR K 107 -40.62 -14.98 -34.18
CA THR K 107 -41.55 -14.09 -33.48
C THR K 107 -42.22 -14.83 -32.33
N GLY K 108 -41.41 -15.59 -31.60
CA GLY K 108 -41.92 -16.39 -30.51
C GLY K 108 -40.86 -17.38 -30.10
N HIS K 109 -41.28 -18.44 -29.43
CA HIS K 109 -40.35 -19.49 -29.06
C HIS K 109 -39.72 -20.10 -30.30
N GLY K 110 -38.40 -20.10 -30.32
CA GLY K 110 -37.67 -20.71 -31.41
C GLY K 110 -36.37 -21.27 -30.88
N THR K 111 -35.94 -22.35 -31.50
CA THR K 111 -34.67 -23.02 -31.25
C THR K 111 -33.79 -22.98 -32.49
N PHE K 112 -32.56 -22.54 -32.31
CA PHE K 112 -31.58 -22.52 -33.38
C PHE K 112 -30.44 -23.36 -32.85
N PHE K 113 -29.89 -24.20 -33.72
CA PHE K 113 -28.77 -25.05 -33.36
C PHE K 113 -27.64 -24.88 -34.36
N ALA K 114 -26.56 -24.23 -33.94
CA ALA K 114 -25.41 -24.23 -34.83
C ALA K 114 -24.81 -25.63 -34.84
N ASP K 115 -23.81 -25.84 -35.69
CA ASP K 115 -23.20 -27.17 -35.81
C ASP K 115 -22.59 -27.60 -34.48
N ASN K 116 -21.78 -26.73 -33.88
CA ASN K 116 -21.25 -26.96 -32.56
C ASN K 116 -21.13 -25.62 -31.82
N GLY K 117 -21.41 -24.52 -32.52
CA GLY K 117 -21.26 -23.22 -31.88
C GLY K 117 -22.23 -23.01 -30.73
N ASP K 118 -23.52 -23.19 -30.96
CA ASP K 118 -24.45 -22.84 -29.91
C ASP K 118 -25.81 -23.45 -30.16
N THR K 119 -26.66 -23.34 -29.13
CA THR K 119 -28.07 -23.69 -29.17
C THR K 119 -28.86 -22.57 -28.50
N TYR K 120 -29.59 -21.80 -29.28
CA TYR K 120 -30.33 -20.68 -28.72
C TYR K 120 -31.79 -21.11 -28.68
N GLU K 121 -32.37 -21.12 -27.49
CA GLU K 121 -33.78 -21.39 -27.29
C GLU K 121 -34.42 -20.19 -26.60
N GLY K 122 -35.26 -19.47 -27.30
CA GLY K 122 -35.84 -18.29 -26.69
C GLY K 122 -36.97 -17.75 -27.54
N GLU K 123 -37.70 -16.81 -26.96
CA GLU K 123 -38.82 -16.20 -27.66
C GLU K 123 -38.29 -14.95 -28.33
N TRP K 124 -37.98 -15.07 -29.61
CA TRP K 124 -37.38 -13.98 -30.35
C TRP K 124 -38.26 -13.61 -31.54
N LEU K 125 -38.35 -12.32 -31.80
CA LEU K 125 -39.15 -11.78 -32.88
C LEU K 125 -38.20 -11.11 -33.84
N ASN K 126 -38.28 -11.50 -35.11
CA ASN K 126 -37.49 -10.84 -36.15
C ASN K 126 -36.02 -11.02 -35.78
N GLY K 127 -35.63 -12.28 -35.63
CA GLY K 127 -34.32 -12.54 -35.11
C GLY K 127 -34.34 -12.46 -33.60
N ARG K 128 -33.18 -12.68 -33.02
CA ARG K 128 -32.97 -12.56 -31.57
C ARG K 128 -32.73 -11.08 -31.27
N ARG K 129 -33.80 -10.33 -31.49
CA ARG K 129 -33.87 -8.91 -31.18
C ARG K 129 -34.60 -8.60 -29.88
N HIS K 130 -35.41 -9.52 -29.38
CA HIS K 130 -36.03 -9.32 -28.09
C HIS K 130 -36.49 -10.68 -27.59
N GLY K 131 -36.82 -10.75 -26.30
CA GLY K 131 -37.19 -12.03 -25.79
C GLY K 131 -36.27 -12.56 -24.73
N LYS K 132 -36.78 -13.45 -23.91
CA LYS K 132 -36.06 -14.00 -22.76
C LYS K 132 -35.77 -15.46 -23.07
N GLY K 133 -34.49 -15.81 -23.21
CA GLY K 133 -34.17 -17.19 -23.52
C GLY K 133 -32.74 -17.56 -23.18
N ARG K 134 -32.46 -18.84 -23.38
CA ARG K 134 -31.20 -19.48 -23.05
C ARG K 134 -30.37 -19.66 -24.31
N ALA K 135 -29.14 -19.18 -24.29
CA ALA K 135 -28.21 -19.43 -25.39
C ALA K 135 -26.99 -20.16 -24.84
N VAL K 136 -26.88 -21.44 -25.18
CA VAL K 136 -25.73 -22.24 -24.76
C VAL K 136 -24.61 -21.97 -25.76
N TYR K 137 -23.70 -21.08 -25.39
CA TYR K 137 -22.55 -20.70 -26.21
C TYR K 137 -21.42 -21.72 -26.24
N GLY K 138 -21.72 -23.00 -26.10
CA GLY K 138 -20.69 -24.02 -26.17
C GLY K 138 -21.19 -25.28 -26.83
N GLY K 139 -20.29 -25.95 -27.56
CA GLY K 139 -20.55 -27.27 -28.06
C GLY K 139 -20.56 -28.30 -26.96
N ARG K 140 -20.95 -29.54 -27.32
CA ARG K 140 -21.15 -30.62 -26.36
C ARG K 140 -22.14 -30.20 -25.28
N PRO K 141 -23.34 -29.74 -25.68
CA PRO K 141 -24.24 -29.11 -24.71
C PRO K 141 -24.94 -30.09 -23.76
N VAL K 142 -25.22 -31.33 -24.19
CA VAL K 142 -25.82 -32.29 -23.29
C VAL K 142 -24.91 -32.58 -22.10
N ASP K 143 -23.61 -32.57 -22.32
CA ASP K 143 -22.64 -32.79 -21.27
C ASP K 143 -22.30 -31.46 -20.58
N GLY K 144 -21.70 -31.58 -19.40
CA GLY K 144 -21.18 -30.43 -18.69
C GLY K 144 -20.00 -29.77 -19.36
N PHE K 145 -19.30 -30.48 -20.25
CA PHE K 145 -18.23 -29.92 -21.07
C PHE K 145 -18.66 -28.74 -21.93
N GLY K 146 -19.95 -28.47 -22.06
CA GLY K 146 -20.44 -27.33 -22.83
C GLY K 146 -19.74 -26.00 -22.53
N GLY K 147 -19.40 -25.29 -23.60
CA GLY K 147 -18.63 -24.06 -23.46
C GLY K 147 -19.26 -23.10 -22.47
N ASP K 148 -20.55 -22.81 -22.65
CA ASP K 148 -21.24 -21.90 -21.74
C ASP K 148 -22.73 -21.79 -22.03
N VAL K 149 -23.52 -21.84 -20.96
CA VAL K 149 -24.96 -21.64 -20.97
C VAL K 149 -25.26 -20.17 -20.78
N TYR K 150 -26.54 -19.81 -20.75
CA TYR K 150 -27.00 -18.46 -20.48
C TYR K 150 -28.48 -18.54 -20.15
N GLU K 151 -28.90 -17.75 -19.17
CA GLU K 151 -30.33 -17.59 -18.88
C GLU K 151 -30.70 -16.15 -18.59
N GLY K 152 -31.64 -15.60 -19.33
CA GLY K 152 -31.97 -14.22 -19.05
C GLY K 152 -32.77 -13.59 -20.18
N TYR K 153 -32.61 -12.28 -20.30
CA TYR K 153 -33.35 -11.49 -21.27
C TYR K 153 -32.43 -11.12 -22.40
N PHE K 154 -32.94 -11.16 -23.62
CA PHE K 154 -32.19 -10.72 -24.78
C PHE K 154 -32.77 -9.41 -25.31
N GLU K 155 -31.88 -8.61 -25.88
CA GLU K 155 -32.25 -7.37 -26.56
C GLU K 155 -31.27 -7.26 -27.73
N ASN K 156 -31.78 -7.55 -28.92
CA ASN K 156 -31.03 -7.48 -30.17
C ASN K 156 -29.72 -8.20 -30.06
N ASP K 157 -29.77 -9.53 -30.12
CA ASP K 157 -28.63 -10.43 -29.92
C ASP K 157 -28.11 -10.31 -28.49
N VAL K 158 -27.76 -9.08 -28.11
CA VAL K 158 -27.28 -8.71 -26.79
C VAL K 158 -28.36 -9.03 -25.78
N LYS K 159 -28.05 -8.88 -24.50
CA LYS K 159 -28.99 -9.29 -23.46
C LYS K 159 -29.70 -8.08 -22.86
N CYS K 160 -28.95 -7.06 -22.44
CA CYS K 160 -29.50 -5.79 -22.00
C CYS K 160 -30.69 -5.99 -21.06
N GLY K 161 -30.37 -6.45 -19.86
CA GLY K 161 -31.37 -6.71 -18.87
C GLY K 161 -30.80 -7.49 -17.71
N PRO K 162 -31.61 -7.69 -16.70
CA PRO K 162 -31.13 -8.45 -15.55
C PRO K 162 -31.34 -9.94 -15.78
N GLY K 163 -30.29 -10.71 -15.59
CA GLY K 163 -30.36 -12.12 -15.82
C GLY K 163 -29.30 -12.86 -15.04
N THR K 164 -28.97 -14.06 -15.53
CA THR K 164 -28.16 -14.97 -14.74
C THR K 164 -27.61 -16.06 -15.65
N MET K 165 -26.33 -16.34 -15.51
CA MET K 165 -25.67 -17.30 -16.36
C MET K 165 -24.76 -18.16 -15.51
N MET K 166 -24.89 -19.47 -15.66
CA MET K 166 -24.02 -20.41 -15.00
C MET K 166 -22.93 -20.76 -15.99
N TYR K 167 -21.70 -20.41 -15.65
CA TYR K 167 -20.58 -20.50 -16.58
C TYR K 167 -20.22 -21.93 -16.94
N ALA K 168 -20.89 -22.91 -16.34
CA ALA K 168 -20.68 -24.33 -16.57
C ALA K 168 -19.43 -24.83 -15.85
N ASN K 169 -18.91 -24.04 -14.92
CA ASN K 169 -17.91 -24.53 -13.98
C ASN K 169 -18.42 -24.46 -12.55
N GLY K 170 -19.67 -24.05 -12.35
CA GLY K 170 -20.25 -23.84 -11.04
C GLY K 170 -20.56 -22.38 -10.77
N ASP K 171 -19.74 -21.48 -11.30
CA ASP K 171 -19.95 -20.07 -11.07
C ASP K 171 -21.21 -19.60 -11.77
N VAL K 172 -21.91 -18.67 -11.14
CA VAL K 172 -23.12 -18.11 -11.70
C VAL K 172 -23.00 -16.61 -11.56
N TYR K 173 -23.67 -15.90 -12.46
CA TYR K 173 -23.68 -14.44 -12.45
C TYR K 173 -25.13 -13.99 -12.50
N GLU K 174 -25.47 -13.08 -11.59
CA GLU K 174 -26.84 -12.60 -11.45
C GLU K 174 -26.84 -11.08 -11.36
N GLY K 175 -27.32 -10.42 -12.41
CA GLY K 175 -27.38 -8.98 -12.36
C GLY K 175 -27.79 -8.26 -13.63
N LEU K 176 -27.26 -7.06 -13.85
CA LEU K 176 -27.70 -6.24 -15.01
C LEU K 176 -26.72 -6.38 -16.17
N TRP K 177 -27.23 -6.36 -17.40
CA TRP K 177 -26.34 -6.44 -18.60
C TRP K 177 -26.69 -5.30 -19.56
N ALA K 178 -25.70 -4.73 -20.25
CA ALA K 178 -25.96 -3.70 -21.27
C ALA K 178 -25.11 -4.06 -22.49
N ALA K 179 -25.48 -5.13 -23.21
CA ALA K 179 -24.63 -5.63 -24.33
C ALA K 179 -23.26 -5.99 -23.76
N ASP K 180 -23.21 -6.50 -22.53
CA ASP K 180 -21.94 -6.89 -21.84
C ASP K 180 -21.26 -5.64 -21.27
N LYS K 181 -20.21 -5.82 -20.46
CA LYS K 181 -19.45 -4.65 -19.93
C LYS K 181 -20.41 -3.65 -19.29
N LYS K 182 -21.35 -4.13 -18.46
CA LYS K 182 -22.38 -3.23 -17.87
C LYS K 182 -21.99 -2.89 -16.43
N ASN K 183 -21.94 -1.61 -16.09
CA ASN K 183 -21.49 -1.19 -14.74
C ASN K 183 -22.68 -1.36 -13.78
N GLY K 184 -22.99 -2.60 -13.42
CA GLY K 184 -24.16 -2.87 -12.56
C GLY K 184 -23.85 -3.85 -11.46
N THR K 185 -24.46 -3.65 -10.28
CA THR K 185 -24.28 -4.53 -9.14
C THR K 185 -24.78 -5.92 -9.49
N GLY K 186 -23.87 -6.88 -9.40
CA GLY K 186 -24.17 -8.24 -9.76
C GLY K 186 -23.62 -9.15 -8.68
N THR K 187 -23.97 -10.43 -8.79
CA THR K 187 -23.53 -11.41 -7.82
C THR K 187 -23.00 -12.65 -8.52
N TYR K 188 -21.75 -12.96 -8.24
CA TYR K 188 -21.02 -14.06 -8.84
C TYR K 188 -20.82 -15.08 -7.75
N PHE K 189 -21.10 -16.35 -8.04
CA PHE K 189 -21.09 -17.36 -6.99
C PHE K 189 -19.96 -18.34 -7.25
N TYR K 190 -18.90 -18.21 -6.47
CA TYR K 190 -17.84 -19.20 -6.29
C TYR K 190 -18.38 -20.29 -5.38
N MET K 191 -19.18 -21.16 -5.98
CA MET K 191 -19.77 -22.26 -5.23
C MET K 191 -18.69 -23.25 -4.83
N SER K 192 -17.68 -23.41 -5.67
CA SER K 192 -16.55 -24.27 -5.30
C SER K 192 -15.90 -23.73 -4.03
N LYS K 193 -15.52 -22.46 -4.05
CA LYS K 193 -14.92 -21.89 -2.84
C LYS K 193 -15.98 -21.74 -1.74
N GLY K 194 -17.14 -21.19 -2.09
CA GLY K 194 -18.12 -20.90 -1.06
C GLY K 194 -18.18 -19.42 -0.83
N LYS K 195 -17.82 -18.66 -1.84
CA LYS K 195 -17.84 -17.21 -1.79
C LYS K 195 -18.72 -16.64 -2.89
N ARG K 196 -19.06 -15.38 -2.73
CA ARG K 196 -19.91 -14.64 -3.66
C ARG K 196 -19.40 -13.22 -3.72
N PHE K 197 -19.35 -12.68 -4.93
CA PHE K 197 -18.78 -11.37 -5.19
C PHE K 197 -19.86 -10.49 -5.79
N ASP K 198 -20.23 -9.46 -5.05
CA ASP K 198 -21.28 -8.53 -5.43
C ASP K 198 -20.68 -7.16 -5.71
N GLY K 199 -20.97 -6.62 -6.89
CA GLY K 199 -20.40 -5.32 -7.21
C GLY K 199 -20.68 -4.69 -8.56
N VAL K 200 -19.73 -3.95 -9.10
CA VAL K 200 -19.94 -3.17 -10.33
C VAL K 200 -18.99 -3.68 -11.40
N TRP K 201 -19.56 -4.30 -12.44
CA TRP K 201 -18.80 -4.64 -13.63
C TRP K 201 -18.61 -3.38 -14.47
N ALA K 202 -17.82 -2.46 -13.91
CA ALA K 202 -17.63 -1.15 -14.52
C ALA K 202 -16.97 -1.28 -15.87
N ASP K 203 -17.79 -1.29 -16.90
CA ASP K 203 -17.39 -1.42 -18.30
C ASP K 203 -16.36 -2.52 -18.48
N GLY K 204 -16.41 -3.52 -17.60
CA GLY K 204 -15.44 -4.60 -17.64
C GLY K 204 -15.88 -5.69 -16.69
N ALA K 205 -15.16 -6.80 -16.76
CA ALA K 205 -15.51 -7.96 -15.94
C ALA K 205 -15.44 -7.62 -14.46
N ILE K 206 -14.57 -6.69 -14.08
CA ILE K 206 -14.35 -6.37 -12.68
C ILE K 206 -13.82 -4.95 -12.60
N LYS K 207 -14.27 -4.22 -11.59
CA LYS K 207 -13.64 -2.96 -11.24
C LYS K 207 -13.70 -2.73 -9.73
N CYS K 208 -14.83 -3.07 -9.12
CA CYS K 208 -14.97 -2.94 -7.68
C CYS K 208 -16.14 -3.77 -7.21
N GLY K 209 -16.09 -4.13 -5.93
CA GLY K 209 -17.18 -4.85 -5.30
C GLY K 209 -16.75 -5.42 -3.96
N THR K 210 -17.52 -6.38 -3.47
CA THR K 210 -17.25 -7.02 -2.19
C THR K 210 -17.36 -8.53 -2.32
N TYR K 211 -16.30 -9.22 -1.95
CA TYR K 211 -16.24 -10.67 -1.95
C TYR K 211 -16.50 -11.18 -0.54
N SER K 212 -17.51 -12.04 -0.39
CA SER K 212 -18.07 -12.40 0.90
C SER K 212 -18.44 -13.87 0.85
N GLU K 213 -18.95 -14.41 1.95
CA GLU K 213 -19.00 -15.85 2.14
C GLU K 213 -20.43 -16.37 2.12
N ILE K 214 -21.32 -15.67 1.42
CA ILE K 214 -22.70 -16.09 1.23
C ILE K 214 -23.40 -16.23 2.57
N GLU L 344 12.79 -14.56 -28.44
CA GLU L 344 12.81 -15.37 -27.23
C GLU L 344 13.64 -14.69 -26.15
N ALA L 345 13.06 -14.51 -24.97
CA ALA L 345 13.80 -13.87 -23.87
C ALA L 345 13.15 -14.25 -22.55
N ASP L 346 13.92 -14.03 -21.47
CA ASP L 346 13.47 -14.32 -20.11
C ASP L 346 14.01 -13.25 -19.17
N ARG L 347 13.36 -13.16 -18.00
CA ARG L 347 13.76 -12.24 -16.95
C ARG L 347 15.04 -12.71 -16.26
N LYS L 348 15.61 -11.82 -15.45
CA LYS L 348 16.89 -12.09 -14.81
C LYS L 348 16.78 -12.24 -13.30
N LEU L 349 16.28 -11.22 -12.60
CA LEU L 349 16.29 -11.26 -11.14
C LEU L 349 15.26 -10.27 -10.61
N SER L 350 15.31 -10.03 -9.30
CA SER L 350 14.44 -9.07 -8.65
C SER L 350 15.05 -8.70 -7.29
N ARG L 351 14.30 -7.90 -6.53
CA ARG L 351 14.73 -7.40 -5.23
C ARG L 351 13.48 -7.17 -4.39
N GLU L 352 13.69 -7.01 -3.09
CA GLU L 352 12.56 -6.80 -2.18
C GLU L 352 13.03 -6.07 -0.93
N THR L 353 12.23 -5.13 -0.45
CA THR L 353 12.57 -4.39 0.78
C THR L 353 11.30 -4.16 1.59
N GLN L 354 11.30 -4.65 2.83
CA GLN L 354 10.13 -4.55 3.70
C GLN L 354 10.27 -3.28 4.53
N THR L 355 9.78 -2.17 4.01
CA THR L 355 9.81 -0.93 4.79
C THR L 355 8.98 -1.09 6.07
N VAL L 356 9.57 -0.74 7.20
CA VAL L 356 8.91 -0.90 8.50
C VAL L 356 9.53 0.06 9.51
N LYS L 357 8.79 0.28 10.60
CA LYS L 357 9.24 1.12 11.71
C LYS L 357 10.45 0.53 12.41
N ILE L 358 11.37 1.39 12.83
CA ILE L 358 12.55 0.93 13.55
C ILE L 358 12.96 1.96 14.60
N LYS L 359 12.67 1.67 15.85
CA LYS L 359 12.90 2.57 16.96
C LYS L 359 14.11 2.12 17.76
N GLN L 360 14.44 2.89 18.79
CA GLN L 360 15.62 2.70 19.60
C GLN L 360 15.20 2.58 21.04
N HIS L 361 15.68 1.56 21.74
CA HIS L 361 15.37 1.42 23.15
C HIS L 361 16.65 1.21 23.94
N SER L 362 16.64 1.77 25.14
CA SER L 362 17.77 1.75 26.04
C SER L 362 17.62 0.74 27.17
N GLN L 363 18.76 0.16 27.55
CA GLN L 363 18.88 -0.84 28.61
C GLN L 363 19.97 -0.31 29.53
N GLN L 364 19.84 -0.58 30.84
CA GLN L 364 20.81 0.00 31.81
C GLN L 364 21.44 -1.09 32.67
N THR L 365 22.39 -0.70 33.53
CA THR L 365 23.08 -1.69 34.41
C THR L 365 23.19 -1.12 35.83
N VAL L 366 23.34 -1.99 36.83
CA VAL L 366 23.45 -1.55 38.25
C VAL L 366 24.79 -0.82 38.46
N ARG L 367 24.77 0.31 39.17
CA ARG L 367 26.02 1.04 39.50
C ARG L 367 26.18 1.06 41.01
N GLU L 368 27.37 0.70 41.53
CA GLU L 368 27.53 0.59 43.00
C GLU L 368 28.35 1.73 43.59
N GLN L 369 28.15 2.04 44.88
CA GLN L 369 28.96 3.04 45.56
C GLN L 369 29.29 2.49 46.94
N ALA L 370 30.44 2.89 47.47
CA ALA L 370 30.81 2.54 48.84
C ALA L 370 30.92 3.77 49.72
N THR L 371 30.44 3.65 50.94
CA THR L 371 30.59 4.67 51.97
C THR L 371 31.31 4.03 53.15
N GLN L 372 32.34 4.70 53.66
CA GLN L 372 33.09 4.19 54.83
C GLN L 372 33.01 5.21 55.96
N MET L 373 32.39 4.83 57.09
CA MET L 373 32.32 5.74 58.25
C MET L 373 33.75 5.99 58.75
N ALA L 374 34.06 7.23 59.13
CA ALA L 374 35.45 7.56 59.54
C ALA L 374 35.53 7.68 61.06
N ARG L 375 36.40 6.89 61.70
CA ARG L 375 36.59 6.97 63.17
C ARG L 375 38.09 6.94 63.47
N PRO L 376 38.57 7.55 64.58
CA PRO L 376 40.00 7.46 64.89
C PRO L 376 40.38 6.00 65.16
N GLY L 377 41.53 5.57 64.63
CA GLY L 377 41.92 4.15 64.77
C GLY L 377 42.52 3.60 63.49
N VAL L 378 42.27 2.32 63.20
CA VAL L 378 42.80 1.67 61.96
C VAL L 378 42.24 2.40 60.74
N LEU L 379 40.99 2.88 60.82
CA LEU L 379 40.37 3.56 59.66
C LEU L 379 41.17 4.83 59.30
N LEU L 380 41.47 5.01 58.01
CA LEU L 380 42.18 6.22 57.51
C LEU L 380 41.76 6.40 56.05
N ASP L 381 41.90 7.59 55.47
CA ASP L 381 41.37 7.74 54.08
C ASP L 381 41.93 8.94 53.30
N ASN L 382 42.20 8.74 52.01
CA ASN L 382 42.59 9.82 51.10
C ASN L 382 41.38 10.69 50.84
N ASP L 383 41.59 12.00 50.78
CA ASP L 383 40.49 12.93 50.54
C ASP L 383 40.40 13.39 49.08
N TYR L 384 39.37 12.92 48.40
CA TYR L 384 39.04 13.33 47.04
C TYR L 384 37.55 13.60 47.02
N ASP L 385 37.11 14.30 48.05
CA ASP L 385 35.71 14.50 48.38
C ASP L 385 35.32 15.95 48.17
N LYS L 386 34.05 16.21 48.47
CA LYS L 386 33.49 17.54 48.33
C LYS L 386 32.57 17.83 49.51
N GLU L 387 32.35 19.11 49.76
CA GLU L 387 31.52 19.59 50.85
C GLU L 387 30.32 20.25 50.22
N VAL L 388 29.24 20.42 50.99
CA VAL L 388 28.03 21.01 50.44
C VAL L 388 27.21 21.65 51.55
N THR L 389 26.38 22.62 51.17
CA THR L 389 25.35 23.35 51.88
C THR L 389 23.99 22.86 51.43
N PRO L 390 23.04 22.64 52.34
CA PRO L 390 21.81 21.94 51.98
C PRO L 390 20.93 22.70 50.99
N GLY L 391 20.52 23.91 51.35
CA GLY L 391 19.51 24.61 50.60
C GLY L 391 18.12 24.11 50.96
N ARG L 392 17.12 24.64 50.25
CA ARG L 392 15.75 24.26 50.53
C ARG L 392 15.49 22.82 50.05
N TYR L 393 14.42 22.24 50.58
CA TYR L 393 14.09 20.84 50.32
C TYR L 393 12.62 20.70 49.94
N GLN L 394 12.36 19.72 49.07
CA GLN L 394 10.99 19.39 48.69
C GLN L 394 10.78 17.89 48.67
N GLU L 398 7.38 19.47 49.21
CA GLU L 398 6.38 20.50 48.92
C GLU L 398 6.22 20.69 47.41
N ARG L 399 6.95 19.88 46.64
CA ARG L 399 6.84 19.91 45.19
C ARG L 399 5.52 19.32 44.72
N ASP L 400 4.86 18.54 45.57
CA ASP L 400 3.62 17.86 45.20
C ASP L 400 2.50 18.86 44.89
N GLU L 401 2.35 19.89 45.72
CA GLU L 401 1.31 20.87 45.45
C GLU L 401 1.63 21.66 44.19
N ILE L 402 2.91 21.90 43.93
CA ILE L 402 3.32 22.59 42.72
C ILE L 402 2.92 21.76 41.51
N VAL L 403 3.25 20.47 41.53
CA VAL L 403 2.93 19.62 40.40
C VAL L 403 1.42 19.44 40.27
N LEU L 404 0.69 19.46 41.39
CA LEU L 404 -0.76 19.36 41.30
C LEU L 404 -1.35 20.60 40.63
N ARG L 405 -0.86 21.79 41.00
CA ARG L 405 -1.32 23.00 40.32
C ARG L 405 -0.93 22.98 38.85
N SER L 406 0.26 22.45 38.56
CA SER L 406 0.71 22.35 37.18
C SER L 406 -0.20 21.40 36.39
N THR L 407 -0.58 20.28 37.01
CA THR L 407 -1.48 19.35 36.36
C THR L 407 -2.84 19.98 36.12
N LEU L 408 -3.34 20.77 37.07
CA LEU L 408 -4.61 21.45 36.86
C LEU L 408 -4.51 22.42 35.69
N ARG L 409 -3.41 23.16 35.62
CA ARG L 409 -3.21 24.11 34.52
C ARG L 409 -3.15 23.38 33.20
N ILE L 410 -2.38 22.30 33.16
CA ILE L 410 -2.20 21.56 31.92
C ILE L 410 -3.50 20.90 31.53
N GLN L 411 -4.33 20.51 32.50
CA GLN L 411 -5.63 19.95 32.17
C GLN L 411 -6.51 21.00 31.54
N ARG L 412 -6.50 22.21 32.09
CA ARG L 412 -7.22 23.32 31.47
C ARG L 412 -6.73 23.53 30.03
N TRP L 413 -5.41 23.47 29.86
CA TRP L 413 -4.83 23.71 28.54
C TRP L 413 -5.22 22.60 27.57
N VAL L 414 -5.18 21.36 28.03
CA VAL L 414 -5.54 20.23 27.19
C VAL L 414 -7.02 20.25 26.86
N ARG L 415 -7.85 20.72 27.78
CA ARG L 415 -9.26 20.82 27.47
C ARG L 415 -9.50 21.87 26.39
N GLY L 416 -8.83 23.01 26.49
CA GLY L 416 -8.95 24.00 25.45
C GLY L 416 -8.45 23.48 24.11
N TRP L 417 -7.34 22.75 24.13
CA TRP L 417 -6.77 22.22 22.88
C TRP L 417 -7.65 21.14 22.27
N LEU L 418 -8.24 20.28 23.10
CA LEU L 418 -9.13 19.26 22.59
C LEU L 418 -10.39 19.88 22.02
N GLY L 419 -10.91 20.91 22.67
CA GLY L 419 -12.04 21.63 22.12
C GLY L 419 -11.67 22.26 20.80
N ARG L 420 -10.48 22.84 20.72
CA ARG L 420 -10.02 23.44 19.47
C ARG L 420 -9.89 22.39 18.37
N LYS L 421 -9.43 21.19 18.70
CA LYS L 421 -9.28 20.18 17.66
C LYS L 421 -10.62 19.64 17.19
N ARG L 422 -11.57 19.49 18.13
CA ARG L 422 -12.90 19.08 17.73
C ARG L 422 -13.57 20.16 16.89
N ALA L 423 -13.33 21.42 17.24
CA ALA L 423 -13.82 22.54 16.44
C ALA L 423 -13.20 22.54 15.06
N ALA L 424 -11.92 22.22 14.95
CA ALA L 424 -11.30 22.16 13.64
C ALA L 424 -11.90 21.05 12.79
N TYR L 425 -12.19 19.90 13.40
CA TYR L 425 -12.82 18.85 12.62
C TYR L 425 -14.24 19.23 12.21
N LEU L 426 -14.97 19.90 13.10
CA LEU L 426 -16.30 20.40 12.76
C LEU L 426 -16.25 21.45 11.66
N ARG L 427 -15.27 22.34 11.73
CA ARG L 427 -15.06 23.33 10.67
C ARG L 427 -14.73 22.66 9.35
N GLY L 428 -13.94 21.58 9.41
CA GLY L 428 -13.60 20.90 8.17
C GLY L 428 -14.83 20.29 7.53
N LYS L 429 -15.64 19.62 8.35
CA LYS L 429 -16.87 19.04 7.81
C LYS L 429 -17.83 20.12 7.35
N LYS L 430 -17.87 21.26 8.06
CA LYS L 430 -18.72 22.36 7.66
C LYS L 430 -18.32 22.91 6.30
N MET L 431 -17.03 23.13 6.10
CA MET L 431 -16.58 23.67 4.82
C MET L 431 -16.76 22.63 3.73
N GLU L 432 -16.60 21.36 4.07
CA GLU L 432 -16.85 20.30 3.10
C GLU L 432 -18.30 20.35 2.64
N ARG L 433 -19.23 20.40 3.58
CA ARG L 433 -20.64 20.41 3.22
C ARG L 433 -21.03 21.70 2.51
N GLU L 434 -20.38 22.82 2.87
CA GLU L 434 -20.67 24.05 2.16
C GLU L 434 -20.21 23.98 0.72
N ALA L 435 -19.00 23.46 0.50
CA ALA L 435 -18.55 23.22 -0.86
C ALA L 435 -19.51 22.30 -1.60
N PHE L 436 -19.88 21.19 -0.95
CA PHE L 436 -20.88 20.28 -1.49
C PHE L 436 -22.09 21.04 -2.00
N LEU L 437 -22.75 21.77 -1.11
CA LEU L 437 -24.01 22.40 -1.44
C LEU L 437 -23.82 23.45 -2.53
N ARG L 438 -22.85 24.33 -2.35
CA ARG L 438 -22.64 25.41 -3.30
C ARG L 438 -22.34 24.86 -4.69
N ASP L 439 -21.43 23.90 -4.78
CA ASP L 439 -21.06 23.36 -6.08
C ASP L 439 -22.20 22.56 -6.69
N GLN L 440 -22.98 21.86 -5.88
CA GLN L 440 -24.14 21.15 -6.42
C GLN L 440 -25.14 22.13 -7.00
N GLU L 441 -25.42 23.21 -6.29
CA GLU L 441 -26.34 24.22 -6.80
C GLU L 441 -25.78 24.88 -8.05
N ALA L 442 -24.47 25.09 -8.09
CA ALA L 442 -23.85 25.70 -9.25
C ALA L 442 -23.97 24.79 -10.46
N ARG L 443 -23.70 23.51 -10.29
CA ARG L 443 -23.86 22.57 -11.39
C ARG L 443 -25.31 22.51 -11.84
N ALA L 444 -26.25 22.53 -10.89
CA ALA L 444 -27.65 22.55 -11.27
C ALA L 444 -27.98 23.79 -12.08
N GLN L 445 -27.45 24.94 -11.68
CA GLN L 445 -27.70 26.17 -12.41
C GLN L 445 -27.07 26.12 -13.78
N SER L 446 -25.89 25.51 -13.87
CA SER L 446 -25.24 25.36 -15.16
C SER L 446 -26.05 24.49 -16.09
N GLU L 447 -26.58 23.37 -15.57
CA GLU L 447 -27.42 22.52 -16.42
C GLU L 447 -28.70 23.23 -16.81
N ALA L 448 -29.26 24.05 -15.93
CA ALA L 448 -30.46 24.78 -16.28
C ALA L 448 -30.17 25.80 -17.36
N GLU L 449 -29.04 26.49 -17.26
CA GLU L 449 -28.64 27.44 -18.29
C GLU L 449 -28.39 26.72 -19.61
N GLU L 450 -27.80 25.52 -19.54
CA GLU L 450 -27.61 24.75 -20.75
C GLU L 450 -28.94 24.41 -21.39
N HIS L 451 -29.93 24.04 -20.58
CA HIS L 451 -31.25 23.76 -21.14
C HIS L 451 -31.87 25.01 -21.73
N ARG L 452 -31.65 26.15 -21.08
CA ARG L 452 -32.13 27.42 -21.60
C ARG L 452 -31.53 27.73 -22.95
N ARG L 453 -30.20 27.61 -23.06
CA ARG L 453 -29.53 27.86 -24.32
C ARG L 453 -29.98 26.88 -25.37
N ARG L 454 -30.24 25.63 -24.99
CA ARG L 454 -30.74 24.66 -25.94
C ARG L 454 -32.12 25.06 -26.45
N GLU L 455 -32.94 25.62 -25.55
CA GLU L 455 -34.27 26.07 -25.97
C GLU L 455 -34.15 27.29 -26.88
N ILE L 456 -33.22 28.18 -26.56
CA ILE L 456 -33.01 29.35 -27.41
C ILE L 456 -32.51 28.95 -28.78
N GLN L 457 -31.63 27.93 -28.85
CA GLN L 457 -31.19 27.43 -30.14
C GLN L 457 -32.32 26.78 -30.91
N ARG L 458 -33.19 26.05 -30.20
CA ARG L 458 -34.40 25.53 -30.82
C ARG L 458 -35.25 26.66 -31.39
N ARG L 459 -35.29 27.77 -30.69
CA ARG L 459 -36.08 28.91 -31.12
C ARG L 459 -35.46 29.59 -32.33
N MET L 460 -34.12 29.61 -32.39
CA MET L 460 -33.42 30.19 -33.57
C MET L 460 -33.77 29.34 -34.80
N HIS L 461 -33.32 28.08 -34.81
CA HIS L 461 -33.66 27.17 -35.95
C HIS L 461 -34.46 25.98 -35.41
N PRO L 462 -35.68 25.70 -35.93
CA PRO L 462 -36.41 24.51 -35.50
C PRO L 462 -36.00 23.31 -36.36
N ARG L 463 -34.85 22.70 -36.06
CA ARG L 463 -34.34 21.57 -36.86
C ARG L 463 -35.31 20.38 -36.78
N THR L 464 -35.84 20.09 -35.59
CA THR L 464 -36.73 18.91 -35.42
C THR L 464 -38.09 19.13 -36.10
N ALA L 465 -38.72 18.04 -36.54
CA ALA L 465 -40.13 18.07 -36.98
C ALA L 465 -41.00 18.45 -35.78
N ALA L 466 -40.69 17.91 -34.61
CA ALA L 466 -41.43 18.29 -33.38
C ALA L 466 -41.21 19.78 -33.13
N ASP L 467 -39.98 20.25 -33.31
CA ASP L 467 -39.67 21.70 -33.13
C ASP L 467 -40.57 22.50 -34.08
N PHE L 468 -40.81 21.99 -35.29
CA PHE L 468 -41.70 22.68 -36.21
C PHE L 468 -43.15 22.60 -35.76
N GLU L 469 -43.56 21.46 -35.20
CA GLU L 469 -44.92 21.36 -34.68
C GLU L 469 -45.11 22.29 -33.51
N VAL L 470 -44.07 22.39 -32.67
CA VAL L 470 -44.09 23.33 -31.56
C VAL L 470 -44.28 24.74 -32.07
N LEU L 471 -43.48 25.12 -33.06
CA LEU L 471 -43.60 26.46 -33.61
C LEU L 471 -44.99 26.70 -34.16
N TYR L 472 -45.55 25.72 -34.85
CA TYR L 472 -46.88 25.89 -35.42
C TYR L 472 -47.90 26.14 -34.33
N ASN L 473 -47.90 25.29 -33.31
CA ASN L 473 -48.89 25.44 -32.25
C ASN L 473 -48.67 26.72 -31.47
N GLU L 474 -47.41 27.13 -31.30
CA GLU L 474 -47.10 28.39 -30.66
C GLU L 474 -47.69 29.55 -31.46
N LEU L 475 -47.54 29.51 -32.78
CA LEU L 475 -48.07 30.58 -33.61
C LEU L 475 -49.58 30.63 -33.52
N GLU L 476 -50.23 29.46 -33.47
CA GLU L 476 -51.68 29.46 -33.41
C GLU L 476 -52.16 30.00 -32.07
N ALA L 477 -51.46 29.65 -30.99
CA ALA L 477 -51.72 30.26 -29.71
C ALA L 477 -51.55 31.77 -29.75
N TRP L 478 -50.51 32.23 -30.43
CA TRP L 478 -50.30 33.67 -30.57
C TRP L 478 -51.49 34.31 -31.26
N ARG L 479 -51.92 33.71 -32.36
CA ARG L 479 -53.08 34.22 -33.09
C ARG L 479 -54.28 34.31 -32.16
N LEU L 480 -54.53 33.25 -31.40
CA LEU L 480 -55.70 33.22 -30.55
C LEU L 480 -55.62 34.27 -29.46
N GLN L 481 -54.44 34.45 -28.88
CA GLN L 481 -54.26 35.47 -27.84
C GLN L 481 -54.43 36.87 -28.41
N GLU L 482 -53.91 37.06 -29.62
CA GLU L 482 -54.06 38.35 -30.28
C GLU L 482 -55.52 38.66 -30.48
N THR L 483 -56.25 37.72 -31.08
CA THR L 483 -57.66 37.96 -31.34
C THR L 483 -58.47 38.07 -30.06
N ARG L 484 -58.03 37.42 -29.00
CA ARG L 484 -58.74 37.57 -27.74
C ARG L 484 -58.56 38.96 -27.16
N LYS L 485 -57.35 39.49 -27.23
CA LYS L 485 -57.14 40.86 -26.83
C LYS L 485 -57.93 41.83 -27.69
N ILE L 486 -57.92 41.59 -29.01
CA ILE L 486 -58.64 42.46 -29.93
C ILE L 486 -60.13 42.43 -29.66
N LYS L 487 -60.66 41.27 -29.30
CA LYS L 487 -62.08 41.16 -29.02
C LYS L 487 -62.42 41.83 -27.71
N GLU L 488 -61.65 41.52 -26.67
CA GLU L 488 -61.92 42.14 -25.39
C GLU L 488 -61.69 43.64 -25.45
N ALA L 489 -60.99 44.12 -26.47
CA ALA L 489 -60.98 45.56 -26.71
C ALA L 489 -62.39 46.07 -26.93
N GLY L 490 -63.18 45.34 -27.70
CA GLY L 490 -64.56 45.70 -27.92
C GLY L 490 -64.69 47.12 -28.43
N LEU L 491 -64.14 47.42 -29.60
CA LEU L 491 -64.15 48.80 -30.09
C LEU L 491 -63.85 48.82 -31.58
N ALA L 492 -63.88 50.03 -32.14
CA ALA L 492 -63.57 50.32 -33.54
C ALA L 492 -64.40 49.47 -34.51
N LYS L 493 -65.71 49.67 -34.45
CA LYS L 493 -66.56 48.87 -35.33
C LYS L 493 -66.35 49.20 -36.79
N GLU L 494 -65.42 50.10 -37.12
CA GLU L 494 -64.99 50.27 -38.49
C GLU L 494 -63.50 50.15 -38.69
N GLN L 495 -62.70 50.33 -37.64
CA GLN L 495 -61.27 50.10 -37.71
C GLN L 495 -60.85 48.76 -37.13
N GLU L 496 -61.79 48.02 -36.54
CA GLU L 496 -61.49 46.66 -36.12
C GLU L 496 -60.95 45.85 -37.27
N GLN L 497 -61.54 46.03 -38.45
CA GLN L 497 -61.12 45.25 -39.59
C GLN L 497 -59.75 45.68 -40.10
N GLN L 498 -59.40 46.96 -40.00
CA GLN L 498 -58.05 47.33 -40.39
C GLN L 498 -57.01 46.72 -39.45
N VAL L 499 -57.28 46.72 -38.15
CA VAL L 499 -56.38 46.05 -37.21
C VAL L 499 -56.32 44.56 -37.53
N LEU L 500 -57.47 43.99 -37.89
CA LEU L 500 -57.52 42.59 -38.25
C LEU L 500 -56.68 42.31 -39.49
N GLN L 501 -56.76 43.19 -40.47
CA GLN L 501 -55.97 43.02 -41.67
C GLN L 501 -54.48 43.09 -41.37
N GLN L 502 -54.07 44.05 -40.54
CA GLN L 502 -52.66 44.10 -40.16
C GLN L 502 -52.24 42.82 -39.46
N LEU L 503 -53.08 42.35 -38.54
CA LEU L 503 -52.78 41.11 -37.82
C LEU L 503 -52.68 39.94 -38.78
N LEU L 504 -53.60 39.85 -39.73
CA LEU L 504 -53.58 38.75 -40.69
C LEU L 504 -52.37 38.83 -41.60
N HIS L 505 -51.94 40.04 -41.95
CA HIS L 505 -50.73 40.15 -42.76
C HIS L 505 -49.52 39.67 -41.96
N LYS L 506 -49.47 40.02 -40.68
CA LYS L 506 -48.43 39.48 -39.81
C LYS L 506 -48.47 37.97 -39.79
N GLU L 507 -49.65 37.40 -39.59
CA GLU L 507 -49.82 35.94 -39.58
C GLU L 507 -49.33 35.31 -40.86
N THR L 508 -49.70 35.89 -42.00
CA THR L 508 -49.31 35.33 -43.28
C THR L 508 -47.80 35.37 -43.45
N LYS L 509 -47.19 36.49 -43.06
CA LYS L 509 -45.74 36.63 -43.17
C LYS L 509 -45.06 35.57 -42.32
N LEU L 510 -45.54 35.37 -41.10
CA LEU L 510 -44.94 34.39 -40.22
C LEU L 510 -45.10 32.97 -40.78
N LEU L 511 -46.26 32.68 -41.36
CA LEU L 511 -46.44 31.34 -41.93
C LEU L 511 -45.52 31.10 -43.11
N GLN L 512 -45.28 32.14 -43.92
CA GLN L 512 -44.34 31.97 -45.04
C GLN L 512 -42.92 31.78 -44.55
N THR L 513 -42.54 32.49 -43.48
CA THR L 513 -41.23 32.26 -42.87
C THR L 513 -41.11 30.83 -42.35
N ILE L 514 -42.17 30.33 -41.72
CA ILE L 514 -42.17 28.94 -41.25
C ILE L 514 -41.96 27.98 -42.42
N ASP L 515 -42.62 28.24 -43.54
CA ASP L 515 -42.44 27.36 -44.70
C ASP L 515 -41.00 27.39 -45.20
N ARG L 516 -40.40 28.58 -45.26
CA ARG L 516 -39.01 28.69 -45.69
C ARG L 516 -38.09 27.89 -44.76
N LEU L 517 -38.27 28.08 -43.45
CA LEU L 517 -37.46 27.33 -42.49
C LEU L 517 -37.69 25.83 -42.62
N LYS L 518 -38.90 25.41 -42.98
CA LYS L 518 -39.15 23.99 -43.14
C LYS L 518 -38.39 23.44 -44.34
N ILE L 519 -38.35 24.21 -45.43
CA ILE L 519 -37.56 23.79 -46.60
C ILE L 519 -36.08 23.65 -46.23
N ASN L 520 -35.54 24.66 -45.55
CA ASN L 520 -34.15 24.61 -45.15
C ASN L 520 -33.88 23.39 -44.29
N ALA L 521 -34.72 23.17 -43.29
CA ALA L 521 -34.53 22.05 -42.37
C ALA L 521 -34.62 20.73 -43.11
N ASN L 522 -35.53 20.64 -44.08
CA ASN L 522 -35.67 19.41 -44.84
C ASN L 522 -34.39 19.14 -45.62
N GLN L 523 -33.83 20.18 -46.24
CA GLN L 523 -32.58 20.01 -46.97
C GLN L 523 -31.48 19.53 -46.04
N GLU L 524 -31.32 20.21 -44.90
CA GLU L 524 -30.21 19.87 -44.02
C GLU L 524 -30.41 18.49 -43.40
N ASN L 525 -31.65 18.13 -43.08
CA ASN L 525 -31.94 16.79 -42.60
C ASN L 525 -31.62 15.76 -43.67
N LYS L 526 -31.90 16.09 -44.93
CA LYS L 526 -31.57 15.19 -46.02
C LYS L 526 -30.07 14.96 -46.09
N GLU L 527 -29.31 16.05 -46.03
CA GLU L 527 -27.86 15.94 -46.09
C GLU L 527 -27.35 15.14 -44.90
N ALA L 528 -27.92 15.41 -43.72
CA ALA L 528 -27.51 14.70 -42.53
C ALA L 528 -27.79 13.21 -42.66
N ARG L 529 -28.97 12.85 -43.17
CA ARG L 529 -29.30 11.44 -43.28
C ARG L 529 -28.45 10.79 -44.35
N ILE L 530 -28.02 11.55 -45.35
CA ILE L 530 -27.09 11.02 -46.32
C ILE L 530 -25.76 10.73 -45.65
N GLN L 531 -25.28 11.66 -44.83
CA GLN L 531 -24.07 11.41 -44.05
C GLN L 531 -24.23 10.20 -43.15
N HIS L 532 -25.41 10.05 -42.56
CA HIS L 532 -25.65 8.92 -41.68
C HIS L 532 -25.59 7.62 -42.44
N THR L 533 -26.16 7.59 -43.65
CA THR L 533 -26.07 6.39 -44.47
C THR L 533 -24.64 6.11 -44.87
N LEU L 534 -23.89 7.15 -45.21
CA LEU L 534 -22.48 6.98 -45.51
C LEU L 534 -21.75 6.39 -44.30
N ASN L 535 -22.13 6.83 -43.10
CA ASN L 535 -21.54 6.29 -41.89
C ASN L 535 -21.89 4.82 -41.74
N GLU L 536 -23.14 4.46 -41.99
CA GLU L 536 -23.53 3.06 -41.93
C GLU L 536 -22.78 2.24 -42.97
N MET L 537 -22.30 2.88 -44.01
CA MET L 537 -21.43 2.27 -44.99
C MET L 537 -19.99 2.19 -44.53
N SER L 538 -19.72 2.44 -43.26
CA SER L 538 -18.34 2.42 -42.77
C SER L 538 -18.08 1.46 -41.62
N LYS L 539 -18.98 1.34 -40.66
CA LYS L 539 -18.74 0.40 -39.58
C LYS L 539 -19.19 -1.01 -39.93
N HIS L 554 -13.62 -5.79 -41.35
CA HIS L 554 -12.99 -5.10 -42.47
C HIS L 554 -13.16 -5.91 -43.75
N THR L 555 -14.41 -6.14 -44.12
CA THR L 555 -14.70 -6.89 -45.33
C THR L 555 -14.27 -6.12 -46.57
N PRO L 556 -13.89 -6.82 -47.63
CA PRO L 556 -13.42 -6.08 -48.81
C PRO L 556 -14.48 -5.15 -49.37
N PHE L 557 -15.73 -5.61 -49.42
CA PHE L 557 -16.80 -4.72 -49.86
C PHE L 557 -16.89 -3.52 -48.95
N THR L 558 -16.78 -3.77 -47.63
CA THR L 558 -16.83 -2.68 -46.68
C THR L 558 -15.61 -1.78 -46.79
N THR L 559 -14.47 -2.34 -47.17
CA THR L 559 -13.29 -1.51 -47.37
C THR L 559 -13.49 -0.59 -48.57
N ARG L 560 -14.01 -1.14 -49.66
CA ARG L 560 -14.36 -0.32 -50.81
C ARG L 560 -15.38 0.74 -50.43
N ALA L 561 -16.32 0.39 -49.55
CA ALA L 561 -17.31 1.37 -49.09
C ALA L 561 -16.65 2.50 -48.32
N LYS L 562 -15.69 2.18 -47.45
CA LYS L 562 -14.97 3.24 -46.73
C LYS L 562 -14.21 4.12 -47.71
N GLU L 563 -13.62 3.50 -48.73
CA GLU L 563 -12.93 4.27 -49.75
C GLU L 563 -13.89 5.21 -50.44
N LEU L 564 -15.05 4.70 -50.83
CA LEU L 564 -16.05 5.54 -51.49
C LEU L 564 -16.58 6.63 -50.58
N GLN L 565 -16.68 6.36 -49.28
CA GLN L 565 -17.07 7.44 -48.37
C GLN L 565 -16.02 8.54 -48.35
N GLN L 566 -14.75 8.15 -48.36
CA GLN L 566 -13.68 9.14 -48.47
C GLN L 566 -13.82 9.91 -49.76
N LEU L 567 -14.10 9.19 -50.84
CA LEU L 567 -14.29 9.81 -52.15
C LEU L 567 -15.46 10.78 -52.15
N TYR L 568 -16.58 10.40 -51.55
CA TYR L 568 -17.74 11.28 -51.58
C TYR L 568 -17.50 12.52 -50.73
N ASN L 569 -16.78 12.38 -49.63
CA ASN L 569 -16.48 13.58 -48.86
C ASN L 569 -15.37 14.40 -49.48
N GLY L 570 -14.63 13.81 -50.41
CA GLY L 570 -13.75 14.58 -51.27
C GLY L 570 -14.48 15.28 -52.40
N LEU L 571 -15.56 14.68 -52.89
CA LEU L 571 -16.31 15.34 -53.95
C LEU L 571 -17.05 16.53 -53.41
N ASN L 572 -17.60 16.41 -52.22
CA ASN L 572 -18.36 17.52 -51.68
C ASN L 572 -17.42 18.50 -51.04
N LEU L 573 -16.28 18.77 -51.69
CA LEU L 573 -15.31 19.51 -50.93
C LEU L 573 -15.24 20.95 -51.40
N PRO L 574 -15.15 21.87 -50.47
CA PRO L 574 -14.84 23.26 -50.80
C PRO L 574 -13.36 23.60 -50.74
N LEU L 575 -13.05 24.88 -50.97
CA LEU L 575 -11.68 25.40 -50.95
C LEU L 575 -10.77 24.64 -51.91
N LEU L 576 -11.30 24.25 -53.05
CA LEU L 576 -10.50 23.53 -54.01
C LEU L 576 -9.45 24.47 -54.61
N THR L 577 -8.64 23.93 -55.50
CA THR L 577 -7.61 24.70 -56.18
C THR L 577 -7.77 24.43 -57.66
N VAL L 578 -6.72 23.94 -58.33
CA VAL L 578 -6.93 23.46 -59.70
C VAL L 578 -6.05 22.25 -59.93
N ASP L 579 -4.80 22.32 -59.48
CA ASP L 579 -3.95 21.16 -59.67
C ASP L 579 -4.43 20.04 -58.76
N GLU L 580 -4.65 20.36 -57.48
CA GLU L 580 -5.19 19.39 -56.55
C GLU L 580 -6.57 18.93 -57.00
N ARG L 581 -7.38 19.88 -57.49
CA ARG L 581 -8.71 19.53 -57.96
C ARG L 581 -8.63 18.59 -59.16
N LEU L 582 -7.81 18.92 -60.15
CA LEU L 582 -7.66 18.05 -61.29
C LEU L 582 -7.14 16.70 -60.86
N ASP L 583 -6.22 16.68 -59.89
CA ASP L 583 -5.63 15.43 -59.43
C ASP L 583 -6.68 14.56 -58.76
N VAL L 584 -7.47 15.15 -57.87
CA VAL L 584 -8.50 14.38 -57.18
C VAL L 584 -9.57 13.95 -58.17
N LEU L 585 -9.85 14.78 -59.17
CA LEU L 585 -10.81 14.37 -60.19
C LEU L 585 -10.26 13.21 -60.99
N LEU L 586 -8.97 13.21 -61.25
CA LEU L 586 -8.31 12.11 -61.93
C LEU L 586 -8.37 10.84 -61.08
N HIS L 587 -8.11 10.99 -59.79
CA HIS L 587 -8.21 9.86 -58.86
C HIS L 587 -9.61 9.29 -58.89
N VAL L 588 -10.61 10.15 -58.75
CA VAL L 588 -11.99 9.69 -58.67
C VAL L 588 -12.43 9.14 -60.01
N LYS L 589 -11.87 9.66 -61.10
CA LYS L 589 -12.20 9.15 -62.42
C LYS L 589 -11.60 7.78 -62.63
N TRP L 590 -10.35 7.59 -62.25
CA TRP L 590 -9.73 6.27 -62.27
C TRP L 590 -10.55 5.30 -61.46
N THR L 591 -11.01 5.73 -60.29
CA THR L 591 -11.77 4.86 -59.41
C THR L 591 -13.10 4.50 -60.05
N VAL L 592 -13.76 5.50 -60.64
CA VAL L 592 -15.08 5.32 -61.24
C VAL L 592 -14.97 4.41 -62.46
N LYS L 593 -13.87 4.52 -63.19
CA LYS L 593 -13.69 3.79 -64.43
C LYS L 593 -13.61 2.31 -64.24
N GLU L 594 -13.90 1.74 -63.07
CA GLU L 594 -13.86 0.29 -62.99
C GLU L 594 -15.19 -0.27 -63.45
N PHE L 595 -16.30 0.26 -62.91
CA PHE L 595 -17.60 -0.31 -63.27
C PHE L 595 -17.99 0.21 -64.64
N ASP L 596 -17.95 1.53 -64.80
CA ASP L 596 -18.17 2.20 -66.08
C ASP L 596 -19.43 1.75 -66.81
N CYS L 597 -20.61 2.23 -66.42
CA CYS L 597 -21.81 1.80 -67.11
C CYS L 597 -22.40 2.96 -67.88
N ASP L 598 -23.35 3.69 -67.33
CA ASP L 598 -23.86 4.85 -68.04
C ASP L 598 -23.89 6.11 -67.19
N LEU L 599 -24.20 6.00 -65.90
CA LEU L 599 -24.12 7.19 -65.05
C LEU L 599 -22.71 7.74 -65.01
N THR L 600 -21.71 6.85 -65.07
CA THR L 600 -20.34 7.33 -64.99
C THR L 600 -20.04 8.22 -66.18
N ARG L 601 -20.71 7.94 -67.30
CA ARG L 601 -20.57 8.76 -68.50
C ARG L 601 -20.93 10.21 -68.21
N GLU L 602 -22.15 10.46 -67.73
CA GLU L 602 -22.57 11.84 -67.49
C GLU L 602 -21.84 12.49 -66.32
N LEU L 603 -21.47 11.72 -65.29
CA LEU L 603 -20.73 12.34 -64.19
C LEU L 603 -19.38 12.79 -64.67
N VAL L 604 -18.70 11.93 -65.45
CA VAL L 604 -17.41 12.25 -66.03
C VAL L 604 -17.56 13.40 -67.01
N ASP L 605 -18.66 13.40 -67.77
CA ASP L 605 -18.92 14.48 -68.71
C ASP L 605 -18.94 15.83 -68.00
N LEU L 606 -19.67 15.91 -66.88
CA LEU L 606 -19.74 17.20 -66.22
C LEU L 606 -18.40 17.54 -65.59
N ILE L 607 -17.71 16.52 -65.08
CA ILE L 607 -16.38 16.71 -64.53
C ILE L 607 -15.42 17.23 -65.59
N ASP L 608 -15.44 16.62 -66.78
CA ASP L 608 -14.59 17.06 -67.88
C ASP L 608 -14.97 18.43 -68.38
N ARG L 609 -16.25 18.77 -68.37
CA ARG L 609 -16.66 20.12 -68.75
C ARG L 609 -15.97 21.11 -67.84
N GLU L 610 -16.06 20.85 -66.53
CA GLU L 610 -15.41 21.71 -65.56
C GLU L 610 -13.90 21.69 -65.75
N ALA L 611 -13.32 20.51 -65.96
CA ALA L 611 -11.88 20.38 -66.14
C ALA L 611 -11.39 21.24 -67.29
N ASP L 612 -12.09 21.17 -68.42
CA ASP L 612 -11.72 21.97 -69.58
C ASP L 612 -11.87 23.45 -69.25
N LEU L 613 -13.09 23.86 -68.94
CA LEU L 613 -13.41 25.26 -68.67
C LEU L 613 -12.63 25.79 -67.48
N LEU L 614 -11.85 24.91 -66.85
CA LEU L 614 -10.85 25.31 -65.87
C LEU L 614 -9.46 25.35 -66.47
N ASN L 615 -9.19 24.50 -67.46
CA ASN L 615 -7.90 24.56 -68.10
C ASN L 615 -7.81 25.86 -68.87
N ARG L 616 -8.85 26.15 -69.65
CA ARG L 616 -8.95 27.44 -70.31
C ARG L 616 -8.94 28.57 -69.29
N GLY L 617 -9.44 28.32 -68.08
CA GLY L 617 -9.33 29.31 -67.02
C GLY L 617 -10.60 30.11 -66.80
N ARG L 618 -11.43 29.70 -65.83
CA ARG L 618 -12.63 30.46 -65.47
C ARG L 618 -12.79 30.49 -63.95
N ASN L 619 -13.32 31.61 -63.46
CA ASN L 619 -13.44 31.84 -62.03
C ASN L 619 -14.23 30.73 -61.34
N PRO L 620 -13.61 29.98 -60.42
CA PRO L 620 -14.33 28.88 -59.75
C PRO L 620 -15.59 29.34 -59.04
N LYS L 621 -15.70 30.63 -58.75
CA LYS L 621 -16.95 31.15 -58.21
C LYS L 621 -18.08 30.99 -59.22
N MET L 622 -17.74 30.95 -60.50
CA MET L 622 -18.72 30.65 -61.52
C MET L 622 -18.91 29.16 -61.71
N LEU L 623 -18.25 28.34 -60.89
CA LEU L 623 -18.46 26.90 -60.94
C LEU L 623 -19.17 26.37 -59.71
N GLU L 624 -20.39 26.84 -59.48
CA GLU L 624 -21.17 26.41 -58.33
C GLU L 624 -22.16 25.30 -58.69
N GLY L 625 -23.03 25.56 -59.66
CA GLY L 625 -24.00 24.57 -60.07
C GLY L 625 -23.36 23.31 -60.63
N LEU L 626 -22.24 23.48 -61.34
CA LEU L 626 -21.56 22.33 -61.93
C LEU L 626 -20.96 21.43 -60.86
N ARG L 627 -20.36 22.01 -59.83
CA ARG L 627 -19.89 21.19 -58.72
C ARG L 627 -21.04 20.46 -58.06
N LYS L 628 -22.18 21.13 -57.93
CA LYS L 628 -23.37 20.49 -57.38
C LYS L 628 -23.79 19.28 -58.20
N ARG L 629 -23.84 19.45 -59.53
CA ARG L 629 -24.26 18.34 -60.39
C ARG L 629 -23.26 17.19 -60.37
N ILE L 630 -21.97 17.50 -60.31
CA ILE L 630 -20.97 16.45 -60.23
C ILE L 630 -21.13 15.66 -58.94
N SER L 631 -21.29 16.37 -57.82
CA SER L 631 -21.47 15.68 -56.54
C SER L 631 -22.74 14.84 -56.52
N SER L 632 -23.82 15.34 -57.13
CA SER L 632 -25.07 14.60 -57.13
C SER L 632 -24.92 13.32 -57.95
N LEU L 633 -24.32 13.43 -59.14
CA LEU L 633 -24.14 12.24 -59.97
C LEU L 633 -23.19 11.25 -59.34
N PHE L 634 -22.20 11.72 -58.58
CA PHE L 634 -21.30 10.77 -57.93
C PHE L 634 -21.98 10.07 -56.77
N LEU L 635 -22.82 10.78 -56.02
CA LEU L 635 -23.59 10.13 -54.97
C LEU L 635 -24.57 9.13 -55.54
N ASN L 636 -25.20 9.46 -56.66
CA ASN L 636 -26.06 8.50 -57.33
C ASN L 636 -25.27 7.30 -57.81
N PHE L 637 -24.03 7.51 -58.26
CA PHE L 637 -23.20 6.38 -58.62
C PHE L 637 -22.92 5.53 -57.39
N ILE L 638 -22.67 6.19 -56.26
CA ILE L 638 -22.42 5.50 -55.01
C ILE L 638 -23.69 4.81 -54.54
N GLU L 639 -24.84 5.46 -54.70
CA GLU L 639 -26.10 4.83 -54.34
C GLU L 639 -26.52 3.78 -55.36
N THR L 640 -25.68 2.77 -55.57
CA THR L 640 -26.00 1.74 -56.54
C THR L 640 -25.43 0.41 -56.07
N PRO L 641 -26.19 -0.69 -56.20
CA PRO L 641 -25.72 -1.98 -55.69
C PRO L 641 -24.44 -2.45 -56.37
N GLU L 642 -24.49 -2.67 -57.68
CA GLU L 642 -23.33 -3.17 -58.40
C GLU L 642 -22.17 -2.20 -58.31
N PHE L 643 -22.48 -0.91 -58.31
CA PHE L 643 -21.44 0.11 -58.32
C PHE L 643 -20.89 0.34 -56.93
N ASN L 644 -21.69 0.07 -55.90
CA ASN L 644 -21.24 0.08 -54.51
C ASN L 644 -21.74 -1.15 -53.77
N PRO L 645 -20.95 -2.22 -53.74
CA PRO L 645 -21.44 -3.48 -53.15
C PRO L 645 -21.69 -3.32 -51.66
N GLU L 646 -22.63 -2.45 -51.31
CA GLU L 646 -23.10 -2.27 -49.94
C GLU L 646 -24.50 -1.69 -49.93
N ALA L 647 -24.96 -1.22 -51.10
CA ALA L 647 -26.22 -0.51 -51.24
C ALA L 647 -27.42 -1.31 -50.75
N VAL L 648 -27.20 -2.58 -50.40
CA VAL L 648 -28.25 -3.40 -49.81
C VAL L 648 -28.68 -2.86 -48.46
N ARG L 649 -27.88 -2.00 -47.84
CA ARG L 649 -28.27 -1.48 -46.53
C ARG L 649 -29.58 -0.71 -46.62
N PHE L 650 -29.82 -0.02 -47.72
CA PHE L 650 -30.99 0.83 -47.84
C PHE L 650 -31.61 0.73 -49.23
N LEU M 8 -19.23 43.29 22.79
CA LEU M 8 -18.59 42.41 21.80
C LEU M 8 -18.33 43.15 20.51
N THR M 9 -17.14 42.96 19.96
CA THR M 9 -16.81 43.58 18.68
C THR M 9 -17.42 42.76 17.55
N GLU M 10 -17.42 43.35 16.36
CA GLU M 10 -17.99 42.65 15.21
C GLU M 10 -17.28 41.33 14.95
N GLU M 11 -15.95 41.32 15.10
CA GLU M 11 -15.21 40.09 14.86
C GLU M 11 -15.53 39.03 15.89
N GLN M 12 -15.60 39.40 17.18
CA GLN M 12 -15.92 38.40 18.18
C GLN M 12 -17.36 37.93 18.04
N ILE M 13 -18.26 38.83 17.67
CA ILE M 13 -19.65 38.42 17.49
C ILE M 13 -19.74 37.41 16.36
N ALA M 14 -19.05 37.68 15.26
CA ALA M 14 -19.07 36.77 14.11
C ALA M 14 -18.50 35.42 14.49
N GLU M 15 -17.33 35.42 15.15
CA GLU M 15 -16.70 34.18 15.57
C GLU M 15 -17.63 33.35 16.43
N PHE M 16 -18.26 34.01 17.41
CA PHE M 16 -19.14 33.27 18.31
C PHE M 16 -20.40 32.82 17.60
N LYS M 17 -20.89 33.57 16.61
CA LYS M 17 -22.06 33.09 15.92
C LYS M 17 -21.69 31.86 15.11
N GLU M 18 -20.52 31.90 14.48
CA GLU M 18 -20.04 30.78 13.67
C GLU M 18 -19.99 29.50 14.49
N ALA M 19 -19.25 29.56 15.61
CA ALA M 19 -19.11 28.39 16.46
C ALA M 19 -20.44 27.97 17.06
N PHE M 20 -21.22 28.92 17.58
CA PHE M 20 -22.50 28.57 18.17
C PHE M 20 -23.38 27.86 17.15
N ALA M 21 -23.43 28.37 15.91
CA ALA M 21 -24.27 27.72 14.93
C ALA M 21 -23.70 26.37 14.57
N LEU M 22 -22.40 26.19 14.77
CA LEU M 22 -21.83 24.89 14.46
C LEU M 22 -22.34 23.89 15.48
N PHE M 23 -22.42 24.34 16.73
CA PHE M 23 -22.89 23.54 17.85
C PHE M 23 -24.38 23.67 18.10
N ASP M 24 -25.05 24.64 17.47
CA ASP M 24 -26.50 24.81 17.64
C ASP M 24 -27.20 23.75 16.79
N LYS M 25 -27.30 22.54 17.35
CA LYS M 25 -27.89 21.39 16.69
C LYS M 25 -29.15 21.70 15.90
N ASP M 26 -29.99 22.64 16.37
CA ASP M 26 -31.20 22.94 15.60
C ASP M 26 -31.39 24.42 15.29
N GLY M 27 -30.35 25.24 15.43
CA GLY M 27 -30.53 26.63 15.06
C GLY M 27 -31.50 27.46 15.88
N ASP M 28 -31.93 27.00 17.05
CA ASP M 28 -32.90 27.83 17.76
C ASP M 28 -32.29 29.07 18.41
N GLY M 29 -30.98 29.27 18.37
CA GLY M 29 -30.39 30.46 18.95
C GLY M 29 -29.84 30.28 20.34
N THR M 30 -29.80 29.05 20.84
CA THR M 30 -29.32 28.72 22.17
C THR M 30 -28.50 27.46 22.06
N ILE M 31 -27.66 27.22 23.06
CA ILE M 31 -26.89 25.98 23.05
C ILE M 31 -27.03 25.29 24.41
N THR M 32 -26.93 23.96 24.37
CA THR M 32 -27.03 23.17 25.58
C THR M 32 -25.82 23.37 26.47
N THR M 33 -26.07 23.24 27.78
CA THR M 33 -24.99 23.37 28.75
C THR M 33 -23.92 22.31 28.56
N LYS M 34 -24.31 21.13 28.05
CA LYS M 34 -23.36 20.04 27.87
C LYS M 34 -22.20 20.42 26.96
N GLU M 35 -22.44 21.22 25.93
CA GLU M 35 -21.34 21.58 25.06
C GLU M 35 -20.81 22.99 25.34
N LEU M 36 -21.13 23.56 26.50
CA LEU M 36 -20.61 24.88 26.81
C LEU M 36 -19.09 24.85 26.88
N GLY M 37 -18.55 23.78 27.46
CA GLY M 37 -17.11 23.66 27.56
C GLY M 37 -16.50 23.59 26.18
N THR M 38 -17.12 22.81 25.30
CA THR M 38 -16.63 22.68 23.95
C THR M 38 -16.51 24.06 23.33
N VAL M 39 -17.56 24.87 23.49
CA VAL M 39 -17.53 26.19 22.88
C VAL M 39 -16.40 27.01 23.46
N MET M 40 -16.27 27.01 24.79
CA MET M 40 -15.18 27.79 25.37
C MET M 40 -13.85 27.29 24.82
N ARG M 41 -13.70 25.97 24.72
CA ARG M 41 -12.47 25.41 24.18
C ARG M 41 -12.39 25.74 22.69
N SER M 42 -13.52 25.56 22.00
CA SER M 42 -13.63 25.85 20.58
C SER M 42 -13.24 27.29 20.26
N LEU M 43 -13.44 28.20 21.20
CA LEU M 43 -13.09 29.59 20.94
C LEU M 43 -11.64 29.91 21.22
N GLY M 44 -10.87 28.93 21.66
CA GLY M 44 -9.46 29.16 21.88
C GLY M 44 -9.09 29.36 23.33
N GLN M 45 -10.02 29.13 24.23
CA GLN M 45 -9.75 29.27 25.66
C GLN M 45 -9.54 27.90 26.26
N ASN M 46 -8.60 27.83 27.19
CA ASN M 46 -8.27 26.56 27.80
C ASN M 46 -8.69 26.62 29.25
N PRO M 47 -9.99 26.56 29.52
CA PRO M 47 -10.49 26.61 30.90
C PRO M 47 -10.53 25.22 31.54
N THR M 48 -10.44 25.22 32.87
CA THR M 48 -10.48 23.96 33.58
C THR M 48 -11.92 23.48 33.76
N GLU M 49 -12.07 22.20 34.11
CA GLU M 49 -13.40 21.65 34.32
C GLU M 49 -14.07 22.28 35.53
N ALA M 50 -13.28 22.77 36.47
CA ALA M 50 -13.87 23.41 37.64
C ALA M 50 -14.52 24.72 37.26
N GLU M 51 -13.81 25.57 36.52
CA GLU M 51 -14.39 26.83 36.11
C GLU M 51 -15.63 26.57 35.27
N LEU M 52 -15.55 25.59 34.36
CA LEU M 52 -16.70 25.25 33.53
C LEU M 52 -17.91 24.92 34.40
N GLN M 53 -17.73 23.99 35.34
CA GLN M 53 -18.81 23.58 36.22
C GLN M 53 -19.35 24.76 37.03
N ASP M 54 -18.46 25.70 37.39
CA ASP M 54 -18.89 26.87 38.12
C ASP M 54 -19.76 27.76 37.25
N MET M 55 -19.27 28.08 36.06
CA MET M 55 -20.04 28.91 35.13
C MET M 55 -21.40 28.28 34.88
N ILE M 56 -21.41 26.98 34.55
CA ILE M 56 -22.69 26.30 34.31
C ILE M 56 -23.61 26.48 35.50
N SER M 57 -23.15 26.05 36.68
CA SER M 57 -23.94 26.20 37.89
C SER M 57 -24.45 27.62 38.04
N GLU M 58 -23.55 28.58 37.84
CA GLU M 58 -23.78 30.01 37.94
C GLU M 58 -24.56 30.55 36.74
N VAL M 59 -25.37 29.73 36.08
CA VAL M 59 -26.07 30.25 34.90
C VAL M 59 -27.35 29.51 34.56
N ASP M 60 -27.51 28.27 35.01
CA ASP M 60 -28.71 27.55 34.63
C ASP M 60 -29.68 27.36 35.79
N ALA M 61 -29.91 28.45 36.55
CA ALA M 61 -30.86 28.40 37.65
C ALA M 61 -32.27 28.13 37.14
N ASP M 62 -32.67 28.81 36.07
CA ASP M 62 -33.99 28.60 35.47
C ASP M 62 -34.30 27.13 35.23
N GLY M 63 -33.28 26.35 34.88
CA GLY M 63 -33.40 24.94 34.60
C GLY M 63 -33.77 24.60 33.18
N ASN M 64 -33.88 25.60 32.30
CA ASN M 64 -34.22 25.32 30.91
C ASN M 64 -33.13 24.50 30.24
N GLY M 65 -31.90 24.67 30.71
CA GLY M 65 -30.73 23.96 30.22
C GLY M 65 -30.32 24.45 28.85
N THR M 66 -30.36 25.75 28.64
CA THR M 66 -29.96 26.37 27.38
C THR M 66 -29.26 27.68 27.70
N ILE M 67 -28.54 28.21 26.72
CA ILE M 67 -27.84 29.47 26.89
C ILE M 67 -28.03 30.30 25.63
N ASP M 68 -28.34 31.58 25.83
CA ASP M 68 -28.56 32.54 24.75
C ASP M 68 -27.30 33.36 24.48
N PHE M 69 -27.33 34.04 23.34
CA PHE M 69 -26.19 34.83 22.90
C PHE M 69 -25.77 35.86 23.94
N PRO M 70 -26.67 36.63 24.56
CA PRO M 70 -26.23 37.62 25.55
C PRO M 70 -25.48 37.01 26.73
N GLU M 71 -26.05 35.97 27.34
CA GLU M 71 -25.37 35.36 28.47
C GLU M 71 -24.07 34.71 28.01
N PHE M 72 -24.10 34.12 26.81
CA PHE M 72 -22.89 33.54 26.27
C PHE M 72 -21.81 34.60 26.13
N LEU M 73 -22.17 35.78 25.64
CA LEU M 73 -21.20 36.85 25.48
C LEU M 73 -20.68 37.33 26.82
N MET M 74 -21.51 37.31 27.86
CA MET M 74 -21.01 37.74 29.17
C MET M 74 -20.00 36.74 29.69
N LEU M 75 -20.36 35.45 29.65
CA LEU M 75 -19.45 34.40 30.10
C LEU M 75 -18.15 34.45 29.33
N MET M 76 -18.26 34.64 28.02
CA MET M 76 -17.09 34.71 27.16
C MET M 76 -16.17 35.85 27.55
N ALA M 77 -16.73 37.06 27.75
CA ALA M 77 -15.87 38.18 28.11
C ALA M 77 -15.19 37.93 29.45
N ARG M 78 -15.93 37.35 30.40
CA ARG M 78 -15.36 37.08 31.71
C ARG M 78 -14.19 36.11 31.57
N LYS M 79 -14.46 34.88 31.13
CA LYS M 79 -13.41 33.89 30.96
C LYS M 79 -12.26 34.43 30.12
N MET M 80 -12.58 35.23 29.08
CA MET M 80 -11.58 35.81 28.20
C MET M 80 -10.61 36.71 28.94
N LYS M 81 -11.06 37.36 30.01
CA LYS M 81 -10.18 38.28 30.73
C LYS M 81 -8.99 37.55 31.35
N GLU M 82 -9.18 36.31 31.81
CA GLU M 82 -8.11 35.54 32.46
C GLU M 82 -7.57 34.44 31.53
N THR M 83 -6.60 34.81 30.69
CA THR M 83 -6.01 33.86 29.74
C THR M 83 -4.51 33.74 29.98
N ASP M 84 -4.06 32.49 30.16
CA ASP M 84 -2.66 32.16 30.41
C ASP M 84 -1.79 32.36 29.18
N HIS M 85 -0.55 32.78 29.42
CA HIS M 85 0.39 33.00 28.32
C HIS M 85 1.06 31.69 27.91
N GLU M 86 1.89 31.78 26.87
CA GLU M 86 2.63 30.62 26.36
C GLU M 86 3.75 30.16 27.29
N ASP M 87 4.39 31.10 28.00
CA ASP M 87 5.48 30.73 28.88
C ASP M 87 4.99 29.94 30.08
N GLU M 88 3.86 30.32 30.66
CA GLU M 88 3.33 29.56 31.79
C GLU M 88 3.13 28.11 31.36
N LEU M 89 2.73 27.91 30.11
CA LEU M 89 2.53 26.56 29.61
C LEU M 89 3.87 25.87 29.41
N ARG M 90 4.85 26.57 28.84
CA ARG M 90 6.15 25.93 28.67
C ARG M 90 6.65 25.45 30.03
N GLU M 91 6.59 26.34 31.03
CA GLU M 91 7.02 25.98 32.37
C GLU M 91 6.26 24.76 32.86
N ALA M 92 4.94 24.75 32.65
CA ALA M 92 4.13 23.62 33.08
C ALA M 92 4.63 22.33 32.47
N PHE M 93 5.06 22.39 31.20
CA PHE M 93 5.56 21.19 30.54
C PHE M 93 6.87 20.78 31.18
N LYS M 94 7.74 21.75 31.45
CA LYS M 94 9.03 21.46 32.03
C LYS M 94 8.90 20.93 33.44
N VAL M 95 7.75 21.14 34.08
CA VAL M 95 7.55 20.61 35.42
C VAL M 95 7.52 19.09 35.40
N PHE M 96 7.15 18.51 34.26
CA PHE M 96 7.12 17.06 34.10
C PHE M 96 8.39 16.59 33.42
N ASP M 97 9.33 17.50 33.21
CA ASP M 97 10.62 17.25 32.60
C ASP M 97 11.62 17.32 33.74
N LYS M 98 11.70 16.21 34.50
CA LYS M 98 12.58 16.04 35.64
C LYS M 98 13.83 16.90 35.55
N ASP M 99 14.77 16.52 34.70
CA ASP M 99 15.95 17.33 34.48
C ASP M 99 15.70 18.23 33.27
N GLY M 100 15.90 19.53 33.45
CA GLY M 100 15.63 20.48 32.40
C GLY M 100 16.40 20.23 31.11
N ASN M 101 16.17 19.06 30.52
CA ASN M 101 16.78 18.63 29.27
C ASN M 101 15.89 18.88 28.07
N GLY M 102 14.59 18.98 28.31
CA GLY M 102 13.60 19.19 27.28
C GLY M 102 12.94 17.92 26.86
N PHE M 103 13.09 16.85 27.66
CA PHE M 103 12.50 15.56 27.41
C PHE M 103 11.78 15.14 28.69
N ILE M 104 11.01 14.06 28.61
CA ILE M 104 10.30 13.58 29.78
C ILE M 104 9.91 12.13 29.61
N SER M 105 10.19 11.28 30.61
CA SER M 105 9.80 9.88 30.52
C SER M 105 8.31 9.79 30.17
N ALA M 106 7.98 8.88 29.26
CA ALA M 106 6.57 8.71 28.92
C ALA M 106 5.75 8.09 30.05
N ALA M 107 6.38 7.29 30.92
CA ALA M 107 5.58 6.67 31.97
C ALA M 107 5.22 7.67 33.05
N GLU M 108 6.14 8.58 33.37
CA GLU M 108 5.81 9.56 34.39
C GLU M 108 4.74 10.50 33.87
N LEU M 109 4.90 10.95 32.62
CA LEU M 109 3.92 11.84 32.03
C LEU M 109 2.54 11.21 32.09
N ARG M 110 2.42 9.98 31.59
CA ARG M 110 1.13 9.30 31.60
C ARG M 110 0.58 9.13 33.02
N HIS M 111 1.46 8.80 33.99
CA HIS M 111 0.99 8.58 35.35
C HIS M 111 0.45 9.86 35.96
N VAL M 112 1.15 10.97 35.78
CA VAL M 112 0.67 12.23 36.34
C VAL M 112 -0.62 12.65 35.63
N MET M 113 -0.60 12.63 34.29
CA MET M 113 -1.76 13.02 33.51
C MET M 113 -3.02 12.26 33.91
N THR M 114 -2.88 10.98 34.23
CA THR M 114 -4.04 10.18 34.57
C THR M 114 -4.29 10.03 36.07
N ASN M 115 -3.38 10.50 36.91
CA ASN M 115 -3.55 10.32 38.35
C ASN M 115 -3.74 11.60 39.14
N LEU M 116 -3.19 12.73 38.70
CA LEU M 116 -3.32 13.98 39.43
C LEU M 116 -4.25 14.97 38.75
N GLY M 117 -4.48 16.07 39.48
CA GLY M 117 -5.31 17.17 39.03
C GLY M 117 -6.65 16.75 38.47
N GLU M 118 -7.00 17.30 37.31
CA GLU M 118 -8.26 17.00 36.65
C GLU M 118 -8.02 15.83 35.70
N LYS M 119 -7.83 14.67 36.34
CA LYS M 119 -7.52 13.39 35.70
C LYS M 119 -8.09 13.30 34.29
N LEU M 120 -7.21 13.14 33.32
CA LEU M 120 -7.63 12.98 31.95
C LEU M 120 -8.12 11.55 31.75
N SER M 121 -8.86 11.36 30.67
CA SER M 121 -9.35 10.02 30.42
C SER M 121 -8.30 9.25 29.65
N GLU M 122 -8.46 7.93 29.63
CA GLU M 122 -7.52 7.10 28.90
C GLU M 122 -7.60 7.45 27.43
N GLU M 123 -8.81 7.73 26.94
CA GLU M 123 -9.00 8.11 25.56
C GLU M 123 -8.22 9.37 25.26
N GLU M 124 -8.27 10.35 26.16
CA GLU M 124 -7.56 11.59 25.93
C GLU M 124 -6.05 11.39 25.96
N VAL M 125 -5.54 10.51 26.82
CA VAL M 125 -4.10 10.31 26.85
C VAL M 125 -3.65 9.55 25.61
N ASP M 126 -4.44 8.56 25.19
CA ASP M 126 -4.11 7.81 23.99
C ASP M 126 -4.11 8.74 22.79
N GLU M 127 -5.18 9.54 22.66
CA GLU M 127 -5.28 10.48 21.56
C GLU M 127 -4.09 11.43 21.57
N MET M 128 -3.74 11.95 22.76
CA MET M 128 -2.59 12.84 22.86
C MET M 128 -1.32 12.19 22.31
N ILE M 129 -1.02 10.98 22.77
CA ILE M 129 0.20 10.30 22.33
C ILE M 129 0.16 10.03 20.83
N ARG M 130 -1.00 9.63 20.32
CA ARG M 130 -1.18 9.35 18.90
C ARG M 130 -1.02 10.61 18.07
N GLU M 131 -1.90 11.58 18.32
CA GLU M 131 -1.97 12.87 17.65
C GLU M 131 -0.67 13.67 17.74
N ALA M 132 0.24 13.32 18.64
CA ALA M 132 1.47 14.10 18.73
C ALA M 132 2.64 13.41 18.04
N ASP M 133 2.42 12.22 17.49
CA ASP M 133 3.46 11.47 16.80
C ASP M 133 4.76 11.40 17.59
N VAL M 134 4.65 11.03 18.85
CA VAL M 134 5.80 10.93 19.74
C VAL M 134 6.25 9.48 19.76
N ASP M 135 7.57 9.27 19.77
CA ASP M 135 8.14 7.91 19.79
C ASP M 135 7.89 7.26 21.14
N GLY M 136 7.08 6.21 21.14
CA GLY M 136 6.74 5.45 22.34
C GLY M 136 7.84 5.05 23.30
N ASP M 137 9.04 4.73 22.81
CA ASP M 137 10.14 4.34 23.69
C ASP M 137 11.28 5.35 23.68
N GLY M 138 10.93 6.62 23.54
CA GLY M 138 11.90 7.68 23.48
C GLY M 138 11.78 8.72 24.57
N GLN M 139 12.36 9.87 24.26
CA GLN M 139 12.38 11.06 25.10
C GLN M 139 11.56 12.04 24.28
N VAL M 140 10.65 12.74 24.92
CA VAL M 140 9.79 13.66 24.20
C VAL M 140 10.32 15.08 24.25
N ASN M 141 10.58 15.62 23.07
CA ASN M 141 11.05 16.99 22.89
C ASN M 141 9.80 17.84 23.06
N TYR M 142 9.40 17.96 24.33
CA TYR M 142 8.19 18.67 24.71
C TYR M 142 8.03 20.02 24.03
N GLU M 143 9.11 20.60 23.53
CA GLU M 143 8.95 21.87 22.83
C GLU M 143 8.15 21.69 21.56
N GLU M 144 8.39 20.62 20.82
CA GLU M 144 7.61 20.45 19.61
C GLU M 144 6.20 19.98 19.94
N PHE M 145 6.09 19.02 20.86
CA PHE M 145 4.77 18.54 21.26
C PHE M 145 3.91 19.70 21.73
N VAL M 146 4.53 20.63 22.46
CA VAL M 146 3.84 21.82 22.96
C VAL M 146 3.49 22.74 21.81
N ARG M 147 4.38 22.88 20.83
CA ARG M 147 4.05 23.74 19.71
C ARG M 147 2.84 23.20 18.98
N MET M 148 2.81 21.88 18.76
CA MET M 148 1.66 21.29 18.11
C MET M 148 0.40 21.55 18.91
N MET M 149 0.50 21.50 20.22
CA MET M 149 -0.61 21.71 21.14
C MET M 149 -0.83 23.18 21.47
N THR M 150 -0.12 24.09 20.82
CA THR M 150 -0.28 25.51 21.09
C THR M 150 -0.89 26.23 19.90
#